data_5M1S
#
_entry.id   5M1S
#
_cell.length_a   1
_cell.length_b   1
_cell.length_c   1
_cell.angle_alpha   90
_cell.angle_beta   90
_cell.angle_gamma   90
#
_symmetry.space_group_name_H-M   'P 1'
#
loop_
_entity.id
_entity.type
_entity.pdbx_description
1 polymer 'DNA polymerase III subunit alpha'
2 polymer 'DNA polymerase III subunit beta'
3 polymer 'DNA polymerase III subunit epsilon'
4 polymer 'DNA Primer Strand'
5 polymer 'DNA Template Strand'
6 polymer 'DNA polymerase III subunit theta'
#
loop_
_entity_poly.entity_id
_entity_poly.type
_entity_poly.pdbx_seq_one_letter_code
_entity_poly.pdbx_strand_id
1 'polypeptide(L)'
;MSEPRFVHLRVHSDYSMIDGLAKTAPLVKKAAALGMPALAITDFTNLCGLVKFYGAGHGAGIKPIVGADFNVQCDLLGDE
LTHLTVLAANNTGYQNLTLLISKAYQRGYGAAGPIIDRDWLIELNEGLILLSGGRMGDVGRSLLRGNSALVDECVAFYEE
HFPDRYFLELIRTGRPDEESYLHAAVELAEARGLPVVATNDVRFIDSSDFDAHEIRVAIHDGFTLDDPKRPRNYSPQQYM
RSEEEMCELFADIPEALANTVEIAKRCNVTVRLGEYFLPQFPTGDMSTEDYLVKRAKEGLEERLAFLFPDEEERLKRRPE
YDERLETELQVINQMGFPGYFLIVMEFIQWSKDNGVPVGPGRGSGAGSLVAYALKITDLDPLEFDLLFERFLNPERVSMP
DFDVDFCMEKRDQVIEHVADMYGRDAVSQIITFGTMAAKAVIRDVGRVLGHPYGFVDRISKLIPPDPGMTLAKAFEAEPQ
LPEIYEADEEVKALIDMARKLEGVTRNAGKHAGGVVIAPTKITDFAPLYCDEEGKHPVTQFDKSDVEYAGLVKFDFLGLR
TLTIINWALEMINKRRAKNGEPPLDIAAIPLDDKKSFDMLQRSETTAVFQLESRGMKDLIKRLQPDCFEDMIALVALFRP
GPLQSGMVDNFIDRKHGREEISYPDVQWQHESLKPVLEPTYGIILYQEQVMQIAQVLSGYTLGGADMLRRAMGKKKPEEM
AKQRSVFAEGAEKNGINAELAMKIFDLVEKFAGYGFNKSHSAAYALVSYQTLWLKAHYPAEFMAAVMTADMDNTEKVVGL
VDECWRMGLKILPPDINSGLYHFHVNDDGEIVYGIGAIKGVGEGPIEAIIEARNKGGYFRELFDLCARTDTKKLNRRVLE
KLIMSGAFDRLGPHRAALMNSLGDALKAADQHAKAEAIGQLDLFGVL
;
A
2 'polypeptide(L)'
;MKFTVEREHLLKPLQQVSGPLGGRPTLPILGNLLLQVADGTLSLTGTDLEMEMVARVALVQPHEPGATTVPARKFFDICR
GLPEGAEIAVQLEGERMLVRSGRSRFSLSTLPAADFPNLDDWQSEVEFTLPQATMKRLIEATQFSMAHQDVRYYLNGMLF
ETEGEELRTVATDGHRLAVCSMPIGQSLPSHSVIVPRKGVIELMRMLDGGDNPLRVQIGSNNIRAHVGDFIFTSKLVDGR
FPDYRRVLPKNPDKHLEAGCDLLKQAFARAAILSNEKFRGVRLYVSENQLKITANNPEQEEAEEILDVTYSGAEMEIGFN
VSYVLDVLNALKCENVRMMLTDSVSSVQIEDAASQSAAYVVMPMRL
;
B,C
3 'polypeptide(L)'
;MSTAITRQIVLDTETTGMNQIGAHYEGHKIIEIGAVEVVNRRLTGNNFHVYLKPDRLVDPEAFGVHGIADEFLLDKPTFA
EVADEFMDYIRGAELVIHNAAFDIGFMDYEFSLLKRDIPKTNTFCKVTDSLAVARKMFPGKRNSLDALCARYEIDNSKRT
LHGALLDAQILAEVYLAMTGGQLSLPLAMEGETQQQQGEATIQRIVRQASKLRVVFATDEEIAAHEARLDLVQKKGGSCL
WRA
;
D
4 'polydeoxyribonucleotide' (DT)(DA)(DG)(DT)(DA)(DC)(DT)(DA)(DG)(DG)(DA)(DC)(DG)(DA)(DA)(DG)(DT) P
5 'polydeoxyribonucleotide'
;(DG)(DG)(DA)(DG)(DT)(DC)(DC)(DT)(DT)(DC)(DG)(DT)(DC)(DC)(DT)(DA)(DG)(DT)(DA)(DC)
(DT)(DA)
;
T
6 'polypeptide(L)' QTEMDKVNVDLAAAGVAFKERYNMPVIAEAVEREQPEHLRSWFRERLIAHRLASVN F
#
loop_
_chem_comp.id
_chem_comp.type
_chem_comp.name
_chem_comp.formula
DA DNA linking 2'-DEOXYADENOSINE-5'-MONOPHOSPHATE 'C10 H14 N5 O6 P'
DC DNA linking 2'-DEOXYCYTIDINE-5'-MONOPHOSPHATE 'C9 H14 N3 O7 P'
DG DNA linking 2'-DEOXYGUANOSINE-5'-MONOPHOSPHATE 'C10 H14 N5 O7 P'
DT DNA linking THYMIDINE-5'-MONOPHOSPHATE 'C10 H15 N2 O8 P'
#
# COMPACT_ATOMS: atom_id res chain seq x y z
N MET A 1 49.06 -24.92 7.31
CA MET A 1 50.10 -25.80 7.93
C MET A 1 50.41 -26.99 6.98
N SER A 2 49.58 -28.04 6.99
CA SER A 2 49.77 -29.15 6.05
C SER A 2 49.28 -28.69 4.67
N GLU A 3 48.11 -28.05 4.64
CA GLU A 3 47.49 -27.56 3.38
C GLU A 3 46.95 -26.08 3.34
N PRO A 4 46.10 -25.64 4.30
CA PRO A 4 45.39 -24.33 4.15
C PRO A 4 46.20 -23.04 4.07
N ARG A 5 45.98 -22.30 2.98
CA ARG A 5 46.41 -20.92 2.82
C ARG A 5 45.22 -20.03 2.40
N PHE A 6 43.98 -20.45 2.65
CA PHE A 6 42.85 -19.69 2.12
C PHE A 6 41.57 -19.83 2.92
N VAL A 7 40.88 -18.69 3.08
CA VAL A 7 39.47 -18.66 3.46
C VAL A 7 38.72 -17.64 2.59
N HIS A 8 37.42 -17.84 2.40
CA HIS A 8 36.55 -16.86 1.73
C HIS A 8 36.24 -15.75 2.73
N LEU A 9 36.32 -14.52 2.26
CA LEU A 9 36.24 -13.37 3.17
C LEU A 9 35.00 -12.51 3.02
N ARG A 10 34.12 -12.81 2.08
CA ARG A 10 32.81 -12.18 2.03
C ARG A 10 31.76 -13.25 1.87
N VAL A 11 31.01 -13.51 2.95
CA VAL A 11 30.07 -14.61 3.02
C VAL A 11 28.84 -14.25 3.88
N HIS A 12 27.64 -14.55 3.41
CA HIS A 12 26.39 -14.19 4.10
C HIS A 12 25.58 -15.42 4.42
N SER A 13 25.10 -15.53 5.64
CA SER A 13 23.99 -16.43 5.97
C SER A 13 22.65 -15.83 5.54
N ASP A 14 21.64 -16.69 5.51
CA ASP A 14 20.24 -16.31 5.26
C ASP A 14 19.65 -15.35 6.29
N TYR A 15 20.29 -15.24 7.46
CA TYR A 15 19.77 -14.37 8.51
C TYR A 15 19.82 -12.86 8.21
N SER A 16 20.52 -12.41 7.17
CA SER A 16 20.42 -11.02 6.71
C SER A 16 19.01 -10.58 6.31
N MET A 17 18.30 -11.49 5.66
CA MET A 17 16.89 -11.37 5.26
C MET A 17 16.61 -10.52 4.03
N ILE A 18 17.65 -9.89 3.48
CA ILE A 18 17.62 -9.43 2.09
C ILE A 18 18.47 -10.31 1.17
N ASP A 19 19.40 -11.06 1.75
CA ASP A 19 20.37 -11.88 1.00
C ASP A 19 20.92 -13.02 1.88
N GLY A 20 21.70 -13.93 1.30
CA GLY A 20 22.10 -15.20 1.94
C GLY A 20 21.11 -16.35 1.76
N LEU A 21 21.44 -17.54 2.28
CA LEU A 21 20.67 -18.76 2.01
C LEU A 21 20.82 -19.90 3.03
N ALA A 22 19.80 -20.77 3.11
CA ALA A 22 19.78 -22.04 3.89
C ALA A 22 20.02 -21.85 5.40
N LYS A 23 21.00 -22.52 6.03
CA LYS A 23 21.50 -22.12 7.36
C LYS A 23 23.04 -22.00 7.41
N THR A 24 23.51 -21.31 8.44
CA THR A 24 24.94 -21.06 8.62
C THR A 24 25.70 -22.34 8.95
N ALA A 25 25.11 -23.23 9.73
CA ALA A 25 25.79 -24.49 10.08
C ALA A 25 26.13 -25.33 8.85
N PRO A 26 25.16 -25.58 7.96
CA PRO A 26 25.48 -26.26 6.70
C PRO A 26 26.54 -25.58 5.86
N LEU A 27 26.57 -24.25 5.90
CA LEU A 27 27.61 -23.50 5.23
C LEU A 27 28.96 -23.81 5.87
N VAL A 28 28.97 -23.86 7.20
CA VAL A 28 30.17 -24.17 7.95
C VAL A 28 30.61 -25.62 7.74
N LYS A 29 29.66 -26.55 7.70
CA LYS A 29 29.98 -27.97 7.44
C LYS A 29 30.62 -28.19 6.08
N LYS A 30 30.25 -27.35 5.11
CA LYS A 30 30.86 -27.42 3.81
C LYS A 30 32.28 -26.84 3.84
N ALA A 31 32.46 -25.69 4.48
CA ALA A 31 33.80 -25.11 4.67
C ALA A 31 34.78 -26.12 5.28
N ALA A 32 34.27 -26.85 6.27
CA ALA A 32 35.03 -27.92 6.92
C ALA A 32 35.25 -29.11 5.99
N ALA A 33 34.21 -29.51 5.25
CA ALA A 33 34.34 -30.55 4.23
C ALA A 33 35.31 -30.16 3.10
N LEU A 34 35.46 -28.84 2.89
CA LEU A 34 36.51 -28.29 2.00
C LEU A 34 37.91 -28.22 2.64
N GLY A 35 38.07 -28.68 3.87
CA GLY A 35 39.38 -28.72 4.52
C GLY A 35 39.88 -27.35 4.89
N MET A 36 38.97 -26.49 5.34
CA MET A 36 39.29 -25.13 5.73
C MET A 36 39.43 -25.03 7.24
N PRO A 37 40.43 -24.26 7.72
CA PRO A 37 40.68 -24.07 9.15
C PRO A 37 39.95 -22.87 9.76
N ALA A 38 39.42 -21.99 8.91
CA ALA A 38 38.82 -20.73 9.33
C ALA A 38 37.92 -20.24 8.21
N LEU A 39 37.09 -19.23 8.47
CA LEU A 39 36.17 -18.73 7.46
C LEU A 39 35.46 -17.46 7.94
N ALA A 40 35.43 -16.42 7.09
CA ALA A 40 34.72 -15.18 7.39
C ALA A 40 33.27 -15.20 6.98
N ILE A 41 32.37 -14.90 7.93
CA ILE A 41 30.96 -14.66 7.63
C ILE A 41 30.67 -13.19 7.82
N THR A 42 30.12 -12.62 6.77
CA THR A 42 29.91 -11.22 6.61
C THR A 42 28.46 -11.01 6.20
N ASP A 43 27.54 -11.50 7.01
CA ASP A 43 26.09 -11.26 6.83
C ASP A 43 25.81 -9.77 6.58
N PHE A 44 24.72 -9.48 5.86
CA PHE A 44 24.40 -8.10 5.49
C PHE A 44 23.92 -7.28 6.69
N THR A 45 24.76 -6.35 7.12
CA THR A 45 24.43 -5.36 8.14
C THR A 45 23.93 -6.00 9.46
N ASN A 46 24.47 -7.17 9.77
CA ASN A 46 24.19 -7.87 11.02
C ASN A 46 25.16 -9.04 11.18
N LEU A 47 25.28 -9.60 12.38
CA LEU A 47 25.89 -10.91 12.57
C LEU A 47 24.96 -11.72 13.45
N CYS A 48 23.73 -11.83 12.98
CA CYS A 48 22.66 -12.48 13.73
C CYS A 48 22.93 -13.95 14.03
N GLY A 49 23.55 -14.64 13.07
CA GLY A 49 23.94 -16.02 13.24
C GLY A 49 25.36 -16.19 13.73
N LEU A 50 25.89 -15.18 14.41
CA LEU A 50 27.20 -15.23 15.02
C LEU A 50 27.20 -16.22 16.17
N VAL A 51 26.08 -16.31 16.87
CA VAL A 51 25.90 -17.32 17.91
C VAL A 51 26.09 -18.70 17.34
N LYS A 52 25.45 -18.93 16.20
CA LYS A 52 25.52 -20.21 15.55
C LYS A 52 26.86 -20.38 14.83
N PHE A 53 27.43 -19.25 14.40
CA PHE A 53 28.74 -19.19 13.77
C PHE A 53 29.82 -19.63 14.74
N TYR A 54 29.83 -19.02 15.92
CA TYR A 54 30.73 -19.42 16.99
C TYR A 54 30.54 -20.86 17.36
N GLY A 55 29.28 -21.26 17.52
CA GLY A 55 28.92 -22.63 17.84
C GLY A 55 29.48 -23.64 16.84
N ALA A 56 29.41 -23.26 15.56
CA ALA A 56 29.91 -24.10 14.47
C ALA A 56 31.44 -24.06 14.35
N GLY A 57 32.04 -22.90 14.57
CA GLY A 57 33.49 -22.75 14.45
C GLY A 57 34.21 -23.52 15.53
N HIS A 58 33.86 -23.16 16.77
CA HIS A 58 34.21 -23.89 17.99
C HIS A 58 34.08 -25.42 17.80
N GLY A 59 32.89 -25.85 17.37
CA GLY A 59 32.56 -27.28 17.29
C GLY A 59 33.32 -28.07 16.25
N ALA A 60 33.58 -27.45 15.11
CA ALA A 60 34.26 -28.11 13.98
C ALA A 60 35.76 -27.81 13.91
N GLY A 61 36.29 -27.04 14.88
CA GLY A 61 37.69 -26.63 14.85
C GLY A 61 38.02 -25.61 13.79
N ILE A 62 37.01 -24.83 13.42
CA ILE A 62 37.15 -23.76 12.44
C ILE A 62 37.24 -22.45 13.20
N LYS A 63 38.12 -21.55 12.80
CA LYS A 63 38.11 -20.20 13.38
C LYS A 63 37.00 -19.35 12.76
N PRO A 64 36.04 -18.85 13.59
CA PRO A 64 35.13 -17.84 13.09
C PRO A 64 35.84 -16.51 12.86
N ILE A 65 35.74 -16.00 11.64
CA ILE A 65 36.22 -14.68 11.29
C ILE A 65 35.04 -13.72 11.08
N VAL A 66 35.15 -12.54 11.67
CA VAL A 66 34.01 -11.64 11.88
C VAL A 66 33.94 -10.55 10.80
N GLY A 67 32.75 -10.33 10.23
CA GLY A 67 32.57 -9.22 9.29
C GLY A 67 31.13 -8.89 8.95
N ALA A 68 30.94 -7.97 8.01
CA ALA A 68 29.60 -7.63 7.45
C ALA A 68 29.67 -6.63 6.27
N ASP A 69 28.57 -6.57 5.50
CA ASP A 69 28.34 -5.55 4.46
C ASP A 69 27.32 -4.53 4.92
N PHE A 70 27.41 -3.32 4.35
CA PHE A 70 26.62 -2.16 4.81
C PHE A 70 26.04 -1.31 3.68
N ASN A 71 25.26 -0.29 4.07
CA ASN A 71 24.70 0.70 3.15
C ASN A 71 25.43 2.01 3.38
N VAL A 72 26.13 2.52 2.37
CA VAL A 72 27.06 3.65 2.55
C VAL A 72 26.53 4.93 1.93
N GLN A 73 26.83 6.03 2.62
CA GLN A 73 26.60 7.38 2.15
C GLN A 73 27.85 8.21 2.49
N CYS A 74 28.66 8.51 1.49
CA CYS A 74 29.64 9.60 1.59
C CYS A 74 28.99 10.82 0.92
N ASP A 75 29.28 12.03 1.39
CA ASP A 75 28.64 13.24 0.80
C ASP A 75 29.10 13.51 -0.66
N LEU A 76 30.22 12.89 -1.06
CA LEU A 76 30.78 13.05 -2.41
C LEU A 76 29.94 12.37 -3.53
N LEU A 77 29.37 11.18 -3.26
CA LEU A 77 28.37 10.55 -4.15
C LEU A 77 26.90 10.87 -3.78
N GLY A 78 26.67 11.57 -2.66
CA GLY A 78 25.33 11.90 -2.18
C GLY A 78 24.66 10.68 -1.58
N ASP A 79 23.43 10.41 -2.01
CA ASP A 79 22.69 9.21 -1.63
C ASP A 79 22.69 8.12 -2.72
N GLU A 80 23.73 8.08 -3.56
CA GLU A 80 23.95 6.91 -4.43
C GLU A 80 24.30 5.75 -3.52
N LEU A 81 23.59 4.64 -3.70
CA LEU A 81 23.57 3.55 -2.73
C LEU A 81 24.70 2.56 -3.01
N THR A 82 25.55 2.35 -2.01
CA THR A 82 26.76 1.55 -2.15
C THR A 82 26.98 0.65 -0.95
N HIS A 83 27.90 -0.29 -1.10
CA HIS A 83 28.32 -1.19 -0.02
C HIS A 83 29.60 -0.73 0.57
N LEU A 84 29.78 -1.09 1.83
CA LEU A 84 31.10 -1.24 2.38
C LEU A 84 31.05 -2.54 3.13
N THR A 85 32.10 -3.32 2.98
CA THR A 85 32.22 -4.57 3.69
C THR A 85 33.26 -4.35 4.77
N VAL A 86 32.90 -4.58 6.02
CA VAL A 86 33.69 -4.13 7.15
C VAL A 86 33.88 -5.23 8.17
N LEU A 87 35.14 -5.49 8.49
CA LEU A 87 35.54 -6.62 9.28
C LEU A 87 36.28 -6.13 10.52
N ALA A 88 36.10 -6.83 11.63
CA ALA A 88 36.78 -6.50 12.88
C ALA A 88 38.01 -7.38 13.05
N ALA A 89 39.11 -6.77 13.47
CA ALA A 89 40.33 -7.48 13.80
C ALA A 89 40.25 -8.16 15.17
N ASN A 90 39.65 -7.48 16.14
CA ASN A 90 39.74 -7.89 17.55
C ASN A 90 38.55 -7.36 18.37
N ASN A 91 38.69 -7.33 19.71
CA ASN A 91 37.64 -6.85 20.63
C ASN A 91 37.18 -5.44 20.35
N THR A 92 38.16 -4.57 20.13
CA THR A 92 37.94 -3.18 19.71
C THR A 92 37.02 -3.08 18.49
N GLY A 93 37.31 -3.86 17.46
CA GLY A 93 36.56 -3.77 16.21
C GLY A 93 35.16 -4.30 16.41
N TYR A 94 35.09 -5.44 17.09
CA TYR A 94 33.84 -6.05 17.49
C TYR A 94 32.85 -5.06 18.10
N GLN A 95 33.37 -4.24 19.00
CA GLN A 95 32.57 -3.24 19.71
C GLN A 95 32.12 -2.19 18.74
N ASN A 96 33.07 -1.72 17.95
CA ASN A 96 32.80 -0.69 16.98
C ASN A 96 31.80 -1.17 15.95
N LEU A 97 31.98 -2.41 15.52
CA LEU A 97 31.09 -3.05 14.57
C LEU A 97 29.69 -3.06 15.10
N THR A 98 29.56 -3.54 16.33
CA THR A 98 28.27 -3.68 16.96
C THR A 98 27.60 -2.34 17.14
N LEU A 99 28.39 -1.34 17.49
CA LEU A 99 27.88 0.02 17.65
C LEU A 99 27.43 0.63 16.36
N LEU A 100 28.16 0.36 15.28
CA LEU A 100 27.85 0.94 13.98
C LEU A 100 26.53 0.44 13.47
N ILE A 101 26.36 -0.87 13.62
CA ILE A 101 25.13 -1.53 13.29
C ILE A 101 23.96 -0.91 14.04
N SER A 102 24.12 -0.80 15.35
CA SER A 102 23.09 -0.25 16.21
C SER A 102 22.78 1.21 15.87
N LYS A 103 23.81 1.94 15.48
CA LYS A 103 23.64 3.34 15.12
C LYS A 103 22.88 3.51 13.80
N ALA A 104 23.13 2.61 12.84
CA ALA A 104 22.38 2.61 11.57
C ALA A 104 20.90 2.37 11.81
N TYR A 105 20.60 1.42 12.70
CA TYR A 105 19.21 1.12 13.04
C TYR A 105 18.56 2.22 13.89
N GLN A 106 19.33 2.82 14.81
CA GLN A 106 18.85 3.98 15.62
C GLN A 106 18.42 5.17 14.78
N ARG A 107 19.10 5.36 13.65
CA ARG A 107 18.80 6.45 12.72
C ARG A 107 17.45 6.32 12.02
N GLY A 108 16.94 5.10 11.85
CA GLY A 108 15.73 4.87 11.06
C GLY A 108 16.08 4.68 9.59
N TYR A 109 15.09 4.22 8.83
CA TYR A 109 15.28 3.86 7.41
C TYR A 109 13.96 3.52 6.72
N GLY A 110 14.03 3.31 5.41
CA GLY A 110 12.91 2.83 4.61
C GLY A 110 13.21 1.49 3.96
N ALA A 111 12.59 1.23 2.80
CA ALA A 111 12.82 -0.02 2.05
C ALA A 111 14.28 -0.22 1.59
N ALA A 112 15.04 0.86 1.41
CA ALA A 112 16.49 0.81 1.09
C ALA A 112 17.34 0.14 2.17
N GLY A 113 16.78 0.04 3.38
CA GLY A 113 17.44 -0.58 4.49
C GLY A 113 18.10 0.52 5.28
N PRO A 114 18.59 0.18 6.49
CA PRO A 114 19.32 1.13 7.32
C PRO A 114 20.58 1.62 6.62
N ILE A 115 20.86 2.90 6.80
CA ILE A 115 21.96 3.54 6.13
C ILE A 115 22.84 4.13 7.22
N ILE A 116 24.12 4.15 6.96
CA ILE A 116 25.07 4.77 7.88
C ILE A 116 25.67 6.01 7.23
N ASP A 117 26.04 7.00 8.06
CA ASP A 117 26.89 8.11 7.63
C ASP A 117 28.34 7.63 7.61
N ARG A 118 29.05 7.97 6.54
CA ARG A 118 30.49 7.69 6.42
C ARG A 118 31.23 8.22 7.63
N ASP A 119 30.82 9.38 8.15
CA ASP A 119 31.49 10.00 9.28
C ASP A 119 31.26 9.35 10.63
N TRP A 120 30.41 8.33 10.68
CA TRP A 120 30.38 7.47 11.85
C TRP A 120 31.63 6.61 11.96
N LEU A 121 32.44 6.59 10.90
CA LEU A 121 33.80 6.05 10.95
C LEU A 121 34.78 6.87 11.79
N ILE A 122 34.38 8.07 12.22
CA ILE A 122 35.14 8.84 13.20
C ILE A 122 35.18 8.06 14.51
N GLU A 123 34.00 7.83 15.09
CA GLU A 123 33.83 7.15 16.39
C GLU A 123 34.32 5.71 16.28
N LEU A 124 33.81 5.06 15.25
CA LEU A 124 33.94 3.62 15.06
C LEU A 124 35.10 3.45 14.13
N ASN A 125 36.28 3.48 14.76
CA ASN A 125 37.52 3.70 14.06
C ASN A 125 38.55 2.65 14.45
N GLU A 126 38.98 2.69 15.71
CA GLU A 126 40.04 1.80 16.21
C GLU A 126 39.69 0.28 16.09
N GLY A 127 40.68 -0.53 15.74
CA GLY A 127 40.56 -2.00 15.73
C GLY A 127 39.75 -2.65 14.62
N LEU A 128 39.54 -1.93 13.51
CA LEU A 128 38.70 -2.40 12.39
C LEU A 128 39.50 -2.60 11.10
N ILE A 129 39.03 -3.50 10.23
CA ILE A 129 39.62 -3.68 8.88
C ILE A 129 38.53 -3.58 7.83
N LEU A 130 38.83 -2.85 6.75
CA LEU A 130 37.82 -2.35 5.80
C LEU A 130 38.12 -2.72 4.33
N LEU A 131 37.08 -2.68 3.49
CA LEU A 131 37.18 -3.01 2.05
C LEU A 131 36.85 -1.85 1.09
N SER A 132 37.14 -2.06 -0.21
CA SER A 132 36.68 -1.16 -1.28
C SER A 132 35.16 -1.10 -1.46
N GLY A 133 34.43 -2.11 -0.94
CA GLY A 133 32.97 -2.26 -1.11
C GLY A 133 32.63 -3.20 -2.24
N GLY A 134 33.68 -3.74 -2.87
CA GLY A 134 33.55 -4.58 -4.04
C GLY A 134 33.23 -3.73 -5.24
N ARG A 135 32.68 -4.38 -6.25
CA ARG A 135 32.29 -3.73 -7.49
C ARG A 135 31.32 -2.55 -7.28
N MET A 136 30.36 -2.69 -6.35
CA MET A 136 29.34 -1.65 -6.14
C MET A 136 29.57 -0.91 -4.81
N GLY A 137 30.82 -0.50 -4.55
CA GLY A 137 31.13 0.41 -3.42
C GLY A 137 31.03 1.90 -3.76
N ASP A 138 31.25 2.77 -2.76
CA ASP A 138 31.51 4.20 -3.04
C ASP A 138 32.71 4.32 -3.98
N VAL A 139 33.72 3.47 -3.76
CA VAL A 139 34.94 3.39 -4.59
C VAL A 139 34.63 2.83 -5.99
N GLY A 140 33.89 1.73 -6.00
CA GLY A 140 33.42 1.09 -7.21
C GLY A 140 32.57 1.99 -8.10
N ARG A 141 31.60 2.72 -7.53
CA ARG A 141 30.74 3.65 -8.31
C ARG A 141 31.56 4.77 -8.88
N SER A 142 32.39 5.38 -8.04
CA SER A 142 33.29 6.43 -8.49
C SER A 142 34.29 5.92 -9.55
N LEU A 143 34.81 4.69 -9.39
CA LEU A 143 35.72 4.08 -10.42
C LEU A 143 35.03 3.79 -11.77
N LEU A 144 33.80 3.29 -11.70
CA LEU A 144 32.95 3.03 -12.89
C LEU A 144 32.63 4.33 -13.66
N ARG A 145 32.34 5.42 -12.93
CA ARG A 145 32.22 6.77 -13.52
C ARG A 145 33.56 7.25 -14.16
N GLY A 146 34.68 6.87 -13.55
CA GLY A 146 36.02 7.25 -14.04
C GLY A 146 36.43 8.70 -13.79
N ASN A 147 35.88 9.32 -12.74
CA ASN A 147 36.24 10.69 -12.27
C ASN A 147 37.38 10.57 -11.25
N SER A 148 38.61 10.77 -11.71
CA SER A 148 39.81 10.55 -10.86
C SER A 148 39.87 11.50 -9.64
N ALA A 149 39.36 12.73 -9.76
CA ALA A 149 39.29 13.68 -8.61
C ALA A 149 38.34 13.19 -7.51
N LEU A 150 37.18 12.70 -7.95
CA LEU A 150 36.16 12.15 -7.07
C LEU A 150 36.68 10.90 -6.35
N VAL A 151 37.37 10.03 -7.12
CA VAL A 151 38.06 8.83 -6.61
C VAL A 151 39.06 9.20 -5.52
N ASP A 152 39.95 10.16 -5.84
CA ASP A 152 41.02 10.58 -4.93
C ASP A 152 40.46 11.09 -3.59
N GLU A 153 39.38 11.88 -3.66
CA GLU A 153 38.73 12.39 -2.45
C GLU A 153 38.23 11.26 -1.54
N CYS A 154 37.55 10.29 -2.14
CA CYS A 154 37.04 9.14 -1.39
C CYS A 154 38.13 8.26 -0.75
N VAL A 155 39.07 7.74 -1.55
CA VAL A 155 40.11 6.81 -1.03
C VAL A 155 40.95 7.44 0.09
N ALA A 156 41.35 8.69 -0.14
CA ALA A 156 42.19 9.47 0.77
C ALA A 156 41.72 9.30 2.20
N PHE A 157 40.40 9.44 2.40
CA PHE A 157 39.77 9.27 3.71
C PHE A 157 40.12 7.95 4.41
N TYR A 158 40.02 6.86 3.67
CA TYR A 158 40.22 5.51 4.21
C TYR A 158 41.73 5.18 4.39
N GLU A 159 42.57 5.72 3.49
CA GLU A 159 44.05 5.61 3.61
C GLU A 159 44.57 6.41 4.81
N GLU A 160 43.87 7.51 5.14
CA GLU A 160 44.20 8.37 6.28
C GLU A 160 43.83 7.73 7.61
N HIS A 161 42.57 7.33 7.75
CA HIS A 161 42.05 6.90 9.04
C HIS A 161 42.13 5.40 9.23
N PHE A 162 42.43 4.63 8.18
CA PHE A 162 42.54 3.17 8.30
C PHE A 162 43.82 2.61 7.61
N PRO A 163 44.99 3.16 8.00
CA PRO A 163 46.26 2.71 7.43
C PRO A 163 46.56 1.25 7.78
N ASP A 164 47.01 0.49 6.78
CA ASP A 164 47.23 -0.98 6.87
C ASP A 164 46.01 -1.77 7.36
N ARG A 165 44.82 -1.16 7.27
CA ARG A 165 43.58 -1.79 7.70
C ARG A 165 42.51 -1.58 6.62
N TYR A 166 42.98 -1.59 5.38
CA TYR A 166 42.15 -1.44 4.21
C TYR A 166 42.66 -2.38 3.14
N PHE A 167 41.82 -3.31 2.70
CA PHE A 167 42.13 -4.20 1.58
C PHE A 167 41.05 -4.08 0.53
N LEU A 168 41.36 -4.48 -0.68
CA LEU A 168 40.43 -4.25 -1.77
C LEU A 168 39.62 -5.49 -2.05
N GLU A 169 38.31 -5.32 -2.19
CA GLU A 169 37.44 -6.43 -2.56
C GLU A 169 37.40 -6.61 -4.07
N LEU A 170 37.55 -7.86 -4.48
CA LEU A 170 37.61 -8.26 -5.88
C LEU A 170 36.54 -9.31 -6.15
N ILE A 171 35.83 -9.17 -7.26
CA ILE A 171 34.80 -10.15 -7.65
C ILE A 171 34.76 -10.37 -9.17
N ARG A 172 35.07 -11.58 -9.60
CA ARG A 172 34.92 -12.02 -11.01
C ARG A 172 33.98 -13.21 -11.01
N THR A 173 32.69 -12.94 -11.15
CA THR A 173 31.64 -13.95 -11.13
C THR A 173 30.78 -13.89 -12.40
N GLY A 174 31.35 -13.35 -13.48
CA GLY A 174 30.64 -13.25 -14.76
C GLY A 174 29.45 -12.31 -14.74
N ARG A 175 29.62 -11.17 -14.07
CA ARG A 175 28.60 -10.14 -14.00
C ARG A 175 29.07 -8.83 -14.66
N PRO A 176 28.11 -7.98 -15.06
CA PRO A 176 28.44 -6.71 -15.74
C PRO A 176 29.46 -5.86 -14.96
N ASP A 177 30.45 -5.34 -15.67
CA ASP A 177 31.46 -4.41 -15.13
C ASP A 177 32.46 -4.99 -14.10
N GLU A 178 32.57 -6.32 -14.03
CA GLU A 178 33.54 -6.94 -13.11
C GLU A 178 34.95 -6.79 -13.61
N GLU A 179 35.15 -7.12 -14.90
CA GLU A 179 36.36 -6.73 -15.68
C GLU A 179 36.68 -5.23 -15.50
N SER A 180 35.71 -4.35 -15.75
CA SER A 180 35.96 -2.91 -15.81
C SER A 180 36.39 -2.39 -14.45
N TYR A 181 35.65 -2.81 -13.42
CA TYR A 181 35.96 -2.42 -12.07
C TYR A 181 37.32 -2.95 -11.64
N LEU A 182 37.49 -4.27 -11.80
CA LEU A 182 38.72 -4.95 -11.39
C LEU A 182 39.93 -4.34 -12.06
N HIS A 183 39.83 -4.16 -13.37
CA HIS A 183 40.87 -3.54 -14.16
C HIS A 183 41.25 -2.17 -13.64
N ALA A 184 40.24 -1.33 -13.34
CA ALA A 184 40.46 0.04 -12.81
C ALA A 184 40.94 0.02 -11.36
N ALA A 185 40.50 -0.99 -10.61
CA ALA A 185 40.93 -1.17 -9.24
C ALA A 185 42.38 -1.67 -9.11
N VAL A 186 42.83 -2.53 -10.03
CA VAL A 186 44.23 -2.97 -10.05
C VAL A 186 45.18 -1.83 -10.46
N GLU A 187 44.71 -0.93 -11.31
CA GLU A 187 45.43 0.33 -11.59
C GLU A 187 45.50 1.24 -10.35
N LEU A 188 44.40 1.33 -9.61
CA LEU A 188 44.38 2.10 -8.33
C LEU A 188 45.28 1.41 -7.28
N ALA A 189 45.31 0.07 -7.27
CA ALA A 189 46.15 -0.71 -6.34
C ALA A 189 47.66 -0.48 -6.54
N GLU A 190 48.10 -0.40 -7.80
CA GLU A 190 49.47 0.04 -8.14
C GLU A 190 49.69 1.49 -7.65
N ALA A 191 48.73 2.34 -7.98
CA ALA A 191 48.86 3.79 -7.84
C ALA A 191 48.85 4.27 -6.38
N ARG A 192 48.09 3.62 -5.50
CA ARG A 192 47.98 4.03 -4.08
C ARG A 192 48.74 3.13 -3.09
N GLY A 193 49.20 1.96 -3.55
CA GLY A 193 49.96 1.02 -2.72
C GLY A 193 49.12 0.33 -1.67
N LEU A 194 47.82 0.18 -1.94
CA LEU A 194 46.89 -0.47 -1.01
C LEU A 194 46.84 -1.97 -1.37
N PRO A 195 46.60 -2.85 -0.37
CA PRO A 195 46.63 -4.30 -0.57
C PRO A 195 45.31 -4.87 -1.11
N VAL A 196 45.43 -5.88 -1.97
CA VAL A 196 44.28 -6.46 -2.66
C VAL A 196 43.97 -7.83 -2.13
N VAL A 197 42.69 -8.17 -2.03
CA VAL A 197 42.32 -9.47 -1.51
C VAL A 197 41.12 -10.02 -2.27
N ALA A 198 41.12 -11.33 -2.52
CA ALA A 198 40.14 -11.97 -3.40
C ALA A 198 39.03 -12.64 -2.60
N THR A 199 37.78 -12.46 -3.04
CA THR A 199 36.63 -13.27 -2.58
C THR A 199 35.79 -13.70 -3.77
N ASN A 200 34.88 -14.62 -3.50
CA ASN A 200 33.92 -15.09 -4.48
C ASN A 200 32.51 -14.58 -4.15
N ASP A 201 32.41 -13.63 -3.19
CA ASP A 201 31.14 -12.99 -2.86
C ASP A 201 30.10 -14.11 -2.67
N VAL A 202 30.39 -15.06 -1.79
CA VAL A 202 29.62 -16.31 -1.73
C VAL A 202 28.28 -16.11 -1.01
N ARG A 203 27.20 -16.67 -1.56
CA ARG A 203 25.90 -16.72 -0.87
C ARG A 203 25.33 -18.13 -0.66
N PHE A 204 25.96 -19.19 -1.21
CA PHE A 204 25.36 -20.53 -1.20
C PHE A 204 26.30 -21.73 -1.30
N ILE A 205 25.73 -22.90 -1.00
CA ILE A 205 26.46 -24.18 -0.97
C ILE A 205 26.71 -24.67 -2.38
N ASP A 206 25.64 -24.94 -3.10
CA ASP A 206 25.74 -25.54 -4.41
C ASP A 206 25.23 -24.60 -5.50
N SER A 207 25.79 -24.72 -6.69
CA SER A 207 25.46 -23.84 -7.82
C SER A 207 23.98 -23.88 -8.22
N SER A 208 23.32 -25.01 -7.96
CA SER A 208 21.87 -25.16 -8.16
C SER A 208 21.01 -24.37 -7.18
N ASP A 209 21.61 -23.87 -6.10
CA ASP A 209 20.92 -22.98 -5.18
C ASP A 209 20.82 -21.55 -5.72
N PHE A 210 21.49 -21.23 -6.83
CA PHE A 210 21.33 -19.94 -7.53
C PHE A 210 19.90 -19.53 -7.66
N ASP A 211 19.09 -20.44 -8.22
CA ASP A 211 17.70 -20.16 -8.53
C ASP A 211 16.99 -19.77 -7.27
N ALA A 212 17.24 -20.54 -6.22
CA ALA A 212 16.63 -20.32 -4.92
C ALA A 212 16.98 -18.96 -4.34
N HIS A 213 18.25 -18.58 -4.45
CA HIS A 213 18.70 -17.30 -3.93
C HIS A 213 18.09 -16.17 -4.72
N GLU A 214 18.03 -16.35 -6.04
CA GLU A 214 17.46 -15.35 -6.89
C GLU A 214 16.03 -15.08 -6.42
N ILE A 215 15.33 -16.16 -6.13
CA ILE A 215 13.95 -16.06 -5.69
C ILE A 215 13.87 -15.50 -4.29
N ARG A 216 14.84 -15.81 -3.45
CA ARG A 216 14.93 -15.22 -2.11
C ARG A 216 14.83 -13.71 -2.14
N VAL A 217 15.62 -13.14 -3.02
CA VAL A 217 15.69 -11.71 -3.14
C VAL A 217 14.35 -11.20 -3.66
N ALA A 218 13.90 -11.85 -4.74
CA ALA A 218 12.65 -11.52 -5.38
C ALA A 218 11.43 -11.65 -4.47
N ILE A 219 11.52 -12.50 -3.45
CA ILE A 219 10.49 -12.60 -2.42
C ILE A 219 10.38 -11.30 -1.69
N HIS A 220 11.52 -10.74 -1.31
CA HIS A 220 11.49 -9.45 -0.69
C HIS A 220 10.95 -8.41 -1.66
N ASP A 221 11.54 -8.38 -2.84
CA ASP A 221 11.24 -7.38 -3.85
C ASP A 221 9.79 -7.44 -4.35
N GLY A 222 9.23 -8.65 -4.41
CA GLY A 222 7.84 -8.86 -4.81
C GLY A 222 7.58 -8.87 -6.32
N PHE A 223 8.58 -9.27 -7.10
CA PHE A 223 8.47 -9.34 -8.57
C PHE A 223 8.57 -10.77 -9.11
N THR A 224 8.29 -10.92 -10.41
CA THR A 224 8.22 -12.25 -11.05
C THR A 224 9.53 -12.57 -11.80
N LEU A 225 9.79 -13.87 -11.95
CA LEU A 225 11.02 -14.42 -12.59
C LEU A 225 11.42 -13.68 -13.87
N ASP A 226 10.47 -13.56 -14.79
CA ASP A 226 10.76 -13.04 -16.13
C ASP A 226 10.61 -11.51 -16.27
N ASP A 227 10.46 -10.78 -15.17
CA ASP A 227 10.34 -9.31 -15.23
C ASP A 227 11.72 -8.64 -15.48
N PRO A 228 11.88 -7.90 -16.60
CA PRO A 228 13.18 -7.24 -16.88
C PRO A 228 13.57 -6.15 -15.88
N LYS A 229 12.59 -5.50 -15.27
CA LYS A 229 12.83 -4.46 -14.26
C LYS A 229 13.34 -5.03 -12.92
N ARG A 230 13.17 -6.33 -12.70
CA ARG A 230 13.58 -6.96 -11.47
C ARG A 230 15.10 -7.03 -11.38
N PRO A 231 15.68 -6.60 -10.25
CA PRO A 231 17.13 -6.71 -10.08
C PRO A 231 17.65 -8.15 -10.19
N ARG A 232 18.61 -8.41 -11.09
CA ARG A 232 19.29 -9.70 -11.20
C ARG A 232 20.78 -9.50 -10.98
N ASN A 233 21.11 -9.20 -9.75
CA ASN A 233 22.43 -8.69 -9.41
C ASN A 233 23.46 -9.75 -9.06
N TYR A 234 23.08 -11.02 -9.11
CA TYR A 234 23.93 -12.09 -8.62
C TYR A 234 24.06 -13.20 -9.68
N SER A 235 25.20 -13.88 -9.70
CA SER A 235 25.49 -15.03 -10.58
C SER A 235 25.68 -16.37 -9.82
N PRO A 236 25.46 -17.51 -10.50
CA PRO A 236 25.61 -18.82 -9.82
C PRO A 236 27.05 -19.22 -9.43
N GLN A 237 28.06 -18.53 -9.95
CA GLN A 237 29.46 -18.84 -9.63
C GLN A 237 29.87 -18.40 -8.22
N GLN A 238 29.03 -17.59 -7.57
CA GLN A 238 29.20 -17.24 -6.15
C GLN A 238 28.89 -18.38 -5.15
N TYR A 239 29.61 -19.50 -5.23
CA TYR A 239 29.49 -20.57 -4.22
C TYR A 239 30.87 -20.81 -3.63
N MET A 240 30.96 -21.73 -2.68
CA MET A 240 32.25 -22.09 -2.08
C MET A 240 33.09 -22.89 -3.05
N ARG A 241 33.76 -22.19 -3.94
CA ARG A 241 34.77 -22.83 -4.78
C ARG A 241 35.92 -23.28 -3.89
N SER A 242 36.50 -24.42 -4.22
CA SER A 242 37.51 -25.07 -3.38
C SER A 242 38.83 -24.30 -3.34
N GLU A 243 39.76 -24.75 -2.49
CA GLU A 243 41.13 -24.20 -2.41
C GLU A 243 41.76 -24.03 -3.79
N GLU A 244 41.89 -25.15 -4.49
CA GLU A 244 42.59 -25.22 -5.76
C GLU A 244 41.82 -24.44 -6.87
N GLU A 245 40.49 -24.53 -6.87
CA GLU A 245 39.65 -23.76 -7.81
C GLU A 245 39.93 -22.25 -7.72
N MET A 246 39.99 -21.75 -6.49
CA MET A 246 40.31 -20.34 -6.24
C MET A 246 41.78 -20.01 -6.56
N CYS A 247 42.71 -20.92 -6.27
CA CYS A 247 44.16 -20.74 -6.58
C CYS A 247 44.42 -20.43 -8.06
N GLU A 248 43.72 -21.13 -8.95
CA GLU A 248 43.90 -20.96 -10.40
C GLU A 248 42.99 -19.86 -10.99
N LEU A 249 41.83 -19.63 -10.36
CA LEU A 249 40.96 -18.49 -10.71
C LEU A 249 41.70 -17.16 -10.62
N PHE A 250 42.61 -17.06 -9.65
CA PHE A 250 43.34 -15.83 -9.40
C PHE A 250 44.84 -16.04 -9.50
N ALA A 251 45.29 -17.03 -10.27
CA ALA A 251 46.71 -17.21 -10.55
C ALA A 251 47.25 -16.06 -11.41
N ASP A 252 46.37 -15.19 -11.93
CA ASP A 252 46.79 -13.88 -12.47
C ASP A 252 46.98 -12.76 -11.43
N ILE A 253 46.35 -12.86 -10.26
CA ILE A 253 46.42 -11.83 -9.21
C ILE A 253 46.87 -12.46 -7.84
N PRO A 254 48.21 -12.72 -7.67
CA PRO A 254 48.74 -13.45 -6.47
C PRO A 254 48.45 -12.80 -5.11
N GLU A 255 48.60 -11.48 -5.03
CA GLU A 255 48.39 -10.73 -3.80
C GLU A 255 46.97 -10.87 -3.21
N ALA A 256 45.98 -10.99 -4.09
CA ALA A 256 44.58 -11.19 -3.70
C ALA A 256 44.35 -12.42 -2.82
N LEU A 257 45.00 -13.51 -3.20
CA LEU A 257 44.89 -14.79 -2.50
C LEU A 257 45.71 -14.74 -1.21
N ALA A 258 46.95 -14.29 -1.30
CA ALA A 258 47.85 -14.12 -0.13
C ALA A 258 47.25 -13.19 0.92
N ASN A 259 46.49 -12.19 0.49
CA ASN A 259 45.81 -11.30 1.44
C ASN A 259 44.63 -11.94 2.19
N THR A 260 44.18 -13.13 1.76
CA THR A 260 43.26 -13.94 2.60
C THR A 260 43.97 -14.53 3.82
N VAL A 261 45.20 -15.03 3.62
CA VAL A 261 46.08 -15.50 4.73
C VAL A 261 46.30 -14.37 5.75
N GLU A 262 46.74 -13.22 5.25
CA GLU A 262 46.96 -12.02 6.05
C GLU A 262 45.74 -11.60 6.87
N ILE A 263 44.60 -11.50 6.20
CA ILE A 263 43.36 -11.08 6.85
C ILE A 263 42.90 -12.06 7.91
N ALA A 264 43.02 -13.35 7.61
CA ALA A 264 42.68 -14.40 8.55
C ALA A 264 43.47 -14.28 9.87
N LYS A 265 44.77 -13.92 9.76
CA LYS A 265 45.65 -13.66 10.93
C LYS A 265 45.10 -12.56 11.83
N ARG A 266 44.64 -11.49 11.20
CA ARG A 266 44.23 -10.26 11.89
C ARG A 266 42.90 -10.42 12.66
N CYS A 267 42.06 -11.37 12.26
CA CYS A 267 40.66 -11.40 12.74
C CYS A 267 40.41 -12.42 13.84
N ASN A 268 40.42 -11.95 15.09
CA ASN A 268 40.29 -12.80 16.27
C ASN A 268 39.45 -12.08 17.33
N VAL A 269 38.14 -12.30 17.31
CA VAL A 269 37.21 -11.62 18.22
C VAL A 269 36.73 -12.53 19.35
N THR A 270 36.83 -12.05 20.60
CA THR A 270 36.44 -12.82 21.79
C THR A 270 35.10 -12.31 22.33
N VAL A 271 34.04 -13.11 22.24
CA VAL A 271 32.79 -12.84 22.96
C VAL A 271 32.52 -14.06 23.83
N ARG A 272 32.35 -13.89 25.13
CA ARG A 272 32.04 -15.04 26.01
C ARG A 272 30.54 -15.34 26.00
N LEU A 273 30.22 -16.63 25.92
CA LEU A 273 28.85 -17.14 25.75
C LEU A 273 28.58 -18.29 26.75
N GLY A 274 27.33 -18.46 27.16
CA GLY A 274 26.91 -19.59 28.02
C GLY A 274 27.09 -19.44 29.53
N GLU A 275 27.68 -18.32 29.95
CA GLU A 275 27.79 -17.92 31.35
C GLU A 275 27.52 -16.43 31.37
N TYR A 276 26.94 -15.94 32.46
CA TYR A 276 26.32 -14.60 32.48
C TYR A 276 27.20 -13.36 32.47
N PHE A 277 26.69 -12.36 31.73
CA PHE A 277 27.18 -11.01 31.76
C PHE A 277 26.20 -10.24 32.61
N LEU A 278 26.76 -9.57 33.60
CA LEU A 278 26.01 -9.16 34.77
C LEU A 278 25.08 -8.05 34.31
N PRO A 279 23.76 -8.19 34.57
CA PRO A 279 22.75 -7.24 34.10
C PRO A 279 22.15 -6.37 35.21
N GLN A 280 22.80 -6.34 36.37
CA GLN A 280 22.18 -5.88 37.59
C GLN A 280 22.85 -4.61 38.16
N PHE A 281 22.08 -3.54 38.34
CA PHE A 281 22.52 -2.45 39.23
C PHE A 281 22.12 -2.84 40.65
N PRO A 282 22.87 -2.38 41.67
CA PRO A 282 22.32 -2.55 43.02
C PRO A 282 21.03 -1.71 43.15
N THR A 283 19.92 -2.31 43.61
CA THR A 283 18.57 -1.66 43.54
C THR A 283 18.23 -0.71 44.71
N GLY A 284 18.53 -1.12 45.94
CA GLY A 284 18.47 -0.23 47.12
C GLY A 284 19.86 0.10 47.66
N ASP A 285 19.93 0.83 48.76
CA ASP A 285 21.24 1.31 49.27
C ASP A 285 22.27 0.21 49.70
N MET A 286 21.93 -1.06 49.55
CA MET A 286 22.62 -2.17 50.23
C MET A 286 23.57 -2.96 49.32
N SER A 287 24.35 -3.86 49.93
CA SER A 287 24.97 -5.00 49.22
C SER A 287 23.91 -5.72 48.36
N THR A 288 24.34 -6.38 47.29
CA THR A 288 23.45 -7.13 46.41
C THR A 288 22.79 -8.30 47.17
N GLU A 289 23.66 -9.09 47.78
CA GLU A 289 23.28 -10.24 48.62
C GLU A 289 22.21 -9.86 49.66
N ASP A 290 22.54 -8.82 50.43
CA ASP A 290 21.76 -8.44 51.59
C ASP A 290 20.38 -7.90 51.23
N TYR A 291 20.28 -7.18 50.11
CA TYR A 291 19.01 -6.62 49.68
C TYR A 291 18.02 -7.71 49.35
N LEU A 292 18.52 -8.75 48.69
CA LEU A 292 17.73 -9.97 48.47
C LEU A 292 17.18 -10.57 49.76
N VAL A 293 18.08 -10.81 50.68
CA VAL A 293 17.72 -11.52 51.90
C VAL A 293 16.65 -10.75 52.63
N LYS A 294 16.85 -9.44 52.67
CA LYS A 294 15.96 -8.51 53.30
C LYS A 294 14.58 -8.56 52.67
N ARG A 295 14.52 -8.39 51.35
CA ARG A 295 13.24 -8.36 50.65
C ARG A 295 12.55 -9.71 50.60
N ALA A 296 13.32 -10.77 50.79
CA ALA A 296 12.75 -12.11 50.95
C ALA A 296 11.99 -12.24 52.26
N LYS A 297 12.62 -11.81 53.34
CA LYS A 297 11.99 -11.84 54.65
C LYS A 297 10.74 -10.96 54.73
N GLU A 298 10.80 -9.82 54.05
CA GLU A 298 9.69 -8.85 54.02
C GLU A 298 8.56 -9.29 53.06
N GLY A 299 8.92 -9.97 51.97
CA GLY A 299 7.91 -10.57 51.09
C GLY A 299 7.18 -11.71 51.79
N LEU A 300 7.95 -12.51 52.52
CA LEU A 300 7.44 -13.59 53.36
C LEU A 300 6.38 -13.11 54.35
N GLU A 301 6.62 -11.93 54.90
CA GLU A 301 5.73 -11.34 55.88
C GLU A 301 4.31 -11.12 55.33
N GLU A 302 4.23 -10.69 54.06
CA GLU A 302 2.92 -10.47 53.41
C GLU A 302 2.20 -11.79 53.28
N ARG A 303 2.90 -12.76 52.72
CA ARG A 303 2.32 -14.04 52.44
C ARG A 303 1.86 -14.70 53.72
N LEU A 304 2.72 -14.68 54.74
CA LEU A 304 2.40 -15.24 56.06
C LEU A 304 1.10 -14.74 56.66
N ALA A 305 0.93 -13.43 56.61
CA ALA A 305 -0.22 -12.77 57.22
C ALA A 305 -1.49 -13.08 56.44
N PHE A 306 -1.31 -13.20 55.13
CA PHE A 306 -2.38 -13.57 54.22
C PHE A 306 -2.78 -15.04 54.39
N LEU A 307 -1.81 -15.93 54.36
CA LEU A 307 -2.08 -17.36 54.42
C LEU A 307 -2.59 -17.81 55.77
N PHE A 308 -1.96 -17.28 56.83
CA PHE A 308 -2.28 -17.68 58.20
C PHE A 308 -2.76 -16.49 59.06
N PRO A 309 -4.02 -16.03 58.84
CA PRO A 309 -4.55 -14.95 59.68
C PRO A 309 -4.89 -15.40 61.11
N ASP A 310 -4.88 -16.72 61.37
CA ASP A 310 -4.89 -17.28 62.72
C ASP A 310 -3.44 -17.44 63.19
N GLU A 311 -3.08 -16.67 64.22
CA GLU A 311 -1.69 -16.59 64.70
C GLU A 311 -1.17 -17.87 65.39
N GLU A 312 -2.08 -18.68 65.93
CA GLU A 312 -1.71 -20.00 66.49
C GLU A 312 -1.16 -20.93 65.39
N GLU A 313 -1.93 -21.08 64.31
CA GLU A 313 -1.51 -21.91 63.17
C GLU A 313 -0.25 -21.37 62.43
N ARG A 314 -0.10 -20.04 62.36
CA ARG A 314 1.13 -19.41 61.78
C ARG A 314 2.42 -19.95 62.39
N LEU A 315 2.42 -20.05 63.72
CA LEU A 315 3.61 -20.51 64.45
C LEU A 315 3.91 -21.99 64.23
N LYS A 316 2.86 -22.82 64.24
CA LYS A 316 2.94 -24.29 64.02
C LYS A 316 3.48 -24.62 62.63
N ARG A 317 2.99 -23.88 61.64
CA ARG A 317 3.30 -24.14 60.26
C ARG A 317 4.52 -23.40 59.78
N ARG A 318 4.97 -22.41 60.56
CA ARG A 318 6.10 -21.54 60.20
C ARG A 318 7.45 -22.22 59.87
N PRO A 319 7.92 -23.17 60.71
CA PRO A 319 9.25 -23.76 60.52
C PRO A 319 9.59 -24.24 59.10
N GLU A 320 8.66 -24.95 58.47
CA GLU A 320 8.83 -25.44 57.08
C GLU A 320 9.16 -24.31 56.08
N TYR A 321 8.60 -23.12 56.32
CA TYR A 321 8.76 -21.98 55.40
C TYR A 321 10.12 -21.32 55.57
N ASP A 322 10.52 -21.10 56.82
CA ASP A 322 11.86 -20.59 57.18
C ASP A 322 12.95 -21.55 56.65
N GLU A 323 12.74 -22.85 56.82
CA GLU A 323 13.67 -23.87 56.32
C GLU A 323 13.74 -23.87 54.79
N ARG A 324 12.60 -23.76 54.13
CA ARG A 324 12.59 -23.71 52.68
C ARG A 324 13.18 -22.40 52.19
N LEU A 325 12.83 -21.32 52.86
CA LEU A 325 13.41 -20.00 52.60
C LEU A 325 14.91 -20.11 52.50
N GLU A 326 15.52 -20.58 53.59
CA GLU A 326 16.97 -20.62 53.72
C GLU A 326 17.62 -21.60 52.76
N THR A 327 16.93 -22.70 52.48
CA THR A 327 17.42 -23.70 51.53
C THR A 327 17.59 -23.09 50.16
N GLU A 328 16.56 -22.37 49.73
CA GLU A 328 16.55 -21.74 48.44
C GLU A 328 17.55 -20.59 48.42
N LEU A 329 17.47 -19.73 49.41
CA LEU A 329 18.46 -18.65 49.58
C LEU A 329 19.88 -19.09 49.33
N GLN A 330 20.25 -20.20 49.95
CA GLN A 330 21.62 -20.70 49.88
C GLN A 330 22.03 -21.03 48.45
N VAL A 331 21.15 -21.68 47.72
CA VAL A 331 21.47 -22.07 46.36
C VAL A 331 21.49 -20.88 45.38
N ILE A 332 20.60 -19.93 45.58
CA ILE A 332 20.55 -18.76 44.71
C ILE A 332 21.79 -17.92 44.85
N ASN A 333 22.22 -17.75 46.10
CA ASN A 333 23.42 -16.96 46.44
C ASN A 333 24.72 -17.64 45.98
N GLN A 334 24.83 -18.95 46.22
CA GLN A 334 26.01 -19.75 45.85
C GLN A 334 26.20 -19.87 44.34
N MET A 335 25.11 -19.85 43.58
CA MET A 335 25.19 -19.90 42.12
C MET A 335 25.30 -18.52 41.47
N GLY A 336 24.95 -17.46 42.20
CA GLY A 336 25.23 -16.09 41.75
C GLY A 336 24.17 -15.54 40.82
N PHE A 337 22.91 -15.75 41.19
CA PHE A 337 21.78 -15.19 40.44
C PHE A 337 21.03 -14.06 41.12
N PRO A 338 21.45 -13.62 42.32
CA PRO A 338 20.57 -12.72 43.07
C PRO A 338 20.28 -11.39 42.39
N GLY A 339 21.16 -10.94 41.49
CA GLY A 339 20.94 -9.73 40.72
C GLY A 339 19.71 -9.84 39.87
N TYR A 340 19.63 -10.97 39.16
CA TYR A 340 18.48 -11.28 38.34
C TYR A 340 17.18 -11.10 39.12
N PHE A 341 17.10 -11.75 40.26
CA PHE A 341 15.87 -11.75 41.04
C PHE A 341 15.51 -10.38 41.52
N LEU A 342 16.50 -9.58 41.89
CA LEU A 342 16.27 -8.22 42.42
C LEU A 342 15.55 -7.36 41.41
N ILE A 343 16.04 -7.42 40.19
CA ILE A 343 15.45 -6.71 39.08
C ILE A 343 14.00 -7.13 38.97
N VAL A 344 13.84 -8.44 38.84
CA VAL A 344 12.57 -9.04 38.52
C VAL A 344 11.61 -8.79 39.64
N MET A 345 12.05 -9.00 40.86
CA MET A 345 11.14 -8.86 41.97
C MET A 345 10.73 -7.39 42.15
N GLU A 346 11.65 -6.45 41.89
CA GLU A 346 11.34 -5.03 41.99
C GLU A 346 10.35 -4.70 40.89
N PHE A 347 10.66 -5.21 39.71
CA PHE A 347 9.81 -5.13 38.57
C PHE A 347 8.42 -5.71 38.82
N ILE A 348 8.33 -6.84 39.48
CA ILE A 348 7.03 -7.45 39.75
C ILE A 348 6.24 -6.62 40.75
N GLN A 349 6.94 -6.06 41.73
CA GLN A 349 6.31 -5.18 42.72
C GLN A 349 5.83 -3.92 42.05
N TRP A 350 6.73 -3.32 41.28
CA TRP A 350 6.42 -2.14 40.54
C TRP A 350 5.19 -2.37 39.64
N SER A 351 5.10 -3.50 38.94
CA SER A 351 3.92 -3.77 38.08
C SER A 351 2.64 -3.96 38.86
N LYS A 352 2.73 -4.37 40.11
CA LYS A 352 1.55 -4.42 40.98
C LYS A 352 1.11 -3.03 41.44
N ASP A 353 2.08 -2.18 41.77
CA ASP A 353 1.81 -0.79 42.19
C ASP A 353 1.13 0.00 41.08
N ASN A 354 1.63 -0.19 39.86
CA ASN A 354 0.95 0.28 38.65
C ASN A 354 -0.15 -0.71 38.31
N GLY A 355 -0.99 -0.34 37.34
CA GLY A 355 -2.10 -1.19 36.93
C GLY A 355 -1.70 -2.31 35.97
N VAL A 356 -0.70 -3.12 36.37
CA VAL A 356 -0.20 -4.24 35.55
C VAL A 356 -0.41 -5.57 36.27
N PRO A 357 -1.56 -6.22 36.00
CA PRO A 357 -1.69 -7.60 36.42
C PRO A 357 -0.66 -8.48 35.77
N VAL A 358 -0.29 -9.51 36.51
CA VAL A 358 0.94 -10.25 36.34
C VAL A 358 0.91 -11.25 35.21
N GLY A 359 1.93 -11.20 34.34
CA GLY A 359 1.95 -11.99 33.11
C GLY A 359 1.89 -13.47 33.43
N PRO A 360 1.31 -14.29 32.54
CA PRO A 360 0.81 -15.63 32.92
C PRO A 360 1.87 -16.69 33.28
N GLY A 361 3.02 -16.63 32.64
CA GLY A 361 4.04 -17.64 32.89
C GLY A 361 4.75 -17.36 34.19
N ARG A 362 5.27 -18.43 34.75
CA ARG A 362 6.30 -18.37 35.77
C ARG A 362 7.33 -19.47 35.45
N GLY A 363 7.19 -20.05 34.26
CA GLY A 363 7.67 -21.38 33.96
C GLY A 363 7.35 -22.38 35.03
N SER A 364 8.41 -23.00 35.55
CA SER A 364 8.36 -23.89 36.69
C SER A 364 8.85 -23.12 37.91
N GLY A 365 8.53 -21.83 37.94
CA GLY A 365 9.00 -20.93 38.98
C GLY A 365 8.28 -21.12 40.28
N ALA A 366 7.13 -21.79 40.27
CA ALA A 366 6.42 -22.15 41.50
C ALA A 366 7.18 -23.17 42.35
N GLY A 367 8.19 -23.81 41.77
CA GLY A 367 9.16 -24.61 42.53
C GLY A 367 9.98 -23.85 43.57
N SER A 368 10.15 -22.55 43.33
CA SER A 368 10.81 -21.63 44.23
C SER A 368 9.83 -20.97 45.21
N LEU A 369 9.94 -21.33 46.48
CA LEU A 369 9.30 -20.62 47.58
C LEU A 369 9.77 -19.17 47.65
N VAL A 370 11.02 -18.93 47.28
CA VAL A 370 11.59 -17.60 47.23
C VAL A 370 10.86 -16.72 46.23
N ALA A 371 10.66 -17.25 45.03
CA ALA A 371 9.89 -16.57 44.01
C ALA A 371 8.52 -16.22 44.58
N TYR A 372 7.88 -17.21 45.21
CA TYR A 372 6.59 -17.00 45.85
C TYR A 372 6.63 -15.93 46.94
N ALA A 373 7.60 -16.02 47.83
CA ALA A 373 7.77 -15.09 48.93
C ALA A 373 7.92 -13.66 48.44
N LEU A 374 8.70 -13.49 47.38
CA LEU A 374 8.91 -12.19 46.73
C LEU A 374 7.75 -11.78 45.84
N LYS A 375 6.66 -12.54 45.86
CA LYS A 375 5.48 -12.32 45.06
C LYS A 375 5.77 -12.51 43.57
N ILE A 376 6.82 -13.27 43.24
CA ILE A 376 7.11 -13.63 41.85
C ILE A 376 6.09 -14.70 41.41
N THR A 377 5.69 -15.59 42.33
CA THR A 377 4.59 -16.55 42.05
C THR A 377 3.31 -16.22 42.85
N ASP A 378 2.26 -17.00 42.60
CA ASP A 378 0.90 -16.59 42.95
C ASP A 378 0.27 -17.39 44.08
N LEU A 379 0.50 -18.70 44.12
CA LEU A 379 -0.08 -19.61 45.15
C LEU A 379 0.96 -20.49 45.87
N ASP A 380 0.53 -21.14 46.96
CA ASP A 380 1.42 -21.64 48.01
C ASP A 380 2.15 -22.94 47.65
N PRO A 381 3.46 -22.83 47.37
CA PRO A 381 4.19 -24.00 47.01
C PRO A 381 4.47 -24.97 48.14
N LEU A 382 4.53 -24.50 49.39
CA LEU A 382 4.76 -25.40 50.54
C LEU A 382 3.50 -26.09 51.03
N GLU A 383 2.33 -25.56 50.65
CA GLU A 383 1.07 -26.29 50.85
C GLU A 383 1.08 -27.59 50.06
N PHE A 384 1.65 -27.52 48.86
CA PHE A 384 1.68 -28.64 47.90
C PHE A 384 3.09 -29.19 47.57
N ASP A 385 4.10 -28.95 48.40
CA ASP A 385 5.49 -29.33 48.09
C ASP A 385 5.99 -29.10 46.63
N LEU A 386 6.03 -27.84 46.22
CA LEU A 386 6.49 -27.47 44.87
C LEU A 386 8.00 -27.15 44.91
N LEU A 387 8.75 -27.57 43.88
CA LEU A 387 10.20 -27.87 43.99
C LEU A 387 11.24 -27.03 43.24
N PHE A 388 12.13 -26.45 44.02
CA PHE A 388 13.14 -25.54 43.51
C PHE A 388 14.19 -26.19 42.64
N GLU A 389 14.60 -27.40 42.97
CA GLU A 389 15.77 -27.97 42.32
C GLU A 389 15.48 -28.47 40.90
N ARG A 390 14.23 -28.38 40.44
CA ARG A 390 13.96 -28.36 38.98
C ARG A 390 14.34 -27.01 38.40
N PHE A 391 14.09 -25.95 39.18
CA PHE A 391 14.14 -24.57 38.72
C PHE A 391 15.56 -24.04 38.70
N LEU A 392 16.35 -24.47 39.68
CA LEU A 392 17.79 -24.45 39.55
C LEU A 392 18.43 -25.64 40.29
N ASN A 393 19.17 -26.46 39.55
CA ASN A 393 19.90 -27.63 40.08
C ASN A 393 21.37 -27.23 40.33
N PRO A 394 21.90 -27.34 41.57
CA PRO A 394 23.31 -26.95 41.90
C PRO A 394 24.44 -27.76 41.25
N GLU A 395 24.20 -29.06 41.07
CA GLU A 395 25.19 -29.95 40.44
C GLU A 395 25.11 -29.88 38.90
N ARG A 396 24.22 -29.04 38.37
CA ARG A 396 24.20 -28.65 36.98
C ARG A 396 24.48 -27.15 37.00
N VAL A 397 25.75 -26.80 36.84
CA VAL A 397 26.16 -25.39 36.82
C VAL A 397 26.17 -24.98 35.34
N SER A 398 24.96 -24.74 34.84
CA SER A 398 24.69 -24.40 33.46
C SER A 398 23.45 -23.50 33.52
N MET A 399 22.64 -23.49 32.46
CA MET A 399 21.37 -22.74 32.41
C MET A 399 20.55 -22.77 33.71
N PRO A 400 20.23 -21.57 34.26
CA PRO A 400 19.43 -21.40 35.47
C PRO A 400 17.97 -21.01 35.18
N ASP A 401 17.43 -21.51 34.07
CA ASP A 401 16.28 -20.87 33.42
C ASP A 401 15.25 -20.32 34.39
N PHE A 402 15.12 -19.01 34.38
CA PHE A 402 14.21 -18.33 35.26
C PHE A 402 12.78 -18.31 34.68
N ASP A 403 12.68 -18.47 33.35
CA ASP A 403 11.42 -18.90 32.70
C ASP A 403 10.23 -17.96 32.96
N VAL A 404 10.48 -16.66 32.92
CA VAL A 404 9.44 -15.68 33.23
C VAL A 404 8.93 -15.13 31.91
N ASP A 405 7.63 -14.86 31.84
CA ASP A 405 7.08 -14.00 30.81
C ASP A 405 6.26 -12.82 31.41
N PHE A 406 5.72 -11.94 30.57
CA PHE A 406 4.94 -10.81 31.08
C PHE A 406 3.79 -10.45 30.15
N CYS A 407 2.86 -9.66 30.65
CA CYS A 407 1.60 -9.45 29.93
C CYS A 407 1.63 -8.30 28.92
N MET A 408 1.24 -8.66 27.69
CA MET A 408 1.01 -7.78 26.56
C MET A 408 0.20 -6.53 26.87
N GLU A 409 -0.87 -6.71 27.63
CA GLU A 409 -1.72 -5.59 28.04
C GLU A 409 -0.98 -4.32 28.44
N LYS A 410 0.16 -4.50 29.11
CA LYS A 410 0.89 -3.38 29.67
C LYS A 410 2.31 -3.28 29.11
N ARG A 411 2.50 -3.79 27.89
CA ARG A 411 3.83 -3.99 27.29
C ARG A 411 4.77 -2.77 27.23
N ASP A 412 4.22 -1.66 26.72
CA ASP A 412 4.99 -0.47 26.42
C ASP A 412 5.32 0.18 27.73
N GLN A 413 4.37 0.10 28.67
CA GLN A 413 4.57 0.53 30.05
C GLN A 413 5.81 -0.13 30.68
N VAL A 414 5.97 -1.44 30.46
CA VAL A 414 7.02 -2.23 31.14
C VAL A 414 8.36 -1.93 30.51
N ILE A 415 8.35 -1.97 29.19
CA ILE A 415 9.54 -1.71 28.42
C ILE A 415 10.03 -0.34 28.84
N GLU A 416 9.09 0.58 28.91
CA GLU A 416 9.38 1.97 29.23
C GLU A 416 9.95 2.13 30.61
N HIS A 417 9.37 1.44 31.59
CA HIS A 417 9.83 1.56 32.95
C HIS A 417 11.22 1.04 33.11
N VAL A 418 11.52 -0.05 32.43
CA VAL A 418 12.84 -0.66 32.48
C VAL A 418 13.88 0.11 31.67
N ALA A 419 13.43 0.89 30.69
CA ALA A 419 14.31 1.87 30.04
C ALA A 419 14.57 3.08 30.96
N ASP A 420 13.51 3.58 31.63
CA ASP A 420 13.65 4.62 32.68
C ASP A 420 14.61 4.16 33.77
N MET A 421 14.57 2.86 34.08
CA MET A 421 15.35 2.30 35.17
C MET A 421 16.80 2.05 34.80
N TYR A 422 17.04 1.37 33.67
CA TYR A 422 18.39 0.96 33.25
C TYR A 422 19.04 1.88 32.24
N GLY A 423 18.23 2.48 31.37
CA GLY A 423 18.72 3.23 30.22
C GLY A 423 18.20 2.53 29.00
N ARG A 424 17.53 3.30 28.13
CA ARG A 424 16.96 2.77 26.90
C ARG A 424 17.95 1.95 26.07
N ASP A 425 19.20 2.41 25.96
CA ASP A 425 20.23 1.68 25.21
C ASP A 425 20.95 0.56 25.97
N ALA A 426 20.70 0.41 27.27
CA ALA A 426 21.23 -0.72 28.05
C ALA A 426 20.39 -2.00 27.90
N VAL A 427 19.30 -1.89 27.16
CA VAL A 427 18.21 -2.81 27.20
C VAL A 427 17.72 -2.97 25.76
N SER A 428 17.19 -4.14 25.42
CA SER A 428 16.47 -4.30 24.15
C SER A 428 15.54 -5.49 24.14
N GLN A 429 14.65 -5.48 23.15
CA GLN A 429 13.72 -6.56 22.90
C GLN A 429 14.37 -7.54 21.90
N ILE A 430 13.63 -8.56 21.43
CA ILE A 430 14.19 -9.71 20.70
C ILE A 430 13.51 -10.01 19.35
N ILE A 431 14.26 -10.46 18.32
CA ILE A 431 13.63 -10.91 17.05
C ILE A 431 12.57 -11.97 17.31
N THR A 432 11.41 -11.77 16.70
CA THR A 432 10.44 -12.84 16.54
C THR A 432 10.19 -12.84 15.08
N PHE A 433 11.14 -13.44 14.37
CA PHE A 433 10.99 -13.67 12.94
C PHE A 433 9.69 -14.52 12.78
N GLY A 434 8.73 -14.08 11.95
CA GLY A 434 7.48 -14.83 11.75
C GLY A 434 7.85 -16.15 11.14
N THR A 435 7.48 -17.27 11.78
CA THR A 435 7.97 -18.60 11.38
C THR A 435 7.50 -18.97 9.96
N MET A 436 8.47 -19.20 9.05
CA MET A 436 8.19 -19.61 7.64
C MET A 436 7.44 -20.93 7.64
N ALA A 437 6.12 -20.86 7.54
CA ALA A 437 5.30 -22.05 7.43
C ALA A 437 5.49 -22.70 6.06
N ALA A 438 5.14 -23.98 5.99
CA ALA A 438 5.09 -24.70 4.72
C ALA A 438 4.22 -23.91 3.76
N LYS A 439 3.05 -23.49 4.23
CA LYS A 439 2.20 -22.48 3.56
C LYS A 439 3.00 -21.39 2.86
N ALA A 440 3.76 -20.64 3.64
CA ALA A 440 4.38 -19.39 3.19
C ALA A 440 5.45 -19.58 2.13
N VAL A 441 6.37 -20.46 2.44
CA VAL A 441 7.50 -20.75 1.56
C VAL A 441 7.00 -21.23 0.19
N ILE A 442 5.98 -22.10 0.18
CA ILE A 442 5.37 -22.57 -1.08
C ILE A 442 4.74 -21.42 -1.80
N ARG A 443 3.90 -20.71 -1.07
CA ARG A 443 3.12 -19.60 -1.59
C ARG A 443 4.03 -18.67 -2.35
N ASP A 444 5.15 -18.35 -1.72
CA ASP A 444 5.98 -17.28 -2.20
C ASP A 444 6.84 -17.70 -3.35
N VAL A 445 7.43 -18.89 -3.26
CA VAL A 445 8.10 -19.52 -4.39
C VAL A 445 7.22 -19.49 -5.66
N GLY A 446 5.98 -19.93 -5.47
CA GLY A 446 5.06 -20.16 -6.57
C GLY A 446 4.68 -18.94 -7.36
N ARG A 447 4.36 -17.87 -6.65
CA ARG A 447 3.97 -16.63 -7.30
C ARG A 447 5.14 -15.98 -8.00
N VAL A 448 6.30 -16.05 -7.36
CA VAL A 448 7.54 -15.53 -7.94
C VAL A 448 7.88 -16.24 -9.23
N LEU A 449 7.69 -17.56 -9.25
CA LEU A 449 7.94 -18.34 -10.46
C LEU A 449 6.82 -18.20 -11.51
N GLY A 450 5.75 -17.50 -11.15
CA GLY A 450 4.70 -17.18 -12.08
C GLY A 450 3.71 -18.30 -12.26
N HIS A 451 3.57 -19.21 -11.28
CA HIS A 451 2.40 -20.05 -11.27
C HIS A 451 1.24 -19.28 -10.75
N PRO A 452 0.04 -19.66 -11.18
CA PRO A 452 -1.12 -18.95 -10.73
C PRO A 452 -1.33 -19.09 -9.27
N TYR A 453 -2.13 -18.15 -8.76
CA TYR A 453 -2.58 -18.06 -7.38
C TYR A 453 -3.16 -19.44 -7.02
N GLY A 454 -3.96 -19.98 -7.92
CA GLY A 454 -4.69 -21.22 -7.68
C GLY A 454 -3.81 -22.45 -7.67
N PHE A 455 -2.88 -22.53 -8.61
CA PHE A 455 -1.98 -23.67 -8.75
C PHE A 455 -1.25 -23.96 -7.47
N VAL A 456 -0.62 -22.93 -6.95
CA VAL A 456 0.37 -23.10 -5.89
C VAL A 456 -0.37 -23.23 -4.55
N ASP A 457 -1.47 -22.50 -4.40
CA ASP A 457 -2.29 -22.54 -3.18
C ASP A 457 -3.02 -23.86 -3.03
N ARG A 458 -3.29 -24.52 -4.15
CA ARG A 458 -3.84 -25.89 -4.17
C ARG A 458 -2.87 -26.87 -3.51
N ILE A 459 -1.58 -26.57 -3.60
CA ILE A 459 -0.54 -27.41 -3.03
C ILE A 459 -0.43 -27.11 -1.53
N SER A 460 -0.26 -25.83 -1.19
CA SER A 460 -0.03 -25.43 0.20
C SER A 460 -1.19 -25.67 1.17
N LYS A 461 -2.44 -25.50 0.72
CA LYS A 461 -3.61 -25.70 1.62
C LYS A 461 -3.85 -27.18 2.00
N LEU A 462 -3.21 -28.12 1.29
CA LEU A 462 -3.14 -29.55 1.69
C LEU A 462 -2.24 -29.85 2.90
N ILE A 463 -1.24 -29.00 3.11
CA ILE A 463 -0.23 -29.22 4.14
C ILE A 463 -0.89 -28.97 5.51
N PRO A 464 -0.76 -29.93 6.46
CA PRO A 464 -1.29 -29.75 7.82
C PRO A 464 -0.81 -28.44 8.52
N PRO A 465 -1.55 -27.95 9.55
CA PRO A 465 -1.16 -26.67 10.18
C PRO A 465 0.14 -26.64 11.01
N ASP A 466 0.77 -27.80 11.28
CA ASP A 466 2.04 -27.91 12.07
C ASP A 466 3.09 -26.80 11.81
N PRO A 467 3.67 -26.21 12.89
CA PRO A 467 4.72 -25.22 12.65
C PRO A 467 6.01 -25.83 12.13
N GLY A 468 6.35 -27.01 12.63
CA GLY A 468 7.52 -27.76 12.18
C GLY A 468 7.35 -28.59 10.92
N MET A 469 6.31 -28.32 10.13
CA MET A 469 6.09 -29.02 8.87
C MET A 469 7.22 -28.72 7.86
N THR A 470 7.72 -29.77 7.22
CA THR A 470 8.82 -29.74 6.24
C THR A 470 8.34 -30.49 5.02
N LEU A 471 9.11 -30.44 3.94
CA LEU A 471 8.72 -31.13 2.72
C LEU A 471 8.88 -32.64 2.86
N ALA A 472 9.94 -33.04 3.58
CA ALA A 472 10.12 -34.43 3.98
C ALA A 472 8.89 -34.95 4.75
N LYS A 473 8.46 -34.20 5.79
CA LYS A 473 7.22 -34.50 6.54
C LYS A 473 5.96 -34.42 5.69
N ALA A 474 5.89 -33.43 4.79
CA ALA A 474 4.71 -33.20 3.97
C ALA A 474 4.41 -34.41 3.06
N PHE A 475 5.46 -34.94 2.43
CA PHE A 475 5.36 -36.16 1.58
C PHE A 475 4.79 -37.41 2.27
N GLU A 476 5.13 -37.58 3.55
CA GLU A 476 4.71 -38.74 4.33
C GLU A 476 3.32 -38.55 4.99
N ALA A 477 2.96 -37.30 5.32
CA ALA A 477 1.67 -36.98 5.95
C ALA A 477 0.50 -36.86 4.96
N GLU A 478 0.80 -36.46 3.72
CA GLU A 478 -0.23 -36.23 2.69
C GLU A 478 0.14 -36.92 1.36
N PRO A 479 -0.58 -38.01 0.99
CA PRO A 479 -0.38 -38.72 -0.30
C PRO A 479 -0.55 -37.89 -1.58
N GLN A 480 -1.23 -36.74 -1.49
CA GLN A 480 -1.37 -35.84 -2.65
C GLN A 480 -0.06 -35.15 -3.04
N LEU A 481 0.92 -35.10 -2.15
CA LEU A 481 2.22 -34.54 -2.48
C LEU A 481 3.05 -35.43 -3.42
N PRO A 482 3.25 -36.72 -3.07
CA PRO A 482 3.81 -37.65 -4.06
C PRO A 482 3.04 -37.63 -5.39
N GLU A 483 1.71 -37.54 -5.32
CA GLU A 483 0.84 -37.49 -6.50
C GLU A 483 1.14 -36.31 -7.44
N ILE A 484 1.15 -35.09 -6.92
CA ILE A 484 1.40 -33.90 -7.76
C ILE A 484 2.87 -33.78 -8.20
N TYR A 485 3.77 -34.35 -7.38
CA TYR A 485 5.17 -34.53 -7.72
C TYR A 485 5.35 -35.33 -9.02
N GLU A 486 4.72 -36.51 -9.08
CA GLU A 486 4.80 -37.37 -10.27
C GLU A 486 3.96 -36.83 -11.45
N ALA A 487 2.89 -36.06 -11.16
CA ALA A 487 1.94 -35.55 -12.18
C ALA A 487 2.13 -34.07 -12.60
N ASP A 488 3.27 -33.45 -12.26
CA ASP A 488 3.65 -32.11 -12.80
C ASP A 488 5.19 -31.86 -12.82
N GLU A 489 5.78 -31.79 -14.03
CA GLU A 489 7.22 -31.51 -14.23
C GLU A 489 7.68 -30.19 -13.58
N GLU A 490 6.86 -29.15 -13.69
CA GLU A 490 7.19 -27.86 -13.08
C GLU A 490 7.06 -27.89 -11.54
N VAL A 491 6.18 -28.75 -11.00
CA VAL A 491 6.15 -29.01 -9.55
C VAL A 491 7.41 -29.76 -9.05
N LYS A 492 7.95 -30.68 -9.85
CA LYS A 492 9.24 -31.35 -9.52
C LYS A 492 10.38 -30.33 -9.33
N ALA A 493 10.58 -29.52 -10.36
CA ALA A 493 11.53 -28.40 -10.32
C ALA A 493 11.30 -27.51 -9.10
N LEU A 494 10.03 -27.22 -8.81
CA LEU A 494 9.59 -26.44 -7.64
C LEU A 494 10.00 -27.06 -6.33
N ILE A 495 9.72 -28.36 -6.15
CA ILE A 495 9.94 -29.02 -4.86
C ILE A 495 11.43 -29.28 -4.60
N ASP A 496 12.19 -29.63 -5.64
CA ASP A 496 13.65 -29.76 -5.55
C ASP A 496 14.25 -28.45 -5.00
N MET A 497 13.77 -27.32 -5.52
CA MET A 497 14.17 -25.99 -5.06
C MET A 497 13.55 -25.64 -3.69
N ALA A 498 12.26 -25.93 -3.51
CA ALA A 498 11.55 -25.64 -2.26
C ALA A 498 12.06 -26.44 -1.07
N ARG A 499 12.74 -27.55 -1.32
CA ARG A 499 13.48 -28.24 -0.25
C ARG A 499 14.63 -27.43 0.32
N LYS A 500 15.31 -26.67 -0.53
CA LYS A 500 16.31 -25.70 -0.05
C LYS A 500 15.71 -24.47 0.65
N LEU A 501 14.45 -24.13 0.32
CA LEU A 501 13.73 -22.93 0.86
C LEU A 501 12.94 -23.14 2.13
N GLU A 502 12.47 -24.38 2.29
CA GLU A 502 11.75 -24.87 3.46
C GLU A 502 12.39 -24.31 4.74
N GLY A 503 11.63 -23.47 5.46
CA GLY A 503 12.02 -23.00 6.78
C GLY A 503 13.10 -21.92 6.87
N VAL A 504 13.37 -21.24 5.77
CA VAL A 504 14.33 -20.14 5.80
C VAL A 504 13.64 -18.97 6.45
N THR A 505 14.39 -18.08 7.09
CA THR A 505 13.79 -16.90 7.68
C THR A 505 13.18 -16.01 6.59
N ARG A 506 11.92 -15.62 6.81
CA ARG A 506 11.11 -14.87 5.83
C ARG A 506 11.48 -13.40 5.71
N ASN A 507 11.70 -12.76 6.85
CA ASN A 507 12.10 -11.33 6.97
C ASN A 507 12.11 -10.89 8.45
N ALA A 508 12.47 -9.62 8.70
CA ALA A 508 12.56 -9.03 10.04
C ALA A 508 11.46 -9.41 11.03
N GLY A 509 11.84 -9.56 12.30
CA GLY A 509 10.89 -9.79 13.36
C GLY A 509 10.04 -8.55 13.41
N LYS A 510 8.73 -8.72 13.30
CA LYS A 510 7.83 -7.58 13.19
C LYS A 510 7.89 -6.79 14.49
N HIS A 511 7.69 -7.53 15.58
CA HIS A 511 7.80 -7.03 16.93
C HIS A 511 8.30 -8.13 17.86
N ALA A 512 8.85 -7.71 18.99
CA ALA A 512 9.56 -8.60 19.86
C ALA A 512 8.76 -9.76 20.41
N GLY A 513 9.50 -10.66 21.06
CA GLY A 513 8.94 -11.72 21.90
C GLY A 513 9.68 -11.82 23.21
N GLY A 514 10.13 -10.67 23.74
CA GLY A 514 10.92 -10.60 24.98
C GLY A 514 11.89 -9.43 25.07
N VAL A 515 12.63 -9.35 26.19
CA VAL A 515 13.50 -8.21 26.52
C VAL A 515 14.79 -8.67 27.21
N VAL A 516 15.85 -7.87 27.20
CA VAL A 516 17.14 -8.16 27.89
C VAL A 516 17.74 -6.89 28.49
N ILE A 517 18.68 -7.04 29.44
CA ILE A 517 19.42 -5.92 30.06
C ILE A 517 20.93 -6.22 30.16
N ALA A 518 21.75 -5.19 30.00
CA ALA A 518 23.22 -5.27 30.21
C ALA A 518 23.62 -4.38 31.40
N PRO A 519 24.89 -4.47 31.86
CA PRO A 519 25.37 -3.50 32.86
C PRO A 519 25.67 -2.12 32.26
N THR A 520 26.18 -2.11 31.03
CA THR A 520 26.46 -0.89 30.26
C THR A 520 25.53 -0.92 29.04
N LYS A 521 25.75 -0.06 28.06
CA LYS A 521 25.01 -0.14 26.81
C LYS A 521 24.89 -1.60 26.36
N ILE A 522 23.70 -2.02 25.97
CA ILE A 522 23.46 -3.40 25.55
C ILE A 522 24.34 -3.70 24.33
N THR A 523 24.50 -2.66 23.50
CA THR A 523 25.30 -2.69 22.31
C THR A 523 26.79 -2.98 22.55
N ASP A 524 27.27 -2.78 23.79
CA ASP A 524 28.59 -3.27 24.16
C ASP A 524 28.74 -4.78 23.98
N PHE A 525 27.63 -5.53 23.94
CA PHE A 525 27.67 -6.99 23.82
C PHE A 525 26.87 -7.63 22.70
N ALA A 526 25.72 -7.07 22.36
CA ALA A 526 24.89 -7.64 21.30
C ALA A 526 24.36 -6.59 20.34
N PRO A 527 24.08 -6.99 19.09
CA PRO A 527 23.63 -6.03 18.11
C PRO A 527 22.11 -5.93 18.07
N LEU A 528 21.64 -4.89 17.41
CA LEU A 528 20.22 -4.61 17.25
C LEU A 528 19.76 -4.69 15.82
N TYR A 529 18.46 -4.89 15.69
CA TYR A 529 17.70 -4.51 14.52
C TYR A 529 16.54 -3.70 15.09
N CYS A 530 16.03 -2.71 14.34
CA CYS A 530 14.90 -1.88 14.80
C CYS A 530 13.79 -1.74 13.75
N ASP A 531 12.61 -1.26 14.19
CA ASP A 531 11.39 -1.22 13.34
C ASP A 531 11.50 -0.25 12.15
N GLU A 532 10.40 -0.09 11.39
CA GLU A 532 10.39 0.79 10.20
C GLU A 532 10.71 2.28 10.46
N GLU A 533 10.53 2.76 11.70
CA GLU A 533 10.98 4.10 12.10
C GLU A 533 12.35 4.09 12.82
N GLY A 534 13.06 2.97 12.78
CA GLY A 534 14.28 2.80 13.57
C GLY A 534 14.10 2.81 15.08
N LYS A 535 12.91 2.41 15.53
CA LYS A 535 12.53 2.44 16.95
C LYS A 535 12.24 1.04 17.45
N HIS A 536 11.81 0.92 18.71
CA HIS A 536 11.44 -0.37 19.30
C HIS A 536 12.51 -1.42 18.97
N PRO A 537 13.73 -1.23 19.50
CA PRO A 537 14.87 -2.06 19.13
C PRO A 537 14.71 -3.53 19.48
N VAL A 538 15.08 -4.40 18.55
CA VAL A 538 15.09 -5.84 18.81
C VAL A 538 16.49 -6.41 18.61
N THR A 539 16.82 -7.38 19.44
CA THR A 539 18.13 -7.99 19.42
C THR A 539 18.25 -8.84 18.20
N GLN A 540 19.46 -8.86 17.69
CA GLN A 540 19.77 -9.65 16.53
C GLN A 540 19.79 -11.15 16.80
N PHE A 541 19.89 -11.55 18.07
CA PHE A 541 19.79 -12.96 18.44
C PHE A 541 18.36 -13.28 18.85
N ASP A 542 17.90 -14.47 18.47
CA ASP A 542 16.57 -14.95 18.86
C ASP A 542 16.65 -15.62 20.22
N LYS A 543 15.51 -16.10 20.67
CA LYS A 543 15.33 -16.74 21.98
C LYS A 543 16.47 -17.67 22.39
N SER A 544 16.70 -18.71 21.59
CA SER A 544 17.69 -19.72 21.89
C SER A 544 19.09 -19.09 21.90
N ASP A 545 19.36 -18.35 20.84
CA ASP A 545 20.69 -17.80 20.58
C ASP A 545 21.10 -16.73 21.58
N VAL A 546 20.17 -15.84 21.90
CA VAL A 546 20.47 -14.69 22.73
C VAL A 546 20.86 -15.12 24.14
N GLU A 547 20.21 -16.15 24.68
CA GLU A 547 20.52 -16.60 26.02
C GLU A 547 21.74 -17.50 26.03
N TYR A 548 21.96 -18.23 24.94
CA TYR A 548 23.19 -19.02 24.81
C TYR A 548 24.41 -18.10 24.71
N ALA A 549 24.20 -16.85 24.28
CA ALA A 549 25.21 -15.77 24.39
C ALA A 549 25.42 -15.22 25.80
N GLY A 550 24.62 -15.70 26.76
CA GLY A 550 24.84 -15.43 28.18
C GLY A 550 24.00 -14.31 28.76
N LEU A 551 23.01 -13.85 28.01
CA LEU A 551 22.25 -12.66 28.36
C LEU A 551 20.78 -12.97 28.65
N VAL A 552 20.15 -12.06 29.40
CA VAL A 552 18.95 -12.38 30.16
C VAL A 552 17.65 -12.38 29.36
N LYS A 553 16.81 -13.41 29.57
CA LYS A 553 15.56 -13.58 28.80
C LYS A 553 14.31 -13.50 29.65
N PHE A 554 13.26 -13.00 29.02
CA PHE A 554 11.90 -12.95 29.59
C PHE A 554 11.01 -13.11 28.38
N ASP A 555 10.23 -14.18 28.30
CA ASP A 555 9.51 -14.42 27.05
C ASP A 555 8.19 -13.68 26.99
N PHE A 556 7.63 -13.66 25.78
CA PHE A 556 6.27 -13.23 25.59
C PHE A 556 5.30 -14.33 25.95
N LEU A 557 4.24 -13.92 26.64
CA LEU A 557 2.93 -14.56 26.54
C LEU A 557 1.88 -13.47 26.76
N GLY A 558 1.25 -13.04 25.66
CA GLY A 558 0.09 -12.16 25.70
C GLY A 558 -1.14 -13.02 25.90
N LEU A 559 -1.54 -13.15 27.16
CA LEU A 559 -2.75 -13.85 27.50
C LEU A 559 -3.71 -12.75 27.62
N ARG A 560 -4.66 -12.75 26.71
CA ARG A 560 -5.68 -11.74 26.70
C ARG A 560 -6.42 -11.94 28.01
N THR A 561 -6.33 -13.17 28.53
CA THR A 561 -6.86 -13.49 29.83
C THR A 561 -6.49 -12.62 31.06
N LEU A 562 -5.29 -12.03 31.16
CA LEU A 562 -4.96 -11.21 32.32
C LEU A 562 -5.64 -9.88 32.15
N THR A 563 -5.77 -9.48 30.89
CA THR A 563 -6.47 -8.27 30.55
C THR A 563 -7.92 -8.41 30.94
N ILE A 564 -8.49 -9.59 30.65
CA ILE A 564 -9.83 -9.96 31.10
C ILE A 564 -9.94 -9.71 32.57
N ILE A 565 -9.05 -10.33 33.29
CA ILE A 565 -9.08 -10.31 34.72
C ILE A 565 -9.01 -8.90 35.15
N ASN A 566 -7.96 -8.21 34.69
CA ASN A 566 -7.78 -6.81 34.97
C ASN A 566 -9.09 -6.08 34.79
N TRP A 567 -9.64 -6.17 33.59
CA TRP A 567 -10.83 -5.41 33.23
C TRP A 567 -12.03 -5.84 34.07
N ALA A 568 -12.15 -7.15 34.28
CA ALA A 568 -13.21 -7.70 35.09
C ALA A 568 -13.11 -7.20 36.50
N LEU A 569 -11.89 -7.19 37.03
CA LEU A 569 -11.62 -6.70 38.38
C LEU A 569 -12.02 -5.25 38.57
N GLU A 570 -11.62 -4.41 37.62
CA GLU A 570 -11.96 -3.00 37.67
C GLU A 570 -13.46 -2.82 37.69
N MET A 571 -14.16 -3.62 36.89
CA MET A 571 -15.60 -3.49 36.72
C MET A 571 -16.35 -4.13 37.90
N ILE A 572 -15.76 -5.16 38.48
CA ILE A 572 -16.28 -5.77 39.71
C ILE A 572 -16.10 -4.82 40.87
N ASN A 573 -14.92 -4.22 40.96
CA ASN A 573 -14.64 -3.32 42.06
C ASN A 573 -15.31 -1.95 41.87
N LYS A 574 -15.86 -1.69 40.70
CA LYS A 574 -16.85 -0.63 40.56
C LYS A 574 -18.11 -1.03 41.26
N ARG A 575 -18.53 -2.27 41.07
CA ARG A 575 -19.57 -2.88 41.91
C ARG A 575 -19.26 -2.87 43.41
N ARG A 576 -18.08 -2.39 43.81
CA ARG A 576 -17.82 -2.03 45.21
C ARG A 576 -18.81 -0.97 45.62
N ALA A 577 -18.54 0.27 45.22
CA ALA A 577 -19.29 1.43 45.70
C ALA A 577 -20.79 1.25 45.43
N LYS A 578 -21.12 0.61 44.30
CA LYS A 578 -22.50 0.28 43.92
C LYS A 578 -23.25 -0.57 44.96
N ASN A 579 -22.55 -1.48 45.63
CA ASN A 579 -23.15 -2.37 46.65
C ASN A 579 -22.18 -2.81 47.77
N GLY A 580 -21.25 -1.93 48.15
CA GLY A 580 -20.33 -2.20 49.27
C GLY A 580 -19.61 -3.56 49.30
N GLU A 581 -19.24 -4.09 48.12
CA GLU A 581 -18.49 -5.34 48.00
C GLU A 581 -16.98 -5.02 47.86
N PRO A 582 -16.15 -5.41 48.85
CA PRO A 582 -14.80 -4.81 49.00
C PRO A 582 -13.82 -5.00 47.82
N PRO A 583 -12.72 -4.21 47.76
CA PRO A 583 -11.71 -4.40 46.69
C PRO A 583 -11.18 -5.82 46.68
N LEU A 584 -11.13 -6.42 45.51
CA LEU A 584 -10.84 -7.83 45.40
C LEU A 584 -9.52 -7.98 44.68
N ASP A 585 -8.63 -8.74 45.31
CA ASP A 585 -7.27 -8.99 44.84
C ASP A 585 -7.28 -10.46 44.45
N ILE A 586 -6.99 -10.74 43.19
CA ILE A 586 -6.99 -12.11 42.70
C ILE A 586 -6.11 -13.06 43.51
N ALA A 587 -4.98 -12.54 43.99
CA ALA A 587 -4.11 -13.32 44.87
C ALA A 587 -4.81 -13.70 46.19
N ALA A 588 -5.77 -12.87 46.63
CA ALA A 588 -6.48 -13.04 47.90
C ALA A 588 -7.83 -13.78 47.85
N ILE A 589 -8.06 -14.57 46.80
CA ILE A 589 -9.31 -15.35 46.70
C ILE A 589 -9.31 -16.56 47.62
N PRO A 590 -10.51 -16.97 48.12
CA PRO A 590 -10.60 -18.25 48.82
C PRO A 590 -10.53 -19.39 47.84
N LEU A 591 -9.94 -20.51 48.27
CA LEU A 591 -9.58 -21.61 47.38
C LEU A 591 -10.53 -22.84 47.55
N ASP A 592 -11.67 -22.64 48.20
CA ASP A 592 -12.56 -23.76 48.61
C ASP A 592 -14.03 -23.56 48.21
N ASP A 593 -14.29 -22.64 47.28
CA ASP A 593 -15.66 -22.28 46.96
C ASP A 593 -16.40 -23.36 46.19
N LYS A 594 -17.55 -23.78 46.72
CA LYS A 594 -18.31 -24.88 46.12
C LYS A 594 -19.21 -24.45 44.95
N LYS A 595 -19.80 -23.25 44.98
CA LYS A 595 -20.42 -22.65 43.76
C LYS A 595 -19.51 -22.85 42.56
N SER A 596 -18.25 -22.48 42.75
CA SER A 596 -17.23 -22.64 41.73
C SER A 596 -17.15 -24.10 41.27
N PHE A 597 -16.93 -24.99 42.22
CA PHE A 597 -16.89 -26.43 41.94
C PHE A 597 -18.23 -27.04 41.40
N ASP A 598 -19.37 -26.48 41.79
CA ASP A 598 -20.69 -26.93 41.27
C ASP A 598 -20.79 -26.66 39.78
N MET A 599 -20.45 -25.43 39.42
CA MET A 599 -20.51 -24.96 38.04
C MET A 599 -19.49 -25.68 37.15
N LEU A 600 -18.34 -25.97 37.73
CA LEU A 600 -17.32 -26.81 37.12
C LEU A 600 -17.84 -28.21 36.85
N GLN A 601 -18.51 -28.79 37.83
CA GLN A 601 -19.14 -30.11 37.70
C GLN A 601 -20.20 -30.15 36.59
N ARG A 602 -20.82 -29.01 36.33
CA ARG A 602 -21.75 -28.87 35.19
C ARG A 602 -21.06 -28.65 33.84
N SER A 603 -19.72 -28.67 33.83
CA SER A 603 -18.90 -28.68 32.61
C SER A 603 -19.04 -27.39 31.77
N GLU A 604 -19.36 -26.30 32.46
CA GLU A 604 -19.59 -25.01 31.83
C GLU A 604 -18.30 -24.19 31.82
N THR A 605 -17.22 -24.79 31.28
CA THR A 605 -15.84 -24.31 31.51
C THR A 605 -15.16 -23.73 30.27
N THR A 606 -15.98 -23.18 29.38
CA THR A 606 -15.47 -22.69 28.13
C THR A 606 -14.85 -21.35 28.39
N ALA A 607 -13.77 -21.06 27.66
CA ALA A 607 -12.96 -19.85 27.85
C ALA A 607 -12.27 -19.80 29.21
N VAL A 608 -12.27 -20.91 29.93
CA VAL A 608 -11.34 -21.12 30.99
C VAL A 608 -10.14 -21.68 30.26
N PHE A 609 -8.98 -21.09 30.54
CA PHE A 609 -7.82 -21.29 29.71
C PHE A 609 -7.31 -22.72 29.80
N GLN A 610 -7.04 -23.29 28.63
CA GLN A 610 -6.59 -24.69 28.45
C GLN A 610 -7.68 -25.72 28.70
N LEU A 611 -8.90 -25.24 28.89
CA LEU A 611 -10.11 -26.05 28.94
C LEU A 611 -10.97 -25.65 27.75
N GLU A 612 -10.28 -25.19 26.71
CA GLU A 612 -10.84 -24.76 25.46
C GLU A 612 -11.04 -25.97 24.54
N SER A 613 -10.27 -27.05 24.70
CA SER A 613 -10.41 -28.22 23.84
C SER A 613 -11.76 -28.94 24.11
N ARG A 614 -12.31 -29.55 23.05
CA ARG A 614 -13.59 -30.28 23.14
C ARG A 614 -13.40 -31.52 23.97
N GLY A 615 -12.37 -32.29 23.62
CA GLY A 615 -11.96 -33.47 24.37
C GLY A 615 -11.74 -33.16 25.83
N MET A 616 -11.11 -32.03 26.12
CA MET A 616 -10.86 -31.60 27.49
C MET A 616 -12.15 -31.31 28.27
N LYS A 617 -13.15 -30.72 27.60
CA LYS A 617 -14.47 -30.55 28.21
C LYS A 617 -15.16 -31.88 28.46
N ASP A 618 -14.99 -32.82 27.53
CA ASP A 618 -15.43 -34.20 27.74
C ASP A 618 -14.72 -34.79 28.96
N LEU A 619 -13.42 -34.54 29.07
CA LEU A 619 -12.59 -35.06 30.16
C LEU A 619 -12.99 -34.50 31.53
N ILE A 620 -13.31 -33.22 31.60
CA ILE A 620 -13.83 -32.60 32.83
C ILE A 620 -15.07 -33.31 33.34
N LYS A 621 -15.97 -33.54 32.40
CA LYS A 621 -17.24 -34.23 32.62
C LYS A 621 -16.97 -35.61 33.25
N ARG A 622 -16.06 -36.37 32.63
CA ARG A 622 -15.72 -37.70 33.13
C ARG A 622 -14.88 -37.66 34.42
N LEU A 623 -14.02 -36.66 34.53
CA LEU A 623 -13.04 -36.57 35.64
C LEU A 623 -13.66 -36.17 36.97
N GLN A 624 -14.60 -35.22 36.96
CA GLN A 624 -15.26 -34.77 38.20
C GLN A 624 -14.22 -34.35 39.28
N PRO A 625 -13.26 -33.45 38.94
CA PRO A 625 -12.19 -33.09 39.89
C PRO A 625 -12.74 -32.28 41.05
N ASP A 626 -12.48 -32.72 42.29
CA ASP A 626 -13.13 -32.16 43.50
C ASP A 626 -12.12 -31.57 44.50
N CYS A 627 -10.89 -31.39 44.05
CA CYS A 627 -9.87 -30.69 44.79
C CYS A 627 -8.92 -30.08 43.80
N PHE A 628 -8.14 -29.15 44.31
CA PHE A 628 -7.29 -28.33 43.48
C PHE A 628 -6.21 -29.10 42.73
N GLU A 629 -5.62 -30.09 43.39
CA GLU A 629 -4.60 -30.91 42.75
C GLU A 629 -5.11 -31.63 41.50
N ASP A 630 -6.36 -32.09 41.50
CA ASP A 630 -6.97 -32.70 40.30
C ASP A 630 -7.05 -31.69 39.16
N MET A 631 -7.36 -30.47 39.55
CA MET A 631 -7.43 -29.38 38.62
C MET A 631 -6.06 -29.03 38.05
N ILE A 632 -5.01 -29.13 38.86
CA ILE A 632 -3.66 -28.89 38.34
C ILE A 632 -3.32 -29.96 37.32
N ALA A 633 -3.81 -31.17 37.56
CA ALA A 633 -3.51 -32.32 36.71
C ALA A 633 -4.07 -32.25 35.30
N LEU A 634 -5.17 -31.51 35.14
CA LEU A 634 -5.93 -31.53 33.89
C LEU A 634 -5.15 -31.27 32.61
N VAL A 635 -4.16 -30.39 32.66
CA VAL A 635 -3.32 -30.08 31.50
C VAL A 635 -2.38 -31.23 31.18
N ALA A 636 -1.85 -31.84 32.24
CA ALA A 636 -0.98 -32.99 32.08
C ALA A 636 -1.78 -34.20 31.59
N LEU A 637 -3.07 -34.25 31.93
CA LEU A 637 -3.96 -35.29 31.43
C LEU A 637 -4.29 -35.21 29.95
N PHE A 638 -4.67 -34.05 29.47
CA PHE A 638 -5.19 -33.95 28.10
C PHE A 638 -4.06 -33.89 27.08
N ARG A 639 -3.46 -35.05 26.83
CA ARG A 639 -2.26 -35.18 26.01
C ARG A 639 -2.17 -36.59 25.43
N PRO A 640 -1.32 -36.78 24.39
CA PRO A 640 -1.16 -38.09 23.73
C PRO A 640 -0.76 -39.23 24.66
N GLY A 641 0.17 -38.98 25.57
CA GLY A 641 0.64 -40.04 26.46
C GLY A 641 -0.42 -40.61 27.41
N PRO A 642 -0.97 -39.75 28.28
CA PRO A 642 -1.97 -40.17 29.27
C PRO A 642 -3.23 -40.81 28.68
N LEU A 643 -3.74 -40.29 27.57
CA LEU A 643 -4.93 -40.87 26.95
C LEU A 643 -4.61 -42.22 26.31
N GLN A 644 -3.42 -42.36 25.70
CA GLN A 644 -2.94 -43.63 25.13
C GLN A 644 -2.12 -44.49 26.09
N SER A 645 -2.32 -44.34 27.40
CA SER A 645 -1.85 -45.34 28.36
C SER A 645 -2.97 -45.72 29.35
N GLY A 646 -4.22 -45.43 28.98
CA GLY A 646 -5.40 -45.58 29.86
C GLY A 646 -5.38 -44.78 31.16
N MET A 647 -4.55 -43.74 31.19
CA MET A 647 -4.21 -43.04 32.45
C MET A 647 -5.37 -42.24 32.99
N VAL A 648 -6.15 -41.69 32.06
CA VAL A 648 -7.36 -40.95 32.38
C VAL A 648 -8.32 -41.85 33.16
N ASP A 649 -8.60 -43.03 32.59
CA ASP A 649 -9.57 -43.98 33.19
C ASP A 649 -9.05 -44.58 34.50
N ASN A 650 -7.74 -44.82 34.58
CA ASN A 650 -7.08 -45.23 35.81
C ASN A 650 -7.31 -44.22 36.89
N PHE A 651 -6.94 -42.99 36.60
CA PHE A 651 -7.06 -41.96 37.60
C PHE A 651 -8.51 -41.76 38.00
N ILE A 652 -9.42 -41.70 37.04
CA ILE A 652 -10.87 -41.60 37.31
C ILE A 652 -11.36 -42.68 38.29
N ASP A 653 -11.00 -43.93 37.98
CA ASP A 653 -11.37 -45.07 38.81
C ASP A 653 -10.71 -45.00 40.18
N ARG A 654 -9.40 -44.73 40.18
CA ARG A 654 -8.62 -44.70 41.41
C ARG A 654 -9.06 -43.56 42.32
N LYS A 655 -9.48 -42.44 41.70
CA LYS A 655 -9.99 -41.26 42.42
C LYS A 655 -11.24 -41.53 43.27
N HIS A 656 -12.21 -42.27 42.74
CA HIS A 656 -13.50 -42.46 43.43
C HIS A 656 -13.66 -43.79 44.21
N GLY A 657 -12.55 -44.52 44.42
CA GLY A 657 -12.63 -45.84 45.08
C GLY A 657 -13.11 -46.97 44.20
N ARG A 658 -13.14 -46.75 42.88
CA ARG A 658 -13.38 -47.80 41.87
C ARG A 658 -12.14 -48.71 41.70
N GLU A 659 -10.96 -48.16 41.96
CA GLU A 659 -9.69 -48.92 42.00
C GLU A 659 -8.86 -48.44 43.20
N GLU A 660 -8.16 -49.38 43.85
CA GLU A 660 -7.51 -49.13 45.15
C GLU A 660 -6.36 -48.11 45.00
N ILE A 661 -6.22 -47.23 46.00
CA ILE A 661 -5.08 -46.31 46.08
C ILE A 661 -3.87 -47.09 46.56
N SER A 662 -2.79 -46.94 45.82
CA SER A 662 -1.53 -47.57 46.13
C SER A 662 -0.47 -46.51 45.97
N TYR A 663 0.70 -46.71 46.57
CA TYR A 663 1.76 -45.71 46.63
C TYR A 663 3.07 -46.23 46.02
N PRO A 664 3.16 -46.39 44.69
CA PRO A 664 2.17 -45.97 43.69
C PRO A 664 1.30 -47.08 43.04
N ASP A 665 1.80 -48.31 42.97
CA ASP A 665 1.19 -49.37 42.13
C ASP A 665 0.52 -50.47 42.99
N VAL A 666 -0.52 -51.10 42.40
CA VAL A 666 -1.31 -52.18 43.04
C VAL A 666 -0.38 -53.25 43.67
N GLN A 667 0.60 -53.72 42.89
CA GLN A 667 1.62 -54.69 43.34
C GLN A 667 2.76 -53.96 44.09
N TRP A 668 3.37 -53.00 43.39
CA TRP A 668 4.59 -52.32 43.85
C TRP A 668 4.29 -51.00 44.54
N GLN A 669 4.00 -51.08 45.83
CA GLN A 669 3.63 -49.90 46.65
C GLN A 669 4.37 -49.77 47.98
N HIS A 670 4.45 -48.53 48.46
CA HIS A 670 5.14 -48.18 49.71
C HIS A 670 4.56 -46.89 50.35
N GLU A 671 4.10 -47.04 51.59
CA GLU A 671 3.38 -45.98 52.34
C GLU A 671 4.21 -44.72 52.69
N SER A 672 5.54 -44.84 52.74
CA SER A 672 6.42 -43.66 52.87
C SER A 672 6.38 -42.69 51.67
N LEU A 673 5.83 -43.14 50.54
CA LEU A 673 5.58 -42.27 49.38
C LEU A 673 4.22 -41.60 49.41
N LYS A 674 3.43 -41.89 50.44
CA LYS A 674 2.10 -41.28 50.62
C LYS A 674 2.13 -39.74 50.67
N PRO A 675 3.10 -39.13 51.41
CA PRO A 675 3.22 -37.65 51.36
C PRO A 675 3.37 -37.09 49.94
N VAL A 676 4.15 -37.77 49.11
CA VAL A 676 4.35 -37.39 47.70
C VAL A 676 3.08 -37.62 46.88
N LEU A 677 2.53 -38.83 47.00
CA LEU A 677 1.45 -39.29 46.11
C LEU A 677 0.00 -39.10 46.63
N GLU A 678 -0.17 -38.64 47.87
CA GLU A 678 -1.52 -38.33 48.45
C GLU A 678 -2.49 -37.61 47.51
N PRO A 679 -2.09 -36.43 47.02
CA PRO A 679 -3.02 -35.63 46.22
C PRO A 679 -3.42 -36.23 44.88
N THR A 680 -2.63 -37.17 44.35
CA THR A 680 -2.95 -37.82 43.08
C THR A 680 -3.52 -39.23 43.25
N TYR A 681 -3.87 -39.60 44.49
CA TYR A 681 -4.48 -40.89 44.82
C TYR A 681 -3.67 -42.08 44.33
N GLY A 682 -2.35 -41.96 44.54
CA GLY A 682 -1.42 -43.00 44.14
C GLY A 682 -1.02 -43.05 42.68
N ILE A 683 -1.48 -42.10 41.88
CA ILE A 683 -1.15 -42.07 40.44
C ILE A 683 0.14 -41.23 40.23
N ILE A 684 1.09 -41.81 39.47
CA ILE A 684 2.43 -41.25 39.28
C ILE A 684 2.34 -40.24 38.15
N LEU A 685 2.28 -38.95 38.50
CA LEU A 685 1.98 -37.91 37.52
C LEU A 685 3.10 -36.92 37.23
N TYR A 686 3.81 -36.47 38.26
CA TYR A 686 4.59 -35.26 38.11
C TYR A 686 6.07 -35.46 38.09
N GLN A 687 6.73 -34.51 37.45
CA GLN A 687 8.16 -34.38 37.48
C GLN A 687 8.61 -34.14 38.89
N GLU A 688 7.78 -33.38 39.61
CA GLU A 688 7.98 -33.12 41.03
C GLU A 688 7.95 -34.37 41.88
N GLN A 689 7.02 -35.26 41.60
CA GLN A 689 6.87 -36.51 42.34
C GLN A 689 8.08 -37.39 42.13
N VAL A 690 8.55 -37.45 40.87
CA VAL A 690 9.80 -38.14 40.52
C VAL A 690 10.87 -37.78 41.54
N MET A 691 11.11 -36.49 41.64
CA MET A 691 12.26 -36.01 42.34
C MET A 691 12.07 -36.06 43.84
N GLN A 692 10.85 -35.76 44.30
CA GLN A 692 10.43 -35.99 45.70
C GLN A 692 10.76 -37.37 46.19
N ILE A 693 10.38 -38.36 45.40
CA ILE A 693 10.42 -39.74 45.84
C ILE A 693 11.86 -40.27 45.78
N ALA A 694 12.67 -39.80 44.83
CA ALA A 694 14.11 -40.10 44.81
C ALA A 694 14.79 -39.60 46.08
N GLN A 695 14.47 -38.36 46.44
CA GLN A 695 15.01 -37.75 47.66
C GLN A 695 14.48 -38.42 48.92
N VAL A 696 13.16 -38.56 49.02
CA VAL A 696 12.49 -39.06 50.23
C VAL A 696 12.71 -40.56 50.45
N LEU A 697 12.44 -41.36 49.42
CA LEU A 697 12.50 -42.82 49.54
C LEU A 697 13.96 -43.28 49.69
N SER A 698 14.86 -42.75 48.85
CA SER A 698 16.22 -43.27 48.73
C SER A 698 17.36 -42.28 49.07
N GLY A 699 17.08 -41.26 49.89
CA GLY A 699 18.12 -40.36 50.44
C GLY A 699 18.90 -39.50 49.45
N TYR A 700 18.29 -39.20 48.30
CA TYR A 700 18.94 -38.40 47.27
C TYR A 700 19.15 -36.97 47.69
N THR A 701 20.10 -36.31 47.05
CA THR A 701 20.10 -34.86 46.99
C THR A 701 19.01 -34.43 46.03
N LEU A 702 18.58 -33.20 46.20
CA LEU A 702 17.55 -32.60 45.35
C LEU A 702 18.09 -32.37 43.94
N GLY A 703 19.40 -32.15 43.87
CA GLY A 703 20.11 -32.02 42.61
C GLY A 703 20.34 -33.35 41.90
N GLY A 704 20.57 -34.40 42.67
CA GLY A 704 20.59 -35.77 42.14
C GLY A 704 19.22 -36.20 41.64
N ALA A 705 18.17 -35.69 42.30
CA ALA A 705 16.79 -35.91 41.86
C ALA A 705 16.55 -35.29 40.47
N ASP A 706 16.94 -34.03 40.29
CA ASP A 706 16.86 -33.34 38.99
C ASP A 706 17.65 -34.03 37.88
N MET A 707 18.78 -34.64 38.25
CA MET A 707 19.64 -35.34 37.29
C MET A 707 18.94 -36.57 36.69
N LEU A 708 18.17 -37.26 37.52
CA LEU A 708 17.44 -38.45 37.09
C LEU A 708 16.31 -38.07 36.16
N ARG A 709 15.59 -37.03 36.52
CA ARG A 709 14.46 -36.60 35.75
C ARG A 709 14.90 -36.14 34.36
N ARG A 710 16.03 -35.42 34.31
CA ARG A 710 16.60 -35.01 33.02
C ARG A 710 16.99 -36.19 32.17
N ALA A 711 17.67 -37.15 32.81
CA ALA A 711 18.04 -38.41 32.17
C ALA A 711 16.86 -39.19 31.59
N MET A 712 15.71 -39.12 32.26
CA MET A 712 14.51 -39.80 31.77
C MET A 712 13.78 -39.04 30.66
N GLY A 713 14.03 -37.73 30.53
CA GLY A 713 13.58 -36.96 29.36
C GLY A 713 14.33 -37.33 28.10
N LYS A 714 15.64 -37.52 28.24
CA LYS A 714 16.52 -37.93 27.13
C LYS A 714 16.32 -39.42 26.77
N LYS A 715 15.94 -40.23 27.78
CA LYS A 715 15.75 -41.68 27.68
C LYS A 715 17.02 -42.47 27.34
N LYS A 716 18.16 -41.92 27.77
CA LYS A 716 19.49 -42.52 27.52
C LYS A 716 19.63 -43.84 28.28
N PRO A 717 20.27 -44.86 27.67
CA PRO A 717 20.54 -46.07 28.45
C PRO A 717 21.60 -45.85 29.55
N GLU A 718 22.71 -45.13 29.27
CA GLU A 718 23.79 -44.88 30.27
C GLU A 718 23.27 -44.14 31.52
N GLU A 719 22.68 -42.97 31.32
CA GLU A 719 22.19 -42.16 32.43
C GLU A 719 21.41 -42.98 33.45
N MET A 720 20.33 -43.64 33.03
CA MET A 720 19.53 -44.55 33.92
C MET A 720 20.44 -45.45 34.73
N ALA A 721 21.22 -46.26 34.01
CA ALA A 721 21.93 -47.42 34.58
C ALA A 721 22.74 -47.08 35.81
N LYS A 722 23.37 -45.91 35.79
CA LYS A 722 24.20 -45.41 36.90
C LYS A 722 23.35 -45.02 38.09
N GLN A 723 22.30 -44.27 37.81
CA GLN A 723 21.47 -43.72 38.86
C GLN A 723 20.54 -44.81 39.38
N ARG A 724 20.02 -45.65 38.48
CA ARG A 724 19.37 -46.94 38.82
C ARG A 724 20.14 -47.79 39.87
N SER A 725 21.48 -47.74 39.85
CA SER A 725 22.31 -48.40 40.88
C SER A 725 22.32 -47.65 42.22
N VAL A 726 22.51 -46.33 42.15
CA VAL A 726 22.51 -45.50 43.35
C VAL A 726 21.09 -45.47 43.97
N PHE A 727 20.05 -45.42 43.12
CA PHE A 727 18.61 -45.59 43.51
C PHE A 727 18.30 -46.87 44.29
N ALA A 728 19.00 -47.95 43.96
CA ALA A 728 18.79 -49.25 44.62
C ALA A 728 19.41 -49.26 46.01
N GLU A 729 20.67 -48.85 46.09
CA GLU A 729 21.39 -48.81 47.37
C GLU A 729 20.94 -47.65 48.27
N GLY A 730 20.28 -46.64 47.70
CA GLY A 730 19.63 -45.58 48.48
C GLY A 730 18.38 -46.05 49.19
N ALA A 731 17.59 -46.87 48.49
CA ALA A 731 16.41 -47.52 49.07
C ALA A 731 16.83 -48.48 50.16
N GLU A 732 17.81 -49.34 49.84
CA GLU A 732 18.40 -50.27 50.81
C GLU A 732 18.91 -49.54 52.06
N LYS A 733 19.55 -48.38 51.87
CA LYS A 733 20.07 -47.52 52.98
C LYS A 733 18.98 -47.09 53.97
N ASN A 734 17.80 -46.80 53.44
CA ASN A 734 16.63 -46.44 54.26
C ASN A 734 15.75 -47.67 54.57
N GLY A 735 16.28 -48.87 54.38
CA GLY A 735 15.58 -50.11 54.71
C GLY A 735 14.50 -50.61 53.75
N ILE A 736 14.25 -49.89 52.65
CA ILE A 736 13.14 -50.21 51.73
C ILE A 736 13.56 -51.30 50.75
N ASN A 737 12.68 -52.26 50.50
CA ASN A 737 13.01 -53.46 49.74
C ASN A 737 13.52 -53.14 48.33
N ALA A 738 14.56 -53.86 47.92
CA ALA A 738 15.24 -53.66 46.62
C ALA A 738 14.30 -53.90 45.42
N GLU A 739 13.60 -55.04 45.42
CA GLU A 739 12.75 -55.44 44.27
C GLU A 739 11.57 -54.50 44.10
N LEU A 740 10.95 -54.15 45.22
CA LEU A 740 9.87 -53.15 45.29
C LEU A 740 10.33 -51.82 44.70
N ALA A 741 11.47 -51.34 45.21
CA ALA A 741 12.06 -50.08 44.78
C ALA A 741 12.38 -50.04 43.28
N MET A 742 12.99 -51.12 42.78
CA MET A 742 13.37 -51.19 41.36
C MET A 742 12.18 -51.40 40.43
N LYS A 743 11.17 -52.10 40.89
CA LYS A 743 10.00 -52.33 40.05
C LYS A 743 9.11 -51.08 40.00
N ILE A 744 9.13 -50.29 41.07
CA ILE A 744 8.52 -48.96 41.04
C ILE A 744 9.35 -47.99 40.18
N PHE A 745 10.67 -48.17 40.18
CA PHE A 745 11.56 -47.41 39.31
C PHE A 745 11.29 -47.64 37.82
N ASP A 746 10.93 -48.86 37.44
CA ASP A 746 10.40 -49.14 36.09
C ASP A 746 9.10 -48.37 35.77
N LEU A 747 8.18 -48.28 36.73
CA LEU A 747 6.95 -47.47 36.58
C LEU A 747 7.28 -45.96 36.49
N VAL A 748 8.22 -45.53 37.33
CA VAL A 748 8.76 -44.18 37.27
C VAL A 748 9.22 -43.87 35.86
N GLU A 749 10.07 -44.73 35.29
CA GLU A 749 10.63 -44.57 33.93
C GLU A 749 9.53 -44.42 32.87
N LYS A 750 8.48 -45.22 33.00
CA LYS A 750 7.34 -45.16 32.07
C LYS A 750 6.73 -43.77 32.12
N PHE A 751 6.34 -43.37 33.32
CA PHE A 751 5.66 -42.12 33.49
C PHE A 751 6.57 -40.92 33.53
N ALA A 752 7.88 -41.12 33.60
CA ALA A 752 8.82 -40.01 33.51
C ALA A 752 8.85 -39.37 32.13
N GLY A 753 8.63 -40.17 31.10
CA GLY A 753 8.57 -39.67 29.72
C GLY A 753 7.42 -38.71 29.52
N TYR A 754 6.28 -39.03 30.13
CA TYR A 754 5.12 -38.15 30.16
C TYR A 754 5.15 -37.18 31.35
N GLY A 755 5.86 -37.54 32.41
CA GLY A 755 5.94 -36.80 33.68
C GLY A 755 5.94 -35.32 33.52
N PHE A 756 4.91 -34.68 34.08
CA PHE A 756 4.66 -33.28 33.82
C PHE A 756 5.23 -32.41 34.89
N ASN A 757 5.56 -31.18 34.52
CA ASN A 757 6.10 -30.24 35.46
C ASN A 757 4.93 -29.69 36.24
N LYS A 758 4.83 -30.09 37.50
CA LYS A 758 3.78 -29.62 38.41
C LYS A 758 3.72 -28.07 38.49
N SER A 759 4.88 -27.48 38.77
CA SER A 759 5.00 -26.02 38.92
C SER A 759 4.62 -25.26 37.67
N HIS A 760 4.91 -25.83 36.50
CA HIS A 760 4.53 -25.22 35.26
C HIS A 760 3.06 -25.40 35.01
N SER A 761 2.55 -26.60 35.30
CA SER A 761 1.12 -26.87 35.19
C SER A 761 0.32 -26.01 36.14
N ALA A 762 0.83 -25.88 37.35
CA ALA A 762 0.11 -25.22 38.41
C ALA A 762 0.01 -23.73 38.17
N ALA A 763 1.09 -23.11 37.70
CA ALA A 763 1.09 -21.69 37.38
C ALA A 763 0.04 -21.36 36.35
N TYR A 764 -0.16 -22.24 35.40
CA TYR A 764 -1.15 -22.01 34.39
C TYR A 764 -2.51 -22.46 34.91
N ALA A 765 -2.55 -23.54 35.68
CA ALA A 765 -3.80 -24.00 36.31
C ALA A 765 -4.38 -22.99 37.30
N LEU A 766 -3.47 -22.29 37.98
CA LEU A 766 -3.78 -21.13 38.80
C LEU A 766 -4.73 -20.23 38.08
N VAL A 767 -4.38 -19.98 36.83
CA VAL A 767 -5.08 -19.04 36.01
C VAL A 767 -6.44 -19.59 35.63
N SER A 768 -6.54 -20.88 35.37
CA SER A 768 -7.84 -21.47 35.11
C SER A 768 -8.72 -21.33 36.33
N TYR A 769 -8.15 -21.58 37.51
CA TYR A 769 -8.90 -21.40 38.75
C TYR A 769 -9.38 -19.98 38.90
N GLN A 770 -8.55 -19.06 38.50
CA GLN A 770 -8.90 -17.68 38.59
C GLN A 770 -10.04 -17.37 37.65
N THR A 771 -9.98 -17.90 36.43
CA THR A 771 -11.06 -17.70 35.48
C THR A 771 -12.33 -18.35 35.98
N LEU A 772 -12.15 -19.49 36.65
CA LEU A 772 -13.26 -20.20 37.27
C LEU A 772 -13.88 -19.43 38.42
N TRP A 773 -13.06 -18.85 39.31
CA TRP A 773 -13.59 -18.17 40.50
C TRP A 773 -14.46 -17.02 40.07
N LEU A 774 -13.86 -16.20 39.22
CA LEU A 774 -14.46 -14.98 38.75
C LEU A 774 -15.75 -15.23 38.03
N LYS A 775 -15.75 -16.31 37.26
CA LYS A 775 -16.91 -16.77 36.55
C LYS A 775 -17.98 -17.10 37.50
N ALA A 776 -17.73 -18.00 38.42
CA ALA A 776 -18.73 -18.63 39.31
C ALA A 776 -19.15 -17.67 40.36
N HIS A 777 -18.18 -17.09 41.01
CA HIS A 777 -18.48 -16.19 42.10
C HIS A 777 -19.25 -15.01 41.64
N TYR A 778 -18.82 -14.47 40.51
CA TYR A 778 -19.54 -13.43 39.75
C TYR A 778 -19.31 -13.63 38.25
N PRO A 779 -19.63 -14.85 37.80
CA PRO A 779 -19.51 -15.24 36.40
C PRO A 779 -20.25 -14.38 35.42
N ALA A 780 -21.48 -13.95 35.73
CA ALA A 780 -22.26 -13.10 34.83
C ALA A 780 -21.51 -11.80 34.57
N GLU A 781 -20.93 -11.25 35.62
CA GLU A 781 -20.21 -10.00 35.51
C GLU A 781 -18.96 -10.20 34.67
N PHE A 782 -18.27 -11.31 34.89
CA PHE A 782 -17.08 -11.64 34.10
C PHE A 782 -17.35 -11.84 32.62
N MET A 783 -18.47 -12.50 32.36
CA MET A 783 -18.93 -12.79 31.02
C MET A 783 -18.60 -11.64 30.08
N ALA A 784 -18.84 -10.43 30.55
CA ALA A 784 -18.40 -9.22 29.82
C ALA A 784 -16.94 -9.31 29.38
N ALA A 785 -16.11 -9.63 30.37
CA ALA A 785 -14.68 -9.75 30.17
C ALA A 785 -14.35 -10.86 29.20
N VAL A 786 -15.05 -11.98 29.33
CA VAL A 786 -14.87 -13.09 28.40
C VAL A 786 -14.99 -12.58 26.97
N MET A 787 -16.05 -11.81 26.75
CA MET A 787 -16.37 -11.39 25.41
C MET A 787 -15.40 -10.35 24.92
N THR A 788 -14.94 -9.50 25.84
CA THR A 788 -13.89 -8.54 25.52
C THR A 788 -12.69 -9.23 24.89
N ALA A 789 -12.25 -10.31 25.54
CA ALA A 789 -11.10 -11.08 25.09
C ALA A 789 -11.19 -11.54 23.64
N ASP A 790 -12.37 -12.00 23.24
CA ASP A 790 -12.53 -12.52 21.90
C ASP A 790 -13.30 -11.56 20.98
N MET A 791 -12.96 -10.27 20.99
CA MET A 791 -13.63 -9.31 20.10
C MET A 791 -13.48 -9.65 18.61
N ASP A 792 -12.24 -9.96 18.18
CA ASP A 792 -11.95 -10.09 16.75
C ASP A 792 -12.54 -11.40 16.21
N ASN A 793 -12.65 -12.42 17.05
CA ASN A 793 -13.19 -13.73 16.61
C ASN A 793 -14.71 -13.80 16.69
N THR A 794 -15.33 -13.84 15.51
CA THR A 794 -16.78 -13.99 15.37
C THR A 794 -17.28 -15.33 15.90
N GLU A 795 -16.53 -16.39 15.59
CA GLU A 795 -16.91 -17.76 15.94
C GLU A 795 -17.05 -17.89 17.46
N LYS A 796 -16.02 -17.43 18.16
CA LYS A 796 -15.99 -17.51 19.62
C LYS A 796 -17.10 -16.67 20.22
N VAL A 797 -17.21 -15.42 19.75
CA VAL A 797 -18.29 -14.52 20.15
C VAL A 797 -19.64 -15.24 20.17
N VAL A 798 -19.95 -15.90 19.06
CA VAL A 798 -21.22 -16.59 18.93
C VAL A 798 -21.27 -17.78 19.90
N GLY A 799 -20.17 -18.52 20.01
CA GLY A 799 -20.06 -19.60 20.99
C GLY A 799 -20.32 -19.11 22.39
N LEU A 800 -19.68 -18.00 22.72
CA LEU A 800 -19.74 -17.44 24.06
C LEU A 800 -21.15 -17.06 24.45
N VAL A 801 -21.89 -16.45 23.52
CA VAL A 801 -23.27 -16.09 23.81
C VAL A 801 -24.08 -17.34 24.13
N ASP A 802 -23.89 -18.39 23.33
CA ASP A 802 -24.60 -19.64 23.55
C ASP A 802 -24.26 -20.19 24.95
N GLU A 803 -23.04 -19.92 25.40
CA GLU A 803 -22.64 -20.25 26.78
C GLU A 803 -23.35 -19.37 27.82
N CYS A 804 -23.46 -18.07 27.56
CA CYS A 804 -24.26 -17.22 28.44
C CYS A 804 -25.70 -17.73 28.57
N TRP A 805 -26.31 -17.98 27.42
CA TRP A 805 -27.69 -18.44 27.34
C TRP A 805 -27.97 -19.68 28.19
N ARG A 806 -27.13 -20.69 28.08
CA ARG A 806 -27.23 -21.93 28.90
C ARG A 806 -27.17 -21.62 30.39
N MET A 807 -26.34 -20.64 30.75
CA MET A 807 -26.14 -20.28 32.16
C MET A 807 -27.34 -19.59 32.81
N GLY A 808 -28.30 -19.14 31.99
CA GLY A 808 -29.42 -18.33 32.42
C GLY A 808 -29.11 -16.86 32.26
N LEU A 809 -27.97 -16.56 31.64
CA LEU A 809 -27.41 -15.21 31.67
C LEU A 809 -27.98 -14.40 30.51
N LYS A 810 -29.05 -13.66 30.82
CA LYS A 810 -29.77 -12.80 29.87
C LYS A 810 -28.84 -11.79 29.16
N ILE A 811 -28.51 -12.10 27.90
CA ILE A 811 -27.67 -11.24 27.08
C ILE A 811 -28.53 -10.29 26.27
N LEU A 812 -28.24 -8.99 26.39
CA LEU A 812 -29.04 -7.97 25.73
C LEU A 812 -28.39 -7.49 24.44
N PRO A 813 -29.19 -7.17 23.41
CA PRO A 813 -28.65 -6.50 22.23
C PRO A 813 -28.26 -5.04 22.55
N PRO A 814 -27.45 -4.42 21.68
CA PRO A 814 -26.75 -3.19 22.08
C PRO A 814 -27.57 -1.90 22.21
N ASP A 815 -26.89 -0.90 22.76
CA ASP A 815 -27.34 0.48 22.80
C ASP A 815 -26.14 1.44 22.82
N ILE A 816 -26.16 2.38 21.88
CA ILE A 816 -25.01 3.26 21.66
C ILE A 816 -24.87 4.23 22.82
N ASN A 817 -26.01 4.59 23.39
CA ASN A 817 -26.06 5.55 24.48
C ASN A 817 -25.43 5.00 25.74
N SER A 818 -25.79 3.78 26.09
CA SER A 818 -25.28 3.16 27.31
C SER A 818 -23.91 2.52 27.13
N GLY A 819 -23.61 2.01 25.94
CA GLY A 819 -22.35 1.32 25.65
C GLY A 819 -21.06 2.04 26.07
N LEU A 820 -20.14 1.29 26.69
CA LEU A 820 -18.78 1.76 27.04
C LEU A 820 -17.81 1.28 25.96
N TYR A 821 -16.49 1.45 26.17
CA TYR A 821 -15.49 0.93 25.23
C TYR A 821 -15.80 -0.51 24.92
N HIS A 822 -15.78 -1.33 25.97
CA HIS A 822 -16.23 -2.69 25.88
C HIS A 822 -17.29 -3.01 26.94
N PHE A 823 -17.53 -4.28 27.21
CA PHE A 823 -18.77 -4.72 27.86
C PHE A 823 -19.03 -4.12 29.22
N HIS A 824 -20.29 -3.84 29.46
CA HIS A 824 -20.77 -3.31 30.71
C HIS A 824 -22.03 -4.00 31.22
N VAL A 825 -22.23 -3.95 32.53
CA VAL A 825 -23.48 -4.32 33.17
C VAL A 825 -23.91 -3.16 34.02
N ASN A 826 -25.10 -2.60 33.77
CA ASN A 826 -25.71 -1.75 34.79
C ASN A 826 -26.17 -2.65 35.92
N ASP A 827 -26.53 -2.03 37.04
CA ASP A 827 -26.97 -2.75 38.23
C ASP A 827 -28.16 -3.65 37.87
N ASP A 828 -29.27 -3.04 37.45
CA ASP A 828 -30.46 -3.79 37.02
C ASP A 828 -30.25 -4.39 35.64
N GLY A 829 -29.86 -3.55 34.67
CA GLY A 829 -29.58 -3.98 33.30
C GLY A 829 -28.48 -5.02 33.30
N GLU A 830 -28.89 -6.29 33.25
CA GLU A 830 -27.97 -7.38 33.50
C GLU A 830 -26.74 -7.24 32.66
N ILE A 831 -26.94 -7.04 31.37
CA ILE A 831 -25.86 -7.08 30.41
C ILE A 831 -26.06 -6.02 29.38
N VAL A 832 -24.97 -5.36 28.99
CA VAL A 832 -24.94 -4.61 27.74
C VAL A 832 -23.66 -4.94 26.97
N TYR A 833 -23.80 -5.04 25.65
CA TYR A 833 -22.70 -5.05 24.68
C TYR A 833 -21.61 -4.03 25.00
N GLY A 834 -20.37 -4.36 24.66
CA GLY A 834 -19.32 -3.35 24.55
C GLY A 834 -19.55 -2.56 23.28
N ILE A 835 -19.01 -1.35 23.16
CA ILE A 835 -19.14 -0.63 21.89
C ILE A 835 -18.19 -1.25 20.88
N GLY A 836 -17.02 -1.68 21.34
CA GLY A 836 -16.12 -2.51 20.55
C GLY A 836 -16.77 -3.76 19.95
N ALA A 837 -17.89 -4.20 20.53
CA ALA A 837 -18.68 -5.33 19.99
C ALA A 837 -19.23 -5.13 18.58
N ILE A 838 -19.32 -3.87 18.13
CA ILE A 838 -19.53 -3.59 16.71
C ILE A 838 -18.44 -4.26 15.86
N LYS A 839 -18.86 -4.85 14.74
CA LYS A 839 -18.13 -5.95 14.10
C LYS A 839 -16.71 -5.56 13.59
N GLY A 840 -16.63 -4.77 12.53
CA GLY A 840 -15.34 -4.44 11.93
C GLY A 840 -14.51 -3.39 12.65
N VAL A 841 -15.14 -2.53 13.44
CA VAL A 841 -14.63 -1.15 13.66
C VAL A 841 -13.31 -1.03 14.44
N GLY A 842 -12.44 -0.11 14.01
CA GLY A 842 -11.19 0.24 14.70
C GLY A 842 -11.34 1.14 15.92
N GLU A 843 -10.20 1.42 16.58
CA GLU A 843 -10.21 2.00 17.92
C GLU A 843 -10.44 3.52 17.94
N GLY A 844 -9.85 4.24 17.01
CA GLY A 844 -10.00 5.72 16.94
C GLY A 844 -11.44 6.18 16.82
N PRO A 845 -12.19 5.56 15.91
CA PRO A 845 -13.62 5.87 15.81
C PRO A 845 -14.40 5.64 17.11
N ILE A 846 -14.16 4.51 17.74
CA ILE A 846 -14.90 4.16 18.94
C ILE A 846 -14.60 5.13 20.10
N GLU A 847 -13.34 5.54 20.24
CA GLU A 847 -12.99 6.58 21.25
C GLU A 847 -13.72 7.87 20.97
N ALA A 848 -13.77 8.22 19.70
CA ALA A 848 -14.47 9.42 19.28
C ALA A 848 -15.91 9.41 19.75
N ILE A 849 -16.59 8.30 19.47
CA ILE A 849 -18.00 8.13 19.81
C ILE A 849 -18.23 8.44 21.26
N ILE A 850 -17.46 7.75 22.08
CA ILE A 850 -17.65 7.85 23.49
C ILE A 850 -17.21 9.20 24.00
N GLU A 851 -16.16 9.79 23.41
CA GLU A 851 -15.69 11.11 23.83
C GLU A 851 -16.83 12.11 23.65
N ALA A 852 -17.45 12.07 22.49
CA ALA A 852 -18.62 12.90 22.22
C ALA A 852 -19.76 12.63 23.21
N ARG A 853 -19.95 11.35 23.53
CA ARG A 853 -21.01 10.97 24.45
C ARG A 853 -20.70 11.46 25.85
N ASN A 854 -19.42 11.62 26.17
CA ASN A 854 -18.98 12.18 27.46
C ASN A 854 -19.34 13.66 27.58
N LYS A 855 -18.92 14.44 26.57
CA LYS A 855 -19.16 15.89 26.57
C LYS A 855 -20.64 16.19 26.56
N GLY A 856 -21.34 15.61 25.58
CA GLY A 856 -22.80 15.65 25.55
C GLY A 856 -23.34 14.64 26.52
N GLY A 857 -24.65 14.54 26.60
CA GLY A 857 -25.28 13.41 27.27
C GLY A 857 -25.37 12.29 26.25
N TYR A 858 -26.43 11.49 26.37
CA TYR A 858 -26.80 10.55 25.31
C TYR A 858 -27.25 11.36 24.09
N PHE A 859 -26.85 10.92 22.91
CA PHE A 859 -27.13 11.68 21.68
C PHE A 859 -28.60 11.50 21.36
N ARG A 860 -29.31 12.61 21.13
CA ARG A 860 -30.78 12.62 21.00
C ARG A 860 -31.33 11.88 19.78
N GLU A 861 -30.72 12.13 18.62
CA GLU A 861 -30.86 11.24 17.46
C GLU A 861 -29.52 11.12 16.72
N LEU A 862 -29.57 10.34 15.63
CA LEU A 862 -28.62 10.39 14.51
C LEU A 862 -27.93 11.72 14.36
N PHE A 863 -28.76 12.75 14.16
CA PHE A 863 -28.34 14.11 13.88
C PHE A 863 -27.39 14.59 14.98
N ASP A 864 -27.84 14.47 16.23
CA ASP A 864 -27.14 15.05 17.37
C ASP A 864 -25.81 14.35 17.59
N LEU A 865 -25.77 13.07 17.30
CA LEU A 865 -24.54 12.30 17.29
C LEU A 865 -23.47 12.89 16.36
N CYS A 866 -23.85 13.04 15.10
CA CYS A 866 -22.91 13.44 14.06
C CYS A 866 -22.35 14.81 14.30
N ALA A 867 -23.23 15.69 14.79
CA ALA A 867 -22.89 17.08 15.08
C ALA A 867 -21.80 17.20 16.13
N ARG A 868 -21.94 16.46 17.22
CA ARG A 868 -20.98 16.54 18.30
C ARG A 868 -19.56 16.10 17.89
N THR A 869 -19.45 15.12 16.99
CA THR A 869 -18.14 14.56 16.61
C THR A 869 -17.72 14.86 15.17
N ASP A 870 -16.43 15.23 14.98
CA ASP A 870 -15.93 15.66 13.67
C ASP A 870 -15.93 14.50 12.66
N THR A 871 -15.92 14.85 11.38
CA THR A 871 -16.00 13.87 10.28
C THR A 871 -14.81 12.91 10.19
N LYS A 872 -13.65 13.37 10.65
CA LYS A 872 -12.46 12.50 10.77
C LYS A 872 -12.84 11.19 11.40
N LYS A 873 -13.51 11.33 12.53
CA LYS A 873 -13.83 10.21 13.33
C LYS A 873 -15.08 9.47 12.78
N LEU A 874 -16.05 10.16 12.18
CA LEU A 874 -17.22 9.51 11.53
C LEU A 874 -17.14 9.16 10.05
N ASN A 875 -16.76 7.92 9.75
CA ASN A 875 -16.81 7.43 8.37
C ASN A 875 -18.18 6.87 8.08
N ARG A 876 -18.60 6.95 6.81
CA ARG A 876 -19.84 6.32 6.36
C ARG A 876 -19.79 4.83 6.61
N ARG A 877 -18.65 4.21 6.32
CA ARG A 877 -18.48 2.78 6.54
C ARG A 877 -18.79 2.43 7.98
N VAL A 878 -18.28 3.24 8.90
CA VAL A 878 -18.58 3.08 10.31
C VAL A 878 -20.06 3.03 10.45
N LEU A 879 -20.68 4.09 9.96
CA LEU A 879 -22.08 4.30 10.19
C LEU A 879 -22.94 3.28 9.50
N GLU A 880 -22.47 2.74 8.37
CA GLU A 880 -23.18 1.67 7.72
C GLU A 880 -23.29 0.47 8.65
N LYS A 881 -22.19 0.09 9.31
CA LYS A 881 -22.27 -0.99 10.28
C LYS A 881 -23.31 -0.67 11.35
N LEU A 882 -23.31 0.56 11.80
CA LEU A 882 -24.22 0.97 12.84
C LEU A 882 -25.67 0.76 12.47
N ILE A 883 -26.04 1.15 11.25
CA ILE A 883 -27.41 0.88 10.78
C ILE A 883 -27.66 -0.61 10.75
N MET A 884 -26.73 -1.36 10.16
CA MET A 884 -26.88 -2.81 9.95
C MET A 884 -27.11 -3.52 11.26
N SER A 885 -26.33 -3.09 12.25
CA SER A 885 -26.40 -3.68 13.57
C SER A 885 -27.74 -3.39 14.27
N GLY A 886 -28.29 -2.18 14.08
CA GLY A 886 -29.39 -1.68 14.95
C GLY A 886 -28.89 -1.16 16.30
N ALA A 887 -27.73 -0.52 16.28
CA ALA A 887 -27.13 -0.01 17.51
C ALA A 887 -27.96 1.17 17.99
N PHE A 888 -28.48 1.91 17.02
CA PHE A 888 -29.38 3.04 17.22
C PHE A 888 -30.79 2.72 17.65
N ASP A 889 -31.23 1.47 17.43
CA ASP A 889 -32.65 1.09 17.43
C ASP A 889 -33.57 1.97 18.29
N ARG A 890 -33.21 2.10 19.57
CA ARG A 890 -34.00 2.83 20.57
C ARG A 890 -34.28 4.31 20.19
N LEU A 891 -33.25 5.01 19.72
CA LEU A 891 -33.41 6.41 19.29
C LEU A 891 -34.02 6.51 17.89
N GLY A 892 -33.33 5.91 16.92
CA GLY A 892 -33.69 6.00 15.50
C GLY A 892 -34.65 4.88 15.10
N PRO A 893 -35.96 5.16 15.15
CA PRO A 893 -36.96 4.10 15.19
C PRO A 893 -37.01 3.12 13.99
N HIS A 894 -36.88 3.61 12.76
CA HIS A 894 -37.15 2.75 11.59
C HIS A 894 -35.92 1.93 11.23
N ARG A 895 -36.12 0.82 10.57
CA ARG A 895 -34.97 0.12 9.99
C ARG A 895 -34.44 0.88 8.79
N ALA A 896 -35.35 1.23 7.87
CA ALA A 896 -35.00 1.70 6.52
C ALA A 896 -34.82 3.21 6.44
N ALA A 897 -35.69 3.92 7.15
CA ALA A 897 -35.67 5.38 7.16
C ALA A 897 -34.35 5.95 7.67
N LEU A 898 -33.66 5.22 8.54
CA LEU A 898 -32.43 5.71 9.13
C LEU A 898 -31.29 5.63 8.13
N MET A 899 -31.27 4.58 7.30
CA MET A 899 -30.26 4.37 6.27
C MET A 899 -30.26 5.49 5.22
N ASN A 900 -31.45 5.93 4.88
CA ASN A 900 -31.71 7.09 3.98
C ASN A 900 -31.12 8.42 4.49
N SER A 901 -31.34 8.76 5.77
CA SER A 901 -30.93 10.04 6.29
C SER A 901 -29.47 9.98 6.76
N LEU A 902 -28.79 8.90 6.37
CA LEU A 902 -27.42 8.65 6.77
C LEU A 902 -26.55 9.61 5.99
N GLY A 903 -26.82 9.66 4.68
CA GLY A 903 -26.11 10.56 3.78
C GLY A 903 -26.35 11.99 4.22
N ASP A 904 -27.62 12.27 4.50
CA ASP A 904 -28.04 13.58 5.01
C ASP A 904 -27.33 13.94 6.28
N ALA A 905 -27.27 12.99 7.20
CA ALA A 905 -26.61 13.23 8.46
C ALA A 905 -25.12 13.54 8.27
N LEU A 906 -24.46 12.76 7.41
CA LEU A 906 -23.05 13.00 7.08
C LEU A 906 -22.85 14.40 6.56
N LYS A 907 -23.73 14.75 5.64
CA LYS A 907 -23.59 16.02 5.00
C LYS A 907 -23.85 17.14 5.98
N ALA A 908 -24.83 16.98 6.86
CA ALA A 908 -25.10 17.97 7.91
C ALA A 908 -23.87 18.17 8.78
N ALA A 909 -23.24 17.05 9.14
CA ALA A 909 -22.04 17.09 9.94
C ALA A 909 -20.95 17.89 9.23
N ASP A 910 -20.70 17.60 7.96
CA ASP A 910 -19.71 18.36 7.16
C ASP A 910 -20.12 19.82 7.16
N GLN A 911 -21.39 20.08 6.91
CA GLN A 911 -21.92 21.42 6.78
C GLN A 911 -21.95 22.17 8.06
N HIS A 912 -22.33 21.51 9.14
CA HIS A 912 -22.43 22.22 10.39
C HIS A 912 -21.11 22.23 11.11
N ALA A 913 -20.45 21.08 11.24
CA ALA A 913 -19.09 20.96 11.82
C ALA A 913 -18.08 21.92 11.19
N LYS A 914 -18.01 21.83 9.87
CA LYS A 914 -16.95 22.47 9.09
C LYS A 914 -17.10 23.97 9.12
N ALA A 915 -18.33 24.46 9.02
CA ALA A 915 -18.58 25.90 9.16
C ALA A 915 -18.14 26.42 10.53
N GLU A 916 -18.46 25.66 11.59
CA GLU A 916 -18.07 26.06 12.94
C GLU A 916 -16.54 26.08 13.06
N ALA A 917 -15.90 25.10 12.42
CA ALA A 917 -14.43 25.04 12.38
C ALA A 917 -13.84 26.24 11.64
N ILE A 918 -14.37 26.54 10.45
CA ILE A 918 -13.95 27.73 9.66
C ILE A 918 -14.17 29.00 10.50
N GLY A 919 -15.29 29.02 11.21
CA GLY A 919 -15.65 30.11 12.11
C GLY A 919 -16.79 30.99 11.61
N GLN A 920 -17.54 30.55 10.60
CA GLN A 920 -18.56 31.39 9.98
C GLN A 920 -19.96 30.92 10.29
N LEU A 921 -20.81 31.78 10.81
CA LEU A 921 -22.17 31.36 11.14
C LEU A 921 -23.06 31.40 9.91
N ASP A 922 -24.15 30.65 9.98
CA ASP A 922 -25.12 30.58 8.89
C ASP A 922 -26.34 31.38 9.36
N LEU A 923 -27.49 31.25 8.68
CA LEU A 923 -28.74 31.82 9.20
C LEU A 923 -29.94 30.99 8.78
N PHE A 924 -30.18 29.96 9.58
CA PHE A 924 -31.31 29.07 9.41
C PHE A 924 -32.23 29.17 10.62
N GLY A 925 -31.78 28.69 11.77
CA GLY A 925 -32.60 28.70 12.99
C GLY A 925 -33.85 27.84 12.84
N VAL A 926 -34.54 27.65 13.96
CA VAL A 926 -35.83 26.93 14.03
C VAL A 926 -35.84 25.52 13.39
N LEU A 927 -34.74 24.77 13.54
CA LEU A 927 -34.62 23.39 13.01
C LEU A 927 -35.00 23.29 11.52
N MET B 1 17.00 48.88 4.85
CA MET B 1 16.90 48.50 3.41
C MET B 1 15.79 49.30 2.69
N LYS B 2 16.07 49.76 1.46
CA LYS B 2 15.12 50.60 0.68
C LYS B 2 15.08 50.25 -0.80
N PHE B 3 13.91 50.49 -1.42
CA PHE B 3 13.77 50.70 -2.86
C PHE B 3 12.37 51.21 -3.19
N THR B 4 12.20 51.74 -4.40
CA THR B 4 10.90 52.16 -4.91
C THR B 4 10.75 51.74 -6.37
N VAL B 5 9.70 50.96 -6.66
CA VAL B 5 9.34 50.56 -8.05
C VAL B 5 7.86 50.74 -8.33
N GLU B 6 7.53 50.86 -9.61
CA GLU B 6 6.17 51.14 -10.08
C GLU B 6 5.49 49.81 -10.41
N ARG B 7 4.18 49.72 -10.22
CA ARG B 7 3.38 48.53 -10.57
C ARG B 7 3.70 47.94 -11.93
N GLU B 8 3.67 48.82 -12.94
CA GLU B 8 3.88 48.45 -14.34
C GLU B 8 5.25 47.83 -14.60
N HIS B 9 6.23 48.16 -13.79
CA HIS B 9 7.58 47.61 -13.93
C HIS B 9 7.72 46.27 -13.24
N LEU B 10 6.82 45.98 -12.31
CA LEU B 10 6.88 44.77 -11.51
C LEU B 10 6.08 43.63 -12.12
N LEU B 11 5.06 44.00 -12.88
CA LEU B 11 4.01 43.08 -13.31
C LEU B 11 4.49 41.89 -14.13
N LYS B 12 5.14 42.19 -15.25
CA LYS B 12 5.62 41.15 -16.17
C LYS B 12 6.82 40.36 -15.61
N PRO B 13 7.78 41.04 -14.94
CA PRO B 13 8.84 40.25 -14.29
C PRO B 13 8.26 39.23 -13.33
N LEU B 14 7.35 39.71 -12.50
CA LEU B 14 6.68 38.91 -11.50
C LEU B 14 5.96 37.71 -12.09
N GLN B 15 5.22 37.89 -13.17
CA GLN B 15 4.58 36.75 -13.85
C GLN B 15 5.61 35.75 -14.33
N GLN B 16 6.74 36.24 -14.83
CA GLN B 16 7.74 35.37 -15.44
C GLN B 16 8.55 34.61 -14.41
N VAL B 17 8.98 35.31 -13.38
CA VAL B 17 9.68 34.66 -12.27
C VAL B 17 8.73 33.72 -11.48
N SER B 18 7.40 34.00 -11.52
CA SER B 18 6.35 33.11 -10.95
C SER B 18 6.09 31.80 -11.72
N GLY B 19 6.74 31.61 -12.85
CA GLY B 19 6.60 30.38 -13.61
C GLY B 19 7.04 29.09 -12.92
N PRO B 20 8.28 29.02 -12.40
CA PRO B 20 8.76 27.77 -11.78
C PRO B 20 7.91 27.25 -10.60
N LEU B 21 6.96 28.05 -10.17
CA LEU B 21 6.27 27.85 -8.91
C LEU B 21 5.27 26.74 -9.06
N GLY B 22 5.03 26.04 -7.95
CA GLY B 22 3.93 25.09 -7.82
C GLY B 22 4.40 23.81 -7.15
N GLY B 23 3.57 22.77 -7.25
CA GLY B 23 3.93 21.45 -6.76
C GLY B 23 4.28 21.39 -5.30
N ARG B 24 3.55 22.13 -4.47
CA ARG B 24 3.65 21.97 -3.04
C ARG B 24 5.14 21.84 -2.72
N PRO B 25 5.92 22.89 -2.99
CA PRO B 25 7.38 22.78 -2.94
C PRO B 25 7.87 22.26 -1.59
N THR B 26 8.69 21.20 -1.59
CA THR B 26 9.02 20.44 -0.37
C THR B 26 9.82 21.23 0.65
N LEU B 27 10.82 21.97 0.17
CA LEU B 27 11.62 22.84 1.02
C LEU B 27 10.92 24.20 1.04
N PRO B 28 10.18 24.52 2.12
CA PRO B 28 9.13 25.56 2.11
C PRO B 28 9.50 26.89 1.45
N ILE B 29 10.74 27.34 1.66
CA ILE B 29 11.19 28.61 1.09
C ILE B 29 11.27 28.62 -0.45
N LEU B 30 11.25 27.44 -1.10
CA LEU B 30 11.05 27.34 -2.56
C LEU B 30 9.68 27.83 -3.06
N GLY B 31 8.68 27.81 -2.18
CA GLY B 31 7.38 28.39 -2.49
C GLY B 31 7.32 29.90 -2.29
N ASN B 32 8.47 30.53 -2.02
CA ASN B 32 8.57 31.97 -1.80
C ASN B 32 9.42 32.63 -2.89
N LEU B 33 9.31 33.95 -3.00
CA LEU B 33 10.07 34.75 -3.96
C LEU B 33 11.09 35.59 -3.25
N LEU B 34 12.32 35.53 -3.75
CA LEU B 34 13.45 36.19 -3.15
C LEU B 34 13.56 37.59 -3.69
N LEU B 35 13.59 38.56 -2.80
CA LEU B 35 13.89 39.94 -3.17
C LEU B 35 15.34 40.21 -2.82
N GLN B 36 16.17 40.52 -3.81
CA GLN B 36 17.56 40.90 -3.61
C GLN B 36 17.83 42.19 -4.37
N VAL B 37 18.32 43.22 -3.67
CA VAL B 37 18.92 44.37 -4.35
C VAL B 37 20.44 44.12 -4.31
N ALA B 38 21.05 44.01 -5.48
CA ALA B 38 22.48 43.69 -5.62
C ALA B 38 23.05 44.55 -6.74
N ASP B 39 24.22 45.13 -6.51
CA ASP B 39 24.87 46.01 -7.50
C ASP B 39 23.89 47.16 -7.89
N GLY B 40 23.56 47.36 -9.16
CA GLY B 40 22.64 48.45 -9.55
C GLY B 40 21.22 48.04 -9.86
N THR B 41 20.78 46.86 -9.41
CA THR B 41 19.53 46.25 -9.87
C THR B 41 18.79 45.49 -8.77
N LEU B 42 17.47 45.42 -8.87
CA LEU B 42 16.68 44.51 -8.04
C LEU B 42 16.52 43.17 -8.75
N SER B 43 16.93 42.11 -8.06
CA SER B 43 16.86 40.75 -8.55
C SER B 43 15.81 40.00 -7.74
N LEU B 44 14.91 39.28 -8.42
CA LEU B 44 13.96 38.36 -7.77
C LEU B 44 14.39 36.94 -8.10
N THR B 45 14.14 35.99 -7.21
CA THR B 45 14.50 34.59 -7.47
C THR B 45 13.40 33.64 -7.03
N GLY B 46 13.09 32.69 -7.91
CA GLY B 46 12.23 31.56 -7.58
C GLY B 46 12.85 30.31 -8.16
N THR B 47 12.87 29.24 -7.37
CA THR B 47 13.36 27.93 -7.83
C THR B 47 12.32 26.85 -7.55
N ASP B 48 12.33 25.81 -8.39
CA ASP B 48 11.49 24.62 -8.24
C ASP B 48 12.31 23.40 -7.79
N LEU B 49 13.53 23.68 -7.29
CA LEU B 49 14.58 22.72 -6.88
C LEU B 49 15.45 22.19 -8.02
N GLU B 50 15.08 22.47 -9.27
CA GLU B 50 15.82 22.09 -10.46
C GLU B 50 16.21 23.26 -11.37
N MET B 51 15.57 24.41 -11.20
CA MET B 51 15.79 25.56 -12.10
C MET B 51 15.51 26.88 -11.38
N GLU B 52 15.97 27.97 -11.98
CA GLU B 52 15.85 29.30 -11.38
C GLU B 52 15.44 30.35 -12.42
N MET B 53 14.54 31.27 -12.05
CA MET B 53 14.17 32.39 -12.95
C MET B 53 14.50 33.71 -12.28
N VAL B 54 15.30 34.51 -12.98
CA VAL B 54 15.80 35.78 -12.49
C VAL B 54 15.21 36.93 -13.30
N ALA B 55 14.85 38.02 -12.63
CA ALA B 55 14.38 39.25 -13.30
C ALA B 55 15.25 40.46 -12.90
N ARG B 56 15.62 41.27 -13.90
CA ARG B 56 16.33 42.52 -13.67
C ARG B 56 15.41 43.69 -14.03
N VAL B 57 15.20 44.58 -13.05
CA VAL B 57 14.27 45.69 -13.17
C VAL B 57 15.00 46.96 -12.75
N ALA B 58 14.65 48.09 -13.36
CA ALA B 58 15.32 49.37 -13.12
C ALA B 58 14.98 49.92 -11.73
N LEU B 59 16.01 50.23 -10.94
CA LEU B 59 15.88 50.90 -9.64
C LEU B 59 16.37 52.33 -9.85
N VAL B 60 15.42 53.23 -10.10
CA VAL B 60 15.71 54.64 -10.42
C VAL B 60 15.78 55.53 -9.17
N GLN B 61 15.00 55.19 -8.14
CA GLN B 61 15.04 55.91 -6.85
C GLN B 61 16.13 55.31 -5.94
N PRO B 62 16.47 56.00 -4.81
CA PRO B 62 17.51 55.49 -3.92
C PRO B 62 17.15 54.18 -3.22
N HIS B 63 18.15 53.34 -3.04
CA HIS B 63 17.95 51.98 -2.57
C HIS B 63 19.19 51.53 -1.81
N GLU B 64 19.05 50.41 -1.12
CA GLU B 64 20.16 49.77 -0.41
C GLU B 64 19.96 48.25 -0.37
N PRO B 65 21.05 47.44 -0.46
CA PRO B 65 20.89 45.96 -0.37
C PRO B 65 20.43 45.42 0.98
N GLY B 66 20.12 44.13 0.96
CA GLY B 66 19.32 43.46 1.99
C GLY B 66 18.31 42.60 1.24
N ALA B 67 18.01 41.42 1.77
CA ALA B 67 17.22 40.45 1.03
C ALA B 67 16.42 39.47 1.90
N THR B 68 15.26 39.08 1.38
CA THR B 68 14.46 37.99 1.96
C THR B 68 13.48 37.40 0.95
N THR B 69 12.69 36.42 1.39
CA THR B 69 11.98 35.52 0.48
C THR B 69 10.53 35.28 0.92
N VAL B 70 9.57 35.88 0.23
CA VAL B 70 8.15 35.90 0.65
C VAL B 70 7.24 35.03 -0.22
N PRO B 71 6.16 34.43 0.36
CA PRO B 71 5.32 33.37 -0.27
C PRO B 71 4.70 33.68 -1.64
N ALA B 72 5.02 32.84 -2.62
CA ALA B 72 5.11 33.26 -4.02
C ALA B 72 3.83 33.60 -4.81
N ARG B 73 2.87 32.69 -4.91
CA ARG B 73 1.64 32.94 -5.70
C ARG B 73 0.84 34.08 -5.09
N LYS B 74 0.69 34.03 -3.77
CA LYS B 74 0.01 35.07 -3.00
C LYS B 74 0.69 36.44 -3.18
N PHE B 75 2.01 36.43 -3.11
CA PHE B 75 2.82 37.63 -3.27
C PHE B 75 2.73 38.18 -4.70
N PHE B 76 2.77 37.30 -5.69
CA PHE B 76 2.68 37.72 -7.08
C PHE B 76 1.35 38.40 -7.33
N ASP B 77 0.28 37.76 -6.86
CA ASP B 77 -1.06 38.30 -7.00
C ASP B 77 -1.25 39.66 -6.33
N ILE B 78 -0.61 39.90 -5.19
CA ILE B 78 -0.72 41.20 -4.51
C ILE B 78 -0.27 42.31 -5.45
N CYS B 79 0.91 42.08 -6.02
CA CYS B 79 1.57 43.05 -6.87
C CYS B 79 0.86 43.24 -8.20
N ARG B 80 0.50 42.11 -8.80
CA ARG B 80 -0.37 42.12 -9.96
C ARG B 80 -1.69 42.86 -9.67
N GLY B 81 -2.22 42.70 -8.45
CA GLY B 81 -3.47 43.34 -8.02
C GLY B 81 -3.51 44.86 -7.87
N LEU B 82 -2.36 45.49 -7.66
CA LEU B 82 -2.29 46.96 -7.50
C LEU B 82 -2.65 47.73 -8.78
N PRO B 83 -3.20 48.97 -8.65
CA PRO B 83 -3.51 49.78 -9.84
C PRO B 83 -2.29 50.33 -10.60
N GLU B 84 -2.53 50.78 -11.84
CA GLU B 84 -1.54 51.40 -12.74
C GLU B 84 -0.76 52.55 -12.08
N GLY B 85 0.57 52.45 -12.10
CA GLY B 85 1.46 53.49 -11.58
C GLY B 85 1.56 53.53 -10.06
N ALA B 86 1.32 52.38 -9.41
CA ALA B 86 1.18 52.34 -7.95
C ALA B 86 2.50 52.54 -7.22
N GLU B 87 2.40 53.14 -6.04
CA GLU B 87 3.51 53.30 -5.10
C GLU B 87 3.81 51.94 -4.45
N ILE B 88 4.89 51.27 -4.85
CA ILE B 88 5.34 50.05 -4.16
C ILE B 88 6.63 50.43 -3.43
N ALA B 89 6.63 50.31 -2.10
CA ALA B 89 7.82 50.51 -1.29
C ALA B 89 7.91 49.36 -0.29
N VAL B 90 9.02 48.61 -0.36
CA VAL B 90 9.28 47.52 0.57
C VAL B 90 10.53 47.85 1.35
N GLN B 91 10.61 47.31 2.56
CA GLN B 91 11.78 47.49 3.40
C GLN B 91 12.01 46.27 4.30
N LEU B 92 13.24 45.74 4.24
CA LEU B 92 13.72 44.74 5.21
C LEU B 92 14.10 45.40 6.52
N GLU B 93 13.38 45.04 7.58
CA GLU B 93 13.76 45.29 8.96
C GLU B 93 14.14 43.94 9.60
N GLY B 94 15.35 43.48 9.32
CA GLY B 94 15.85 42.18 9.79
C GLY B 94 14.90 41.04 9.45
N GLU B 95 14.37 40.41 10.49
CA GLU B 95 13.46 39.27 10.38
C GLU B 95 12.19 39.57 9.59
N ARG B 96 11.58 40.73 9.77
CA ARG B 96 10.33 40.99 9.07
C ARG B 96 10.54 41.71 7.75
N MET B 97 9.72 41.35 6.76
CA MET B 97 9.56 42.19 5.57
C MET B 97 8.30 43.03 5.71
N LEU B 98 8.48 44.35 5.68
CA LEU B 98 7.37 45.30 5.62
C LEU B 98 7.23 45.79 4.18
N VAL B 99 6.06 45.55 3.59
CA VAL B 99 5.70 46.01 2.26
C VAL B 99 4.54 46.99 2.42
N ARG B 100 4.64 48.15 1.78
CA ARG B 100 3.53 49.13 1.77
C ARG B 100 3.20 49.51 0.33
N SER B 101 2.02 50.08 0.13
CA SER B 101 1.68 50.71 -1.14
C SER B 101 0.81 51.93 -0.87
N GLY B 102 1.42 53.12 -0.94
CA GLY B 102 0.74 54.35 -0.58
C GLY B 102 0.30 54.31 0.89
N ARG B 103 -1.00 54.47 1.14
CA ARG B 103 -1.59 54.38 2.51
C ARG B 103 -2.01 52.97 2.97
N SER B 104 -1.95 51.99 2.06
CA SER B 104 -2.17 50.58 2.40
C SER B 104 -0.87 49.94 2.88
N ARG B 105 -0.97 48.88 3.67
CA ARG B 105 0.22 48.32 4.30
C ARG B 105 0.18 46.79 4.31
N PHE B 106 1.33 46.15 4.14
CA PHE B 106 1.40 44.70 3.98
C PHE B 106 2.60 44.18 4.76
N SER B 107 2.38 43.31 5.72
CA SER B 107 3.44 42.79 6.57
C SER B 107 3.34 41.27 6.50
N LEU B 108 4.39 40.64 5.96
CA LEU B 108 4.30 39.28 5.47
C LEU B 108 4.96 38.31 6.43
N SER B 109 4.63 37.03 6.31
CA SER B 109 5.44 36.00 6.95
C SER B 109 6.75 36.04 6.20
N THR B 110 7.85 35.91 6.90
CA THR B 110 9.15 36.11 6.29
C THR B 110 10.06 34.97 6.74
N LEU B 111 10.71 34.31 5.77
CA LEU B 111 11.82 33.37 6.04
C LEU B 111 13.10 34.05 5.49
N PRO B 112 14.24 33.95 6.22
CA PRO B 112 15.43 34.68 5.76
C PRO B 112 16.01 34.10 4.47
N ALA B 113 16.66 34.95 3.69
CA ALA B 113 17.30 34.56 2.43
C ALA B 113 18.10 33.28 2.54
N ALA B 114 18.91 33.16 3.59
CA ALA B 114 19.83 32.04 3.77
C ALA B 114 19.21 30.62 3.92
N ASP B 115 17.90 30.50 4.07
CA ASP B 115 17.23 29.18 3.97
C ASP B 115 17.06 28.72 2.52
N PHE B 116 16.97 29.67 1.60
CA PHE B 116 16.87 29.39 0.17
C PHE B 116 18.27 29.02 -0.35
N PRO B 117 18.43 27.84 -0.99
CA PRO B 117 19.75 27.58 -1.57
C PRO B 117 20.00 28.48 -2.77
N ASN B 118 21.19 29.07 -2.86
CA ASN B 118 21.60 29.73 -4.10
C ASN B 118 22.46 28.72 -4.87
N LEU B 119 22.04 28.45 -6.10
CA LEU B 119 22.61 27.40 -6.93
C LEU B 119 23.86 27.97 -7.60
N ASP B 120 24.83 27.09 -7.89
CA ASP B 120 26.20 27.48 -8.32
C ASP B 120 26.22 28.19 -9.67
N ASP B 121 26.99 29.27 -9.75
CA ASP B 121 27.34 29.89 -11.04
C ASP B 121 28.25 28.86 -11.74
N TRP B 122 28.17 28.80 -13.06
CA TRP B 122 28.83 27.74 -13.87
C TRP B 122 29.61 28.38 -15.04
N GLN B 123 30.34 27.60 -15.84
CA GLN B 123 31.15 28.15 -16.95
C GLN B 123 30.54 27.85 -18.32
N SER B 124 30.58 28.87 -19.18
CA SER B 124 30.04 28.81 -20.53
C SER B 124 30.92 27.97 -21.47
N GLU B 125 30.29 27.39 -22.48
CA GLU B 125 30.99 26.64 -23.53
C GLU B 125 30.68 27.21 -24.91
N VAL B 126 29.39 27.41 -25.19
CA VAL B 126 28.87 27.95 -26.46
C VAL B 126 27.85 29.09 -26.15
N GLU B 127 27.83 30.14 -27.00
CA GLU B 127 27.06 31.39 -26.77
C GLU B 127 26.47 31.94 -28.09
N PHE B 128 25.21 32.43 -28.09
CA PHE B 128 24.55 32.79 -29.36
C PHE B 128 23.35 33.73 -29.26
N THR B 129 23.04 34.36 -30.39
CA THR B 129 21.86 35.22 -30.56
C THR B 129 20.92 34.69 -31.66
N LEU B 130 19.62 34.96 -31.51
CA LEU B 130 18.56 34.80 -32.58
C LEU B 130 17.24 35.45 -32.12
N PRO B 131 16.28 35.70 -33.05
CA PRO B 131 14.99 36.23 -32.59
C PRO B 131 14.25 35.24 -31.69
N GLN B 132 13.58 35.78 -30.67
CA GLN B 132 12.71 34.97 -29.83
C GLN B 132 11.73 34.19 -30.67
N ALA B 133 11.12 34.85 -31.65
CA ALA B 133 10.11 34.23 -32.52
C ALA B 133 10.49 32.84 -33.06
N THR B 134 11.73 32.73 -33.53
CA THR B 134 12.29 31.47 -34.04
C THR B 134 12.29 30.40 -32.97
N MET B 135 12.69 30.81 -31.77
CA MET B 135 12.71 29.92 -30.64
C MET B 135 11.33 29.51 -30.16
N LYS B 136 10.34 30.39 -30.30
CA LYS B 136 8.97 30.05 -29.93
C LYS B 136 8.46 28.91 -30.80
N ARG B 137 8.55 29.08 -32.12
CA ARG B 137 8.13 28.01 -33.04
C ARG B 137 8.91 26.72 -32.74
N LEU B 138 10.23 26.83 -32.59
CA LEU B 138 11.10 25.68 -32.23
C LEU B 138 10.63 24.83 -31.05
N ILE B 139 10.27 25.49 -29.96
CA ILE B 139 9.87 24.77 -28.75
C ILE B 139 8.47 24.26 -28.97
N GLU B 140 7.56 25.15 -29.32
CA GLU B 140 6.17 24.80 -29.60
C GLU B 140 6.02 23.63 -30.55
N ALA B 141 6.87 23.60 -31.59
CA ALA B 141 6.82 22.54 -32.58
C ALA B 141 7.24 21.17 -32.05
N THR B 142 7.89 21.12 -30.89
CA THR B 142 8.30 19.85 -30.29
C THR B 142 7.76 19.54 -28.89
N GLN B 143 7.29 20.55 -28.16
CA GLN B 143 6.74 20.39 -26.79
C GLN B 143 5.91 19.12 -26.55
N PHE B 144 4.93 18.91 -27.41
CA PHE B 144 3.91 17.85 -27.21
C PHE B 144 4.47 16.43 -27.17
N SER B 145 5.61 16.19 -27.82
CA SER B 145 6.21 14.86 -27.89
C SER B 145 6.88 14.42 -26.60
N MET B 146 7.23 15.36 -25.73
CA MET B 146 7.85 15.01 -24.46
C MET B 146 6.82 14.35 -23.58
N ALA B 147 7.22 13.25 -22.93
CA ALA B 147 6.33 12.60 -21.99
C ALA B 147 6.19 13.44 -20.76
N HIS B 148 5.11 13.18 -20.05
CA HIS B 148 4.77 13.85 -18.82
C HIS B 148 5.28 12.99 -17.68
N GLN B 149 4.96 11.70 -17.74
CA GLN B 149 5.52 10.69 -16.84
C GLN B 149 6.04 9.51 -17.66
N ASP B 150 7.36 9.36 -17.75
CA ASP B 150 7.99 8.16 -18.29
C ASP B 150 9.05 7.68 -17.32
N VAL B 151 9.26 6.38 -17.33
CA VAL B 151 10.26 5.75 -16.50
C VAL B 151 11.64 6.00 -17.11
N ARG B 152 11.70 6.05 -18.45
CA ARG B 152 12.88 6.58 -19.14
C ARG B 152 12.85 8.11 -18.98
N TYR B 153 13.29 8.53 -17.79
CA TYR B 153 13.35 9.94 -17.34
C TYR B 153 13.99 10.92 -18.34
N TYR B 154 14.99 10.44 -19.09
CA TYR B 154 15.72 11.26 -20.09
C TYR B 154 14.84 11.72 -21.25
N LEU B 155 13.74 11.00 -21.50
CA LEU B 155 12.76 11.41 -22.48
C LEU B 155 11.79 12.51 -21.97
N ASN B 156 11.71 12.72 -20.65
CA ASN B 156 10.92 13.82 -20.05
C ASN B 156 11.66 15.15 -20.25
N GLY B 157 11.93 15.51 -21.50
CA GLY B 157 12.88 16.57 -21.80
C GLY B 157 13.26 16.66 -23.27
N MET B 158 14.15 17.62 -23.60
CA MET B 158 14.45 17.96 -25.00
C MET B 158 15.95 18.00 -25.34
N LEU B 159 16.29 17.32 -26.43
CA LEU B 159 17.64 17.28 -26.96
C LEU B 159 17.88 18.56 -27.74
N PHE B 160 18.92 19.28 -27.33
CA PHE B 160 19.44 20.39 -28.10
C PHE B 160 20.75 19.96 -28.70
N GLU B 161 20.82 19.93 -30.02
CA GLU B 161 22.08 19.73 -30.73
C GLU B 161 22.40 20.92 -31.62
N THR B 162 23.53 21.57 -31.38
CA THR B 162 24.03 22.59 -32.29
C THR B 162 25.16 21.96 -33.07
N GLU B 163 25.19 22.24 -34.36
CA GLU B 163 26.02 21.47 -35.25
C GLU B 163 26.15 22.20 -36.59
N GLY B 164 27.40 22.38 -37.02
CA GLY B 164 27.72 23.22 -38.15
C GLY B 164 27.23 24.63 -37.88
N GLU B 165 26.38 25.14 -38.78
CA GLU B 165 25.79 26.47 -38.65
C GLU B 165 24.29 26.36 -38.47
N GLU B 166 23.87 25.29 -37.80
CA GLU B 166 22.45 25.02 -37.56
C GLU B 166 22.21 24.77 -36.06
N LEU B 167 21.10 25.31 -35.59
CA LEU B 167 20.57 25.06 -34.26
C LEU B 167 19.51 23.97 -34.45
N ARG B 168 19.63 22.86 -33.72
CA ARG B 168 18.87 21.65 -34.05
C ARG B 168 18.35 20.95 -32.80
N THR B 169 17.03 20.94 -32.65
CA THR B 169 16.39 20.50 -31.43
C THR B 169 15.46 19.34 -31.70
N VAL B 170 15.24 18.51 -30.67
CA VAL B 170 14.45 17.30 -30.82
C VAL B 170 13.93 16.77 -29.47
N ALA B 171 12.73 16.21 -29.46
CA ALA B 171 12.07 15.66 -28.26
C ALA B 171 11.17 14.47 -28.60
N THR B 172 10.85 13.66 -27.59
CA THR B 172 10.09 12.42 -27.82
C THR B 172 9.39 11.85 -26.58
N ASP B 173 8.46 10.94 -26.86
CA ASP B 173 7.77 10.13 -25.83
C ASP B 173 8.45 8.75 -25.62
N GLY B 174 9.03 8.19 -26.69
CA GLY B 174 9.23 6.74 -26.79
C GLY B 174 8.15 6.12 -27.66
N HIS B 175 7.22 6.97 -28.11
CA HIS B 175 6.18 6.65 -29.08
C HIS B 175 6.39 7.50 -30.34
N ARG B 176 6.44 8.82 -30.14
CA ARG B 176 6.31 9.80 -31.20
C ARG B 176 7.39 10.84 -31.02
N LEU B 177 7.62 11.66 -32.04
CA LEU B 177 8.70 12.65 -31.96
C LEU B 177 8.65 13.68 -33.09
N ALA B 178 9.12 14.88 -32.75
CA ALA B 178 9.45 15.92 -33.73
C ALA B 178 10.91 16.38 -33.53
N VAL B 179 11.64 16.55 -34.63
CA VAL B 179 12.99 17.16 -34.65
C VAL B 179 12.95 18.38 -35.56
N CYS B 180 13.66 19.45 -35.21
CA CYS B 180 13.70 20.65 -36.07
C CYS B 180 15.07 21.28 -36.12
N SER B 181 15.35 21.88 -37.27
CA SER B 181 16.65 22.42 -37.62
C SER B 181 16.48 23.85 -38.14
N MET B 182 17.20 24.81 -37.55
CA MET B 182 17.19 26.22 -37.99
C MET B 182 18.61 26.78 -38.18
N PRO B 183 18.87 27.47 -39.32
CA PRO B 183 20.19 28.10 -39.52
C PRO B 183 20.33 29.39 -38.71
N ILE B 184 21.49 29.53 -38.08
CA ILE B 184 21.74 30.55 -37.06
C ILE B 184 22.72 31.64 -37.54
N GLY B 185 23.33 31.45 -38.70
CA GLY B 185 24.17 32.50 -39.31
C GLY B 185 25.65 32.49 -38.95
N GLN B 186 26.03 31.81 -37.86
CA GLN B 186 27.45 31.69 -37.45
C GLN B 186 27.85 30.27 -37.06
N SER B 187 29.15 30.05 -36.94
CA SER B 187 29.71 28.74 -36.60
C SER B 187 29.33 28.35 -35.15
N LEU B 188 28.88 27.10 -34.98
CA LEU B 188 28.57 26.51 -33.66
C LEU B 188 29.44 25.27 -33.48
N PRO B 189 30.14 25.13 -32.33
CA PRO B 189 30.80 23.86 -32.05
C PRO B 189 29.77 22.80 -31.65
N SER B 190 30.15 21.53 -31.76
CA SER B 190 29.24 20.41 -31.48
C SER B 190 28.90 20.33 -30.00
N HIS B 191 27.60 20.30 -29.69
CA HIS B 191 27.13 20.30 -28.31
C HIS B 191 25.82 19.54 -28.16
N SER B 192 25.58 19.03 -26.95
CA SER B 192 24.31 18.38 -26.58
C SER B 192 23.89 18.82 -25.18
N VAL B 193 22.65 19.30 -25.03
CA VAL B 193 22.04 19.50 -23.70
C VAL B 193 20.62 18.97 -23.70
N ILE B 194 20.28 18.27 -22.62
CA ILE B 194 19.03 17.56 -22.47
C ILE B 194 18.32 18.22 -21.33
N VAL B 195 17.21 18.88 -21.60
CA VAL B 195 16.61 19.79 -20.62
C VAL B 195 15.29 19.20 -20.14
N PRO B 196 15.06 19.16 -18.81
CA PRO B 196 13.84 18.53 -18.30
C PRO B 196 12.60 19.32 -18.66
N ARG B 197 11.50 18.59 -18.81
CA ARG B 197 10.25 19.17 -19.28
C ARG B 197 9.87 20.46 -18.54
N LYS B 198 10.09 20.49 -17.23
CA LYS B 198 9.81 21.67 -16.42
C LYS B 198 10.58 22.87 -16.95
N GLY B 199 11.85 22.64 -17.24
CA GLY B 199 12.72 23.63 -17.86
C GLY B 199 12.16 24.18 -19.15
N VAL B 200 11.72 23.30 -20.04
CA VAL B 200 11.26 23.78 -21.34
C VAL B 200 9.90 24.49 -21.18
N ILE B 201 9.07 24.05 -20.22
CA ILE B 201 7.82 24.79 -19.88
C ILE B 201 8.15 26.23 -19.57
N GLU B 202 9.17 26.39 -18.74
CA GLU B 202 9.56 27.70 -18.27
C GLU B 202 10.05 28.55 -19.43
N LEU B 203 10.91 27.96 -20.24
CA LEU B 203 11.40 28.58 -21.46
C LEU B 203 10.28 29.04 -22.38
N MET B 204 9.28 28.19 -22.57
CA MET B 204 8.14 28.56 -23.39
C MET B 204 7.47 29.80 -22.84
N ARG B 205 7.21 29.82 -21.53
CA ARG B 205 6.50 30.94 -20.92
C ARG B 205 7.26 32.25 -21.00
N MET B 206 8.59 32.21 -21.06
CA MET B 206 9.38 33.45 -21.12
C MET B 206 9.42 34.08 -22.50
N LEU B 207 8.91 33.37 -23.51
CA LEU B 207 8.60 33.98 -24.80
C LEU B 207 7.26 34.70 -24.69
N ASP B 208 7.33 36.00 -24.36
CA ASP B 208 6.17 36.90 -24.39
C ASP B 208 5.86 37.43 -25.80
N GLY B 209 6.65 36.98 -26.79
CA GLY B 209 6.40 37.33 -28.17
C GLY B 209 7.01 38.65 -28.59
N GLY B 210 7.90 39.20 -27.76
CA GLY B 210 8.63 40.42 -28.12
C GLY B 210 9.59 40.24 -29.30
N ASP B 211 9.95 41.36 -29.94
CA ASP B 211 11.03 41.39 -30.95
C ASP B 211 12.40 41.65 -30.30
N ASN B 212 12.41 41.90 -28.97
CA ASN B 212 13.62 41.80 -28.16
C ASN B 212 14.36 40.54 -28.59
N PRO B 213 15.63 40.69 -29.01
CA PRO B 213 16.38 39.52 -29.49
C PRO B 213 16.70 38.56 -28.35
N LEU B 214 16.87 37.29 -28.69
CA LEU B 214 17.15 36.23 -27.73
C LEU B 214 18.64 35.86 -27.81
N ARG B 215 19.32 35.87 -26.67
CA ARG B 215 20.73 35.51 -26.59
C ARG B 215 20.86 34.52 -25.46
N VAL B 216 21.56 33.42 -25.70
CA VAL B 216 21.61 32.35 -24.72
C VAL B 216 23.00 31.75 -24.67
N GLN B 217 23.39 31.37 -23.45
CA GLN B 217 24.65 30.70 -23.20
C GLN B 217 24.36 29.37 -22.58
N ILE B 218 25.08 28.36 -23.04
CA ILE B 218 24.86 26.99 -22.61
C ILE B 218 26.19 26.43 -22.13
N GLY B 219 26.19 25.90 -20.91
CA GLY B 219 27.31 25.15 -20.37
C GLY B 219 27.14 23.66 -20.65
N SER B 220 28.04 22.85 -20.11
CA SER B 220 28.01 21.40 -20.32
C SER B 220 26.76 20.75 -19.68
N ASN B 221 26.54 21.04 -18.40
CA ASN B 221 25.33 20.59 -17.65
C ASN B 221 24.58 21.75 -16.93
N ASN B 222 24.59 22.95 -17.53
CA ASN B 222 23.77 24.09 -17.07
C ASN B 222 23.31 24.92 -18.30
N ILE B 223 22.45 25.92 -18.10
CA ILE B 223 21.98 26.76 -19.21
C ILE B 223 21.68 28.21 -18.80
N ARG B 224 21.91 29.16 -19.71
CA ARG B 224 21.64 30.60 -19.51
C ARG B 224 20.94 31.22 -20.71
N ALA B 225 19.85 31.95 -20.48
CA ALA B 225 19.04 32.53 -21.55
C ALA B 225 18.51 33.92 -21.22
N HIS B 226 18.70 34.86 -22.15
CA HIS B 226 18.34 36.27 -21.97
C HIS B 226 17.26 36.66 -22.97
N VAL B 227 16.11 37.11 -22.47
CA VAL B 227 15.01 37.65 -23.28
C VAL B 227 14.84 39.10 -22.90
N GLY B 228 15.00 40.04 -23.83
CA GLY B 228 14.83 41.47 -23.51
C GLY B 228 15.49 41.89 -22.21
N ASP B 229 14.69 42.15 -21.17
CA ASP B 229 15.20 42.54 -19.83
C ASP B 229 15.60 41.36 -18.92
N PHE B 230 15.09 40.16 -19.20
CA PHE B 230 15.06 39.02 -18.25
C PHE B 230 16.12 37.99 -18.54
N ILE B 231 16.48 37.23 -17.52
CA ILE B 231 17.58 36.30 -17.61
C ILE B 231 17.20 35.02 -16.90
N PHE B 232 17.31 33.91 -17.61
CA PHE B 232 16.88 32.62 -17.13
C PHE B 232 18.11 31.78 -16.85
N THR B 233 18.05 30.93 -15.83
CA THR B 233 19.13 30.00 -15.53
C THR B 233 18.60 28.67 -14.98
N SER B 234 19.12 27.55 -15.48
CA SER B 234 18.74 26.22 -14.99
C SER B 234 19.87 25.26 -15.12
N LYS B 235 19.87 24.23 -14.27
CA LYS B 235 20.69 23.04 -14.52
C LYS B 235 19.84 22.02 -15.26
N LEU B 236 20.52 21.10 -15.92
CA LEU B 236 19.90 20.09 -16.79
C LEU B 236 20.00 18.68 -16.15
N VAL B 237 19.40 17.69 -16.82
CA VAL B 237 19.60 16.26 -16.47
C VAL B 237 20.94 15.79 -17.07
N ASP B 238 21.68 14.95 -16.35
CA ASP B 238 23.08 14.71 -16.71
C ASP B 238 23.26 14.00 -18.06
N GLY B 239 22.50 12.95 -18.35
CA GLY B 239 22.67 12.29 -19.64
C GLY B 239 21.70 11.23 -20.12
N ARG B 240 22.21 10.47 -21.10
CA ARG B 240 21.54 9.38 -21.79
C ARG B 240 20.40 9.83 -22.72
N PHE B 241 20.60 10.87 -23.51
CA PHE B 241 19.73 11.00 -24.67
C PHE B 241 20.43 10.29 -25.82
N PRO B 242 19.76 9.31 -26.45
CA PRO B 242 20.38 8.60 -27.57
C PRO B 242 20.49 9.44 -28.84
N ASP B 243 21.21 8.91 -29.82
CA ASP B 243 21.35 9.52 -31.15
C ASP B 243 20.03 9.46 -31.93
N TYR B 244 19.39 10.62 -32.09
CA TYR B 244 18.16 10.76 -32.89
C TYR B 244 18.27 10.27 -34.35
N ARG B 245 19.47 10.36 -34.93
CA ARG B 245 19.69 9.83 -36.30
C ARG B 245 19.44 8.34 -36.41
N ARG B 246 19.49 7.63 -35.27
CA ARG B 246 19.23 6.19 -35.22
C ARG B 246 17.76 5.85 -35.51
N VAL B 247 16.84 6.65 -34.99
CA VAL B 247 15.42 6.37 -35.19
C VAL B 247 14.89 6.91 -36.53
N LEU B 248 15.58 7.88 -37.14
CA LEU B 248 15.19 8.44 -38.44
C LEU B 248 14.90 7.36 -39.47
N PRO B 249 13.79 7.48 -40.21
CA PRO B 249 13.42 6.44 -41.18
C PRO B 249 14.33 6.38 -42.42
N LYS B 250 14.40 5.19 -43.01
CA LYS B 250 15.43 4.84 -44.01
C LYS B 250 14.90 5.07 -45.43
N ASN B 251 15.03 6.30 -45.92
CA ASN B 251 14.67 6.67 -47.31
C ASN B 251 13.23 6.24 -47.69
N PRO B 252 12.23 6.91 -47.10
CA PRO B 252 10.83 6.61 -47.45
C PRO B 252 10.54 6.84 -48.93
N ASP B 253 10.21 5.76 -49.64
CA ASP B 253 10.03 5.78 -51.11
C ASP B 253 8.62 6.17 -51.60
N LYS B 254 7.66 6.35 -50.68
CA LYS B 254 6.27 6.63 -51.02
C LYS B 254 5.90 8.04 -50.57
N HIS B 255 5.23 8.79 -51.44
CA HIS B 255 4.88 10.18 -51.19
C HIS B 255 3.39 10.41 -51.19
N LEU B 256 2.97 11.30 -50.30
CA LEU B 256 1.57 11.47 -50.00
C LEU B 256 1.34 12.92 -49.62
N GLU B 257 0.40 13.55 -50.33
CA GLU B 257 0.04 14.94 -50.09
C GLU B 257 -1.47 15.07 -49.86
N ALA B 258 -1.85 15.96 -48.94
CA ALA B 258 -3.24 16.36 -48.76
C ALA B 258 -3.27 17.71 -48.08
N GLY B 259 -4.31 18.50 -48.39
CA GLY B 259 -4.40 19.87 -47.91
C GLY B 259 -4.43 19.92 -46.39
N CYS B 260 -3.62 20.78 -45.79
CA CYS B 260 -3.36 20.71 -44.35
C CYS B 260 -4.58 20.97 -43.46
N ASP B 261 -5.34 22.03 -43.77
CA ASP B 261 -6.58 22.35 -43.03
C ASP B 261 -7.56 21.20 -43.14
N LEU B 262 -7.82 20.78 -44.39
CA LEU B 262 -8.75 19.69 -44.69
C LEU B 262 -8.35 18.47 -43.90
N LEU B 263 -7.11 18.07 -44.14
CA LEU B 263 -6.48 16.93 -43.50
C LEU B 263 -6.69 16.98 -42.00
N LYS B 264 -6.29 18.11 -41.40
CA LYS B 264 -6.44 18.37 -39.96
C LYS B 264 -7.88 18.22 -39.49
N GLN B 265 -8.81 18.69 -40.31
CA GLN B 265 -10.22 18.67 -40.00
C GLN B 265 -10.74 17.24 -39.92
N ALA B 266 -10.38 16.45 -40.92
CA ALA B 266 -10.81 15.06 -40.98
C ALA B 266 -10.31 14.27 -39.80
N PHE B 267 -9.07 14.53 -39.42
CA PHE B 267 -8.46 13.90 -38.26
C PHE B 267 -9.16 14.23 -36.97
N ALA B 268 -9.46 15.50 -36.82
CA ALA B 268 -10.14 15.99 -35.63
C ALA B 268 -11.45 15.27 -35.50
N ARG B 269 -12.22 15.29 -36.59
CA ARG B 269 -13.51 14.62 -36.66
C ARG B 269 -13.40 13.15 -36.32
N ALA B 270 -12.48 12.49 -36.99
CA ALA B 270 -12.27 11.06 -36.84
C ALA B 270 -11.86 10.65 -35.40
N ALA B 271 -11.01 11.46 -34.77
CA ALA B 271 -10.52 11.20 -33.40
C ALA B 271 -11.63 10.80 -32.41
N ILE B 272 -12.78 11.44 -32.54
CA ILE B 272 -13.87 11.34 -31.56
C ILE B 272 -14.47 9.93 -31.45
N LEU B 273 -14.44 9.15 -32.54
CA LEU B 273 -14.97 7.77 -32.56
C LEU B 273 -13.90 6.67 -32.52
N SER B 274 -12.80 6.91 -31.81
CA SER B 274 -11.77 5.87 -31.60
C SER B 274 -11.78 5.38 -30.15
N ASN B 275 -10.91 4.42 -29.85
CA ASN B 275 -10.66 3.96 -28.48
C ASN B 275 -10.15 5.16 -27.68
N GLU B 276 -10.80 5.46 -26.57
CA GLU B 276 -10.46 6.61 -25.69
C GLU B 276 -8.97 6.82 -25.42
N LYS B 277 -8.30 5.76 -25.00
CA LYS B 277 -6.84 5.79 -24.74
C LYS B 277 -5.97 5.76 -25.98
N PHE B 278 -6.32 4.92 -26.94
CA PHE B 278 -5.39 4.52 -27.99
C PHE B 278 -5.69 5.08 -29.36
N ARG B 279 -6.91 5.59 -29.54
CA ARG B 279 -7.21 6.49 -30.64
C ARG B 279 -6.98 5.81 -32.00
N GLY B 280 -7.41 4.57 -32.10
CA GLY B 280 -7.06 3.68 -33.21
C GLY B 280 -7.72 4.03 -34.52
N VAL B 281 -6.92 4.47 -35.48
CA VAL B 281 -7.40 4.85 -36.80
C VAL B 281 -6.64 4.03 -37.84
N ARG B 282 -7.31 3.76 -38.96
CA ARG B 282 -6.82 2.87 -40.00
C ARG B 282 -6.59 3.66 -41.28
N LEU B 283 -5.50 3.35 -41.98
CA LEU B 283 -5.09 4.07 -43.19
C LEU B 283 -4.75 3.07 -44.31
N TYR B 284 -5.53 3.07 -45.40
CA TYR B 284 -5.17 2.33 -46.62
C TYR B 284 -4.97 3.35 -47.67
N VAL B 285 -3.76 3.37 -48.21
CA VAL B 285 -3.43 4.30 -49.25
C VAL B 285 -3.48 3.57 -50.57
N SER B 286 -3.90 4.30 -51.60
CA SER B 286 -3.92 3.79 -52.95
C SER B 286 -3.73 4.95 -53.90
N GLU B 287 -3.55 4.62 -55.18
CA GLU B 287 -3.34 5.64 -56.20
C GLU B 287 -4.46 6.69 -56.11
N ASN B 288 -4.06 7.94 -55.84
CA ASN B 288 -4.95 9.13 -55.74
C ASN B 288 -5.86 9.22 -54.51
N GLN B 289 -5.75 8.29 -53.56
CA GLN B 289 -6.74 8.21 -52.47
C GLN B 289 -6.12 7.72 -51.17
N LEU B 290 -6.85 7.93 -50.08
CA LEU B 290 -6.59 7.24 -48.83
C LEU B 290 -7.92 6.83 -48.22
N LYS B 291 -7.92 5.70 -47.53
CA LYS B 291 -9.12 5.24 -46.81
C LYS B 291 -8.91 5.41 -45.32
N ILE B 292 -9.71 6.28 -44.70
CA ILE B 292 -9.62 6.51 -43.27
C ILE B 292 -10.78 5.86 -42.56
N THR B 293 -10.47 5.09 -41.53
CA THR B 293 -11.48 4.62 -40.61
C THR B 293 -10.88 4.47 -39.23
N ALA B 294 -11.75 4.39 -38.24
CA ALA B 294 -11.40 3.94 -36.92
C ALA B 294 -12.58 3.10 -36.43
N ASN B 295 -12.29 2.06 -35.65
CA ASN B 295 -13.31 1.31 -34.93
C ASN B 295 -13.07 1.53 -33.46
N ASN B 296 -14.16 1.77 -32.71
CA ASN B 296 -14.02 1.91 -31.26
C ASN B 296 -14.85 0.87 -30.53
N PRO B 297 -14.54 0.68 -29.24
CA PRO B 297 -15.21 -0.36 -28.44
C PRO B 297 -16.74 -0.35 -28.43
N GLU B 298 -17.36 0.82 -28.57
CA GLU B 298 -18.83 0.94 -28.60
C GLU B 298 -19.46 0.60 -29.98
N GLN B 299 -18.74 -0.16 -30.82
CA GLN B 299 -19.20 -0.61 -32.14
C GLN B 299 -19.39 0.57 -33.12
N GLU B 300 -18.84 1.74 -32.78
CA GLU B 300 -19.01 2.91 -33.59
C GLU B 300 -17.99 2.86 -34.68
N GLU B 301 -18.32 3.52 -35.77
CA GLU B 301 -17.54 3.51 -36.96
C GLU B 301 -17.59 4.92 -37.50
N ALA B 302 -16.42 5.47 -37.81
CA ALA B 302 -16.31 6.66 -38.62
C ALA B 302 -15.50 6.33 -39.84
N GLU B 303 -15.66 7.16 -40.86
CA GLU B 303 -14.83 7.10 -42.05
C GLU B 303 -14.90 8.46 -42.70
N GLU B 304 -13.77 8.90 -43.22
CA GLU B 304 -13.69 10.13 -43.95
C GLU B 304 -13.15 9.80 -45.33
N ILE B 305 -13.77 10.40 -46.36
CA ILE B 305 -13.32 10.29 -47.76
C ILE B 305 -12.65 11.63 -48.04
N LEU B 306 -11.57 11.66 -48.84
CA LEU B 306 -10.69 12.84 -48.84
C LEU B 306 -9.88 13.15 -50.11
N ASP B 307 -9.32 14.37 -50.09
CA ASP B 307 -8.44 14.89 -51.13
C ASP B 307 -7.04 14.41 -50.81
N VAL B 308 -6.60 13.37 -51.51
CA VAL B 308 -5.26 12.82 -51.33
C VAL B 308 -4.56 12.78 -52.67
N THR B 309 -3.48 13.54 -52.77
CA THR B 309 -2.51 13.35 -53.82
C THR B 309 -1.63 12.20 -53.36
N TYR B 310 -1.44 11.19 -54.21
CA TYR B 310 -0.60 10.06 -53.85
C TYR B 310 0.09 9.36 -55.03
N SER B 311 1.42 9.30 -54.99
CA SER B 311 2.22 8.48 -55.88
C SER B 311 3.15 7.60 -55.04
N GLY B 312 3.17 6.30 -55.31
CA GLY B 312 3.90 5.29 -54.50
C GLY B 312 3.13 3.97 -54.43
N ALA B 313 3.61 3.02 -53.64
CA ALA B 313 2.98 1.68 -53.52
C ALA B 313 1.86 1.62 -52.44
N GLU B 314 0.86 0.77 -52.70
CA GLU B 314 -0.34 0.64 -51.85
C GLU B 314 0.02 -0.12 -50.56
N MET B 315 -0.48 0.38 -49.42
CA MET B 315 -0.18 -0.23 -48.10
C MET B 315 -1.17 0.18 -47.00
N GLU B 316 -1.04 -0.48 -45.86
CA GLU B 316 -1.98 -0.39 -44.74
C GLU B 316 -1.20 0.04 -43.52
N ILE B 317 -1.70 0.99 -42.75
CA ILE B 317 -1.00 1.46 -41.57
C ILE B 317 -1.91 2.26 -40.64
N GLY B 318 -1.82 2.03 -39.33
CA GLY B 318 -2.66 2.74 -38.37
C GLY B 318 -1.82 3.22 -37.21
N PHE B 319 -2.18 4.38 -36.65
CA PHE B 319 -1.47 4.95 -35.47
C PHE B 319 -2.32 5.95 -34.68
N ASN B 320 -1.84 6.26 -33.46
CA ASN B 320 -2.57 7.03 -32.44
C ASN B 320 -2.92 8.44 -32.88
N VAL B 321 -4.22 8.69 -33.03
CA VAL B 321 -4.74 9.95 -33.54
C VAL B 321 -4.31 11.18 -32.72
N SER B 322 -4.22 11.06 -31.40
CA SER B 322 -3.88 12.21 -30.55
C SER B 322 -2.51 12.74 -30.87
N TYR B 323 -1.57 11.84 -31.06
CA TYR B 323 -0.19 12.23 -31.26
C TYR B 323 -0.02 12.93 -32.59
N VAL B 324 -0.67 12.40 -33.62
CA VAL B 324 -0.64 13.02 -34.94
C VAL B 324 -1.43 14.33 -35.01
N LEU B 325 -2.52 14.44 -34.25
CA LEU B 325 -3.24 15.70 -34.19
C LEU B 325 -2.36 16.76 -33.58
N ASP B 326 -1.57 16.38 -32.58
CA ASP B 326 -0.67 17.32 -31.95
C ASP B 326 0.28 17.94 -32.97
N VAL B 327 0.76 17.16 -33.94
CA VAL B 327 1.66 17.70 -34.96
C VAL B 327 0.84 18.59 -35.90
N LEU B 328 -0.35 18.12 -36.28
CA LEU B 328 -1.25 18.90 -37.12
C LEU B 328 -1.69 20.21 -36.51
N ASN B 329 -1.80 20.25 -35.19
CA ASN B 329 -2.12 21.48 -34.48
C ASN B 329 -0.92 22.40 -34.41
N ALA B 330 0.29 21.84 -34.39
CA ALA B 330 1.53 22.63 -34.49
C ALA B 330 1.77 23.16 -35.90
N LEU B 331 1.40 22.37 -36.90
CA LEU B 331 1.57 22.75 -38.30
C LEU B 331 0.33 23.54 -38.76
N LYS B 332 0.32 24.83 -38.46
CA LYS B 332 -0.62 25.77 -39.07
C LYS B 332 0.06 26.32 -40.33
N CYS B 333 0.05 25.50 -41.36
CA CYS B 333 0.78 25.74 -42.61
C CYS B 333 -0.10 25.39 -43.82
N GLU B 334 0.44 25.63 -45.02
CA GLU B 334 -0.29 25.37 -46.28
C GLU B 334 -0.65 23.89 -46.54
N ASN B 335 0.36 23.01 -46.55
CA ASN B 335 0.19 21.58 -46.91
C ASN B 335 0.96 20.67 -45.95
N VAL B 336 0.52 19.42 -45.85
CA VAL B 336 1.32 18.36 -45.26
C VAL B 336 1.68 17.42 -46.39
N ARG B 337 2.96 17.06 -46.45
CA ARG B 337 3.41 15.96 -47.28
C ARG B 337 3.89 14.85 -46.36
N MET B 338 3.40 13.63 -46.59
CA MET B 338 3.83 12.45 -45.82
C MET B 338 4.70 11.51 -46.68
N MET B 339 5.79 11.02 -46.08
CA MET B 339 6.80 10.21 -46.75
C MET B 339 6.90 8.86 -46.06
N LEU B 340 6.55 7.79 -46.78
CA LEU B 340 6.36 6.45 -46.20
C LEU B 340 7.41 5.48 -46.71
N THR B 341 7.67 4.44 -45.93
CA THR B 341 8.64 3.39 -46.28
C THR B 341 7.92 2.04 -46.40
N ASP B 342 7.35 1.56 -45.29
CA ASP B 342 6.44 0.39 -45.30
C ASP B 342 5.53 0.37 -44.06
N SER B 343 4.54 -0.52 -44.08
CA SER B 343 3.57 -0.69 -42.99
C SER B 343 4.12 -1.02 -41.60
N VAL B 344 5.42 -1.32 -41.48
CA VAL B 344 6.04 -1.74 -40.20
C VAL B 344 7.30 -0.92 -39.80
N SER B 345 7.50 0.24 -40.44
CA SER B 345 8.57 1.15 -40.07
C SER B 345 7.95 2.35 -39.38
N SER B 346 8.80 3.14 -38.73
CA SER B 346 8.45 4.50 -38.36
C SER B 346 8.16 5.28 -39.66
N VAL B 347 7.22 6.24 -39.63
CA VAL B 347 6.91 7.06 -40.83
C VAL B 347 7.35 8.50 -40.61
N GLN B 348 7.62 9.19 -41.72
CA GLN B 348 8.01 10.59 -41.68
C GLN B 348 6.84 11.43 -42.14
N ILE B 349 6.71 12.59 -41.51
CA ILE B 349 5.58 13.50 -41.71
C ILE B 349 6.15 14.90 -41.83
N GLU B 350 5.64 15.68 -42.78
CA GLU B 350 6.20 17.01 -43.07
C GLU B 350 5.16 18.05 -43.46
N ASP B 351 5.44 19.29 -43.09
CA ASP B 351 4.87 20.46 -43.73
C ASP B 351 5.46 20.44 -45.13
N ALA B 352 4.64 20.61 -46.15
CA ALA B 352 5.15 20.59 -47.53
C ALA B 352 5.94 21.86 -47.90
N ALA B 353 5.96 22.87 -47.01
CA ALA B 353 6.76 24.09 -47.18
C ALA B 353 8.07 24.12 -46.37
N SER B 354 8.12 23.43 -45.22
CA SER B 354 9.33 23.34 -44.39
C SER B 354 9.73 21.88 -44.19
N GLN B 355 10.89 21.49 -44.75
CA GLN B 355 11.59 20.28 -44.31
C GLN B 355 12.57 20.59 -43.17
N SER B 356 12.54 21.83 -42.67
CA SER B 356 13.18 22.20 -41.40
C SER B 356 12.86 21.23 -40.26
N ALA B 357 11.60 20.80 -40.21
CA ALA B 357 11.11 19.86 -39.19
C ALA B 357 10.78 18.46 -39.75
N ALA B 358 10.75 17.47 -38.87
CA ALA B 358 10.21 16.12 -39.18
C ALA B 358 9.35 15.64 -38.02
N TYR B 359 8.23 15.01 -38.31
CA TYR B 359 7.33 14.47 -37.28
C TYR B 359 7.12 13.00 -37.53
N VAL B 360 6.99 12.24 -36.44
CA VAL B 360 7.02 10.79 -36.53
C VAL B 360 6.30 10.10 -35.38
N VAL B 361 5.42 9.18 -35.75
CA VAL B 361 4.89 8.13 -34.87
C VAL B 361 5.18 6.81 -35.57
N MET B 362 5.48 5.76 -34.83
CA MET B 362 5.40 4.41 -35.41
C MET B 362 3.97 3.94 -35.30
N PRO B 363 3.59 3.01 -36.20
CA PRO B 363 2.24 2.51 -36.18
C PRO B 363 2.01 1.39 -35.17
N MET B 364 0.75 1.24 -34.79
CA MET B 364 0.24 0.04 -34.12
C MET B 364 -0.56 -0.71 -35.17
N ARG B 365 -0.48 -2.04 -35.15
CA ARG B 365 -1.16 -2.85 -36.14
C ARG B 365 -2.46 -3.38 -35.54
N LEU B 366 -3.55 -2.69 -35.86
CA LEU B 366 -4.87 -2.98 -35.33
C LEU B 366 -5.76 -3.41 -36.48
N MET C 1 -37.50 6.10 -41.13
CA MET C 1 -37.18 7.57 -41.00
C MET C 1 -35.91 7.96 -41.76
N LYS C 2 -35.86 9.23 -42.14
CA LYS C 2 -34.68 9.86 -42.74
C LYS C 2 -34.73 11.35 -42.45
N PHE C 3 -33.57 11.98 -42.37
CA PHE C 3 -33.54 13.43 -42.28
C PHE C 3 -32.30 14.07 -42.85
N THR C 4 -32.40 15.39 -42.97
CA THR C 4 -31.37 16.25 -43.52
C THR C 4 -31.49 17.61 -42.84
N VAL C 5 -30.36 18.13 -42.37
CA VAL C 5 -30.33 19.37 -41.60
C VAL C 5 -29.10 20.18 -41.92
N GLU C 6 -29.22 21.45 -41.57
CA GLU C 6 -28.31 22.47 -42.01
C GLU C 6 -27.45 22.74 -40.80
N ARG C 7 -26.14 22.57 -40.94
CA ARG C 7 -25.22 22.57 -39.80
C ARG C 7 -25.47 23.72 -38.84
N GLU C 8 -25.55 24.94 -39.36
CA GLU C 8 -25.56 26.15 -38.52
C GLU C 8 -26.81 26.32 -37.66
N HIS C 9 -27.95 25.84 -38.15
CA HIS C 9 -29.18 25.86 -37.35
C HIS C 9 -29.03 24.94 -36.19
N LEU C 10 -28.43 23.79 -36.46
CA LEU C 10 -28.46 22.67 -35.56
C LEU C 10 -27.25 22.60 -34.63
N LEU C 11 -26.21 23.34 -34.97
CA LEU C 11 -24.94 23.32 -34.24
C LEU C 11 -25.09 23.95 -32.87
N LYS C 12 -25.78 25.08 -32.82
CA LYS C 12 -25.99 25.79 -31.57
C LYS C 12 -26.86 24.99 -30.59
N PRO C 13 -28.00 24.43 -31.05
CA PRO C 13 -28.76 23.45 -30.26
C PRO C 13 -27.92 22.33 -29.73
N LEU C 14 -27.06 21.80 -30.59
CA LEU C 14 -26.16 20.74 -30.20
C LEU C 14 -25.30 21.15 -29.03
N GLN C 15 -24.75 22.35 -29.08
CA GLN C 15 -24.00 22.87 -27.95
C GLN C 15 -24.88 23.05 -26.72
N GLN C 16 -26.11 23.54 -26.92
CA GLN C 16 -27.06 23.68 -25.81
C GLN C 16 -27.37 22.38 -25.09
N VAL C 17 -27.67 21.36 -25.86
CA VAL C 17 -28.05 20.07 -25.29
C VAL C 17 -26.77 19.35 -24.81
N SER C 18 -25.63 19.62 -25.44
CA SER C 18 -24.35 18.93 -25.13
C SER C 18 -23.62 19.29 -23.82
N GLY C 19 -23.73 20.53 -23.39
CA GLY C 19 -23.08 21.00 -22.15
C GLY C 19 -23.32 20.27 -20.83
N PRO C 20 -24.60 20.00 -20.47
CA PRO C 20 -24.92 19.45 -19.15
C PRO C 20 -24.42 18.04 -18.94
N LEU C 21 -24.38 17.26 -20.02
CA LEU C 21 -24.03 15.86 -19.95
C LEU C 21 -22.80 15.67 -19.07
N GLY C 22 -22.97 14.96 -17.96
CA GLY C 22 -21.89 14.75 -17.01
C GLY C 22 -20.83 13.85 -17.62
N GLY C 23 -19.61 13.95 -17.11
CA GLY C 23 -18.52 13.04 -17.52
C GLY C 23 -19.00 11.60 -17.59
N ARG C 24 -19.58 11.14 -16.48
CA ARG C 24 -20.38 9.92 -16.49
C ARG C 24 -21.71 10.18 -15.80
N PRO C 25 -22.82 10.25 -16.57
CA PRO C 25 -24.16 10.24 -15.96
C PRO C 25 -24.54 8.84 -15.48
N THR C 26 -25.66 8.75 -14.76
CA THR C 26 -26.01 7.55 -14.00
C THR C 26 -26.37 6.32 -14.85
N LEU C 27 -27.17 6.54 -15.89
CA LEU C 27 -27.76 5.47 -16.67
C LEU C 27 -27.28 5.65 -18.10
N PRO C 28 -26.47 4.71 -18.63
CA PRO C 28 -25.97 4.79 -20.01
C PRO C 28 -26.86 5.41 -21.13
N ILE C 29 -28.18 5.16 -21.13
CA ILE C 29 -29.09 5.74 -22.18
C ILE C 29 -29.01 7.27 -22.19
N LEU C 30 -28.85 7.85 -20.99
CA LEU C 30 -28.59 9.28 -20.80
C LEU C 30 -27.34 9.84 -21.52
N GLY C 31 -26.41 8.97 -21.93
CA GLY C 31 -25.29 9.34 -22.80
C GLY C 31 -25.63 9.55 -24.27
N ASN C 32 -26.83 9.13 -24.69
CA ASN C 32 -27.30 9.30 -26.06
C ASN C 32 -28.39 10.35 -26.21
N LEU C 33 -28.64 10.71 -27.47
CA LEU C 33 -29.50 11.80 -27.86
C LEU C 33 -30.86 11.30 -28.18
N LEU C 34 -31.88 12.09 -27.86
CA LEU C 34 -33.22 11.85 -28.36
C LEU C 34 -33.29 12.45 -29.75
N LEU C 35 -33.57 11.61 -30.76
CA LEU C 35 -33.78 12.06 -32.12
C LEU C 35 -35.16 11.59 -32.53
N GLN C 36 -36.14 12.49 -32.53
CA GLN C 36 -37.47 12.20 -33.02
C GLN C 36 -37.83 13.19 -34.07
N VAL C 37 -38.21 12.69 -35.24
CA VAL C 37 -38.80 13.50 -36.26
C VAL C 37 -40.32 13.32 -36.10
N ALA C 38 -41.00 14.41 -35.73
CA ALA C 38 -42.44 14.46 -35.58
C ALA C 38 -42.90 15.66 -36.40
N ASP C 39 -43.93 15.47 -37.23
CA ASP C 39 -44.31 16.49 -38.19
C ASP C 39 -43.09 16.80 -39.07
N GLY C 40 -42.68 18.07 -39.16
CA GLY C 40 -41.61 18.49 -40.04
C GLY C 40 -40.35 18.92 -39.29
N THR C 41 -40.11 18.37 -38.10
CA THR C 41 -39.03 18.84 -37.21
C THR C 41 -38.41 17.73 -36.36
N LEU C 42 -37.12 17.90 -36.09
CA LEU C 42 -36.40 17.05 -35.17
C LEU C 42 -36.28 17.74 -33.80
N SER C 43 -36.52 16.98 -32.74
CA SER C 43 -36.31 17.45 -31.37
C SER C 43 -35.14 16.68 -30.77
N LEU C 44 -34.13 17.41 -30.29
CA LEU C 44 -32.91 16.80 -29.72
C LEU C 44 -32.84 17.01 -28.24
N THR C 45 -32.51 15.96 -27.49
CA THR C 45 -32.67 15.95 -26.05
C THR C 45 -31.58 15.20 -25.31
N GLY C 46 -31.18 15.77 -24.17
CA GLY C 46 -30.36 15.08 -23.18
C GLY C 46 -30.91 15.39 -21.80
N THR C 47 -30.88 14.42 -20.89
CA THR C 47 -31.43 14.60 -19.54
C THR C 47 -30.46 14.11 -18.46
N ASP C 48 -30.70 14.56 -17.23
CA ASP C 48 -29.96 14.07 -16.05
C ASP C 48 -30.93 13.46 -15.03
N LEU C 49 -32.16 13.19 -15.48
CA LEU C 49 -33.36 12.79 -14.69
C LEU C 49 -34.11 13.94 -14.01
N GLU C 50 -33.50 15.12 -13.92
CA GLU C 50 -34.12 16.30 -13.31
C GLU C 50 -34.27 17.47 -14.28
N MET C 51 -33.53 17.45 -15.39
CA MET C 51 -33.63 18.47 -16.42
C MET C 51 -33.68 17.84 -17.82
N GLU C 52 -34.08 18.67 -18.78
CA GLU C 52 -34.24 18.28 -20.17
C GLU C 52 -34.14 19.51 -21.10
N MET C 53 -33.39 19.39 -22.21
CA MET C 53 -33.22 20.45 -23.25
C MET C 53 -33.82 19.94 -24.57
N VAL C 54 -34.63 20.77 -25.22
CA VAL C 54 -35.22 20.45 -26.53
C VAL C 54 -34.95 21.60 -27.51
N ALA C 55 -34.52 21.25 -28.71
CA ALA C 55 -34.42 22.20 -29.79
C ALA C 55 -35.31 21.70 -30.90
N ARG C 56 -36.14 22.58 -31.44
CA ARG C 56 -36.95 22.27 -32.61
C ARG C 56 -36.47 23.12 -33.78
N VAL C 57 -36.33 22.47 -34.94
CA VAL C 57 -35.58 22.98 -36.07
C VAL C 57 -36.28 22.58 -37.36
N ALA C 58 -36.40 23.52 -38.30
CA ALA C 58 -37.06 23.27 -39.58
C ALA C 58 -36.15 22.46 -40.50
N LEU C 59 -36.69 21.35 -41.02
CA LEU C 59 -36.01 20.52 -42.01
C LEU C 59 -36.49 21.00 -43.38
N VAL C 60 -35.60 21.67 -44.12
CA VAL C 60 -35.94 22.15 -45.48
C VAL C 60 -35.91 21.03 -46.56
N GLN C 61 -35.18 19.95 -46.29
CA GLN C 61 -35.00 18.86 -47.26
C GLN C 61 -35.80 17.59 -46.86
N PRO C 62 -36.00 16.63 -47.81
CA PRO C 62 -36.86 15.46 -47.57
C PRO C 62 -36.62 14.67 -46.27
N HIS C 63 -37.71 14.16 -45.68
CA HIS C 63 -37.68 13.45 -44.41
C HIS C 63 -38.91 12.54 -44.23
N GLU C 64 -38.83 11.60 -43.29
CA GLU C 64 -40.01 10.84 -42.80
C GLU C 64 -39.90 10.71 -41.28
N PRO C 65 -41.01 10.90 -40.51
CA PRO C 65 -40.94 10.81 -39.03
C PRO C 65 -40.52 9.45 -38.44
N GLY C 66 -39.99 9.47 -37.22
CA GLY C 66 -39.47 8.27 -36.54
C GLY C 66 -38.76 8.57 -35.24
N ALA C 67 -38.10 7.56 -34.66
CA ALA C 67 -37.48 7.65 -33.32
C ALA C 67 -36.19 6.83 -33.21
N THR C 68 -35.23 7.32 -32.41
CA THR C 68 -33.96 6.59 -32.14
C THR C 68 -33.22 7.15 -30.89
N THR C 69 -32.05 6.59 -30.57
CA THR C 69 -31.25 7.03 -29.42
C THR C 69 -29.77 6.95 -29.81
N VAL C 70 -29.09 8.09 -30.03
CA VAL C 70 -27.68 8.10 -30.56
C VAL C 70 -26.66 8.91 -29.72
N PRO C 71 -25.36 8.50 -29.69
CA PRO C 71 -24.39 9.01 -28.67
C PRO C 71 -24.10 10.51 -28.68
N ALA C 72 -24.41 11.17 -27.58
CA ALA C 72 -24.49 12.63 -27.54
C ALA C 72 -23.17 13.37 -27.55
N ARG C 73 -22.35 13.10 -26.55
CA ARG C 73 -21.10 13.81 -26.33
C ARG C 73 -20.30 13.85 -27.64
N LYS C 74 -20.00 12.65 -28.11
CA LYS C 74 -19.15 12.47 -29.24
C LYS C 74 -19.77 13.04 -30.49
N PHE C 75 -21.09 12.94 -30.60
CA PHE C 75 -21.80 13.53 -31.71
C PHE C 75 -21.58 15.03 -31.80
N PHE C 76 -21.69 15.73 -30.68
CA PHE C 76 -21.53 17.17 -30.72
C PHE C 76 -20.11 17.56 -31.08
N ASP C 77 -19.17 16.80 -30.52
CA ASP C 77 -17.78 17.06 -30.78
C ASP C 77 -17.48 16.87 -32.28
N ILE C 78 -18.08 15.85 -32.87
CA ILE C 78 -18.00 15.63 -34.31
C ILE C 78 -18.56 16.80 -35.07
N CYS C 79 -19.69 17.29 -34.63
CA CYS C 79 -20.33 18.42 -35.28
C CYS C 79 -19.59 19.73 -35.11
N ARG C 80 -18.82 19.87 -34.03
CA ARG C 80 -17.86 20.97 -33.94
C ARG C 80 -16.86 20.85 -35.09
N GLY C 81 -16.33 19.64 -35.28
CA GLY C 81 -15.43 19.35 -36.38
C GLY C 81 -15.92 19.53 -37.82
N LEU C 82 -17.23 19.69 -38.03
CA LEU C 82 -17.80 19.78 -39.40
C LEU C 82 -17.43 21.06 -40.19
N PRO C 83 -17.45 21.00 -41.55
CA PRO C 83 -17.20 22.21 -42.34
C PRO C 83 -18.40 23.16 -42.31
N GLU C 84 -18.14 24.44 -42.55
CA GLU C 84 -19.18 25.46 -42.62
C GLU C 84 -20.22 25.10 -43.69
N GLY C 85 -21.51 25.12 -43.31
CA GLY C 85 -22.64 24.91 -44.24
C GLY C 85 -22.91 23.45 -44.58
N ALA C 86 -22.55 22.55 -43.66
CA ALA C 86 -22.52 21.12 -43.97
C ALA C 86 -23.91 20.56 -44.28
N GLU C 87 -23.94 19.74 -45.32
CA GLU C 87 -25.11 18.97 -45.72
C GLU C 87 -24.93 17.56 -45.14
N ILE C 88 -25.86 17.13 -44.29
CA ILE C 88 -25.74 15.84 -43.57
C ILE C 88 -26.82 14.84 -44.02
N ALA C 89 -26.43 13.57 -44.15
CA ALA C 89 -27.33 12.49 -44.60
C ALA C 89 -27.52 11.45 -43.50
N VAL C 90 -28.69 11.42 -42.87
CA VAL C 90 -28.97 10.50 -41.77
C VAL C 90 -30.30 9.78 -41.98
N GLN C 91 -30.36 8.51 -41.56
CA GLN C 91 -31.50 7.64 -41.85
C GLN C 91 -31.73 6.52 -40.84
N LEU C 92 -32.97 6.42 -40.35
CA LEU C 92 -33.44 5.25 -39.60
C LEU C 92 -33.81 4.10 -40.54
N GLU C 93 -33.26 2.93 -40.26
CA GLU C 93 -33.78 1.67 -40.80
C GLU C 93 -33.67 0.58 -39.72
N GLY C 94 -34.77 0.36 -38.99
CA GLY C 94 -34.84 -0.71 -37.99
C GLY C 94 -34.03 -0.43 -36.73
N GLU C 95 -32.93 -1.17 -36.54
CA GLU C 95 -32.04 -0.98 -35.37
C GLU C 95 -30.65 -0.39 -35.72
N ARG C 96 -30.51 0.20 -36.92
CA ARG C 96 -29.37 1.03 -37.27
C ARG C 96 -29.77 2.41 -37.76
N MET C 97 -29.06 3.41 -37.27
CA MET C 97 -29.08 4.74 -37.86
C MET C 97 -27.79 4.87 -38.66
N LEU C 98 -27.93 5.19 -39.94
CA LEU C 98 -26.79 5.45 -40.80
C LEU C 98 -26.53 6.94 -40.82
N VAL C 99 -25.30 7.34 -40.48
CA VAL C 99 -24.92 8.74 -40.45
C VAL C 99 -23.80 8.98 -41.46
N ARG C 100 -24.13 9.78 -42.47
CA ARG C 100 -23.18 10.27 -43.45
C ARG C 100 -23.23 11.78 -43.34
N SER C 101 -22.13 12.45 -43.65
CA SER C 101 -22.18 13.88 -43.86
C SER C 101 -21.22 14.23 -44.96
N GLY C 102 -21.75 14.92 -45.97
CA GLY C 102 -21.04 15.10 -47.23
C GLY C 102 -20.53 13.76 -47.76
N ARG C 103 -19.21 13.60 -47.77
CA ARG C 103 -18.52 12.35 -48.21
C ARG C 103 -17.92 11.53 -47.05
N SER C 104 -18.03 12.04 -45.83
CA SER C 104 -17.69 11.29 -44.61
C SER C 104 -18.77 10.25 -44.32
N ARG C 105 -18.38 9.16 -43.67
CA ARG C 105 -19.27 8.01 -43.49
C ARG C 105 -19.12 7.51 -42.06
N PHE C 106 -20.24 7.28 -41.39
CA PHE C 106 -20.22 6.84 -39.98
C PHE C 106 -21.26 5.77 -39.73
N SER C 107 -20.98 4.90 -38.76
CA SER C 107 -21.89 3.82 -38.34
C SER C 107 -21.86 3.72 -36.80
N LEU C 108 -23.06 3.73 -36.22
CA LEU C 108 -23.28 4.19 -34.86
C LEU C 108 -23.79 3.07 -33.95
N SER C 109 -23.53 3.22 -32.65
CA SER C 109 -24.29 2.49 -31.63
C SER C 109 -25.67 3.11 -31.59
N THR C 110 -26.71 2.28 -31.55
CA THR C 110 -28.09 2.77 -31.70
C THR C 110 -29.01 1.98 -30.77
N LEU C 111 -29.78 2.71 -29.96
CA LEU C 111 -30.76 2.13 -29.03
C LEU C 111 -32.11 2.67 -29.47
N PRO C 112 -33.22 1.95 -29.14
CA PRO C 112 -34.52 2.55 -29.42
C PRO C 112 -34.80 3.75 -28.53
N ALA C 113 -35.55 4.71 -29.09
CA ALA C 113 -36.05 5.87 -28.37
C ALA C 113 -36.73 5.48 -27.06
N ALA C 114 -37.50 4.39 -27.08
CA ALA C 114 -38.22 3.92 -25.90
C ALA C 114 -37.34 3.46 -24.74
N ASP C 115 -36.09 3.06 -25.00
CA ASP C 115 -35.14 2.74 -23.92
C ASP C 115 -34.64 4.00 -23.19
N PHE C 116 -34.70 5.16 -23.85
CA PHE C 116 -34.39 6.45 -23.20
C PHE C 116 -35.55 6.88 -22.28
N PRO C 117 -35.24 7.30 -21.04
CA PRO C 117 -36.34 7.73 -20.16
C PRO C 117 -37.14 8.94 -20.70
N ASN C 118 -38.30 8.67 -21.31
CA ASN C 118 -39.10 9.74 -21.88
C ASN C 118 -39.76 10.52 -20.74
N LEU C 119 -39.32 11.76 -20.58
CA LEU C 119 -39.79 12.63 -19.52
C LEU C 119 -41.24 13.09 -19.68
N ASP C 120 -41.75 13.63 -18.58
CA ASP C 120 -43.17 13.70 -18.26
C ASP C 120 -43.86 14.91 -18.91
N ASP C 121 -45.04 14.65 -19.48
CA ASP C 121 -45.92 15.73 -19.95
C ASP C 121 -46.74 16.21 -18.75
N TRP C 122 -47.01 17.52 -18.68
CA TRP C 122 -47.80 18.12 -17.60
C TRP C 122 -48.55 19.35 -18.12
N GLN C 123 -49.46 19.84 -17.28
CA GLN C 123 -50.37 20.91 -17.65
C GLN C 123 -49.83 22.22 -17.11
N SER C 124 -49.79 23.25 -17.95
CA SER C 124 -49.40 24.61 -17.54
C SER C 124 -50.28 25.17 -16.40
N GLU C 125 -49.66 25.89 -15.46
CA GLU C 125 -50.34 26.61 -14.35
C GLU C 125 -50.28 28.14 -14.52
N VAL C 126 -49.08 28.63 -14.82
CA VAL C 126 -48.82 30.06 -15.01
C VAL C 126 -47.82 30.23 -16.18
N GLU C 127 -48.06 31.24 -17.02
CA GLU C 127 -47.25 31.51 -18.22
C GLU C 127 -46.86 32.98 -18.28
N PHE C 128 -45.68 33.25 -18.82
CA PHE C 128 -45.16 34.60 -18.87
C PHE C 128 -43.93 34.66 -19.76
N THR C 129 -43.54 35.89 -20.12
CA THR C 129 -42.40 36.14 -20.98
C THR C 129 -41.51 37.25 -20.43
N LEU C 130 -40.26 37.27 -20.90
CA LEU C 130 -39.28 38.27 -20.53
C LEU C 130 -38.11 38.27 -21.50
N PRO C 131 -37.39 39.40 -21.59
CA PRO C 131 -36.18 39.39 -22.41
C PRO C 131 -35.10 38.47 -21.86
N GLN C 132 -34.36 37.81 -22.75
CA GLN C 132 -33.19 37.03 -22.37
C GLN C 132 -32.20 37.80 -21.53
N ALA C 133 -31.91 39.03 -21.95
CA ALA C 133 -30.90 39.86 -21.30
C ALA C 133 -31.23 40.24 -19.84
N THR C 134 -32.52 40.36 -19.53
CA THR C 134 -32.96 40.61 -18.15
C THR C 134 -32.74 39.35 -17.32
N MET C 135 -33.08 38.22 -17.90
CA MET C 135 -32.89 36.98 -17.20
C MET C 135 -31.42 36.76 -16.85
N LYS C 136 -30.52 36.96 -17.81
CA LYS C 136 -29.09 36.79 -17.52
C LYS C 136 -28.65 37.63 -16.33
N ARG C 137 -29.10 38.88 -16.27
CA ARG C 137 -28.94 39.73 -15.09
C ARG C 137 -29.43 38.96 -13.87
N LEU C 138 -30.68 38.56 -13.88
CA LEU C 138 -31.27 37.87 -12.72
C LEU C 138 -30.48 36.68 -12.28
N ILE C 139 -29.99 35.93 -13.25
CA ILE C 139 -29.27 34.72 -12.99
C ILE C 139 -27.89 35.03 -12.55
N GLU C 140 -27.18 35.83 -13.33
CA GLU C 140 -25.80 36.02 -13.06
C GLU C 140 -25.64 36.87 -11.83
N ALA C 141 -26.61 37.73 -11.57
CA ALA C 141 -26.67 38.45 -10.29
C ALA C 141 -26.86 37.58 -9.06
N THR C 142 -27.28 36.33 -9.23
CA THR C 142 -27.65 35.48 -8.12
C THR C 142 -26.96 34.09 -8.09
N GLN C 143 -26.63 33.56 -9.26
CA GLN C 143 -26.15 32.18 -9.41
C GLN C 143 -25.09 31.63 -8.47
N PHE C 144 -24.11 32.42 -8.07
CA PHE C 144 -22.95 31.81 -7.38
C PHE C 144 -23.22 31.52 -5.91
N SER C 145 -24.36 31.98 -5.38
CA SER C 145 -24.68 31.82 -3.96
C SER C 145 -25.26 30.46 -3.62
N MET C 146 -25.62 29.70 -4.65
CA MET C 146 -26.04 28.31 -4.45
C MET C 146 -24.88 27.49 -3.96
N ALA C 147 -25.14 26.54 -3.07
CA ALA C 147 -24.10 25.63 -2.61
C ALA C 147 -23.76 24.71 -3.76
N HIS C 148 -22.68 23.96 -3.59
CA HIS C 148 -22.32 22.94 -4.54
C HIS C 148 -23.03 21.66 -4.19
N GLN C 149 -23.02 21.34 -2.92
CA GLN C 149 -23.79 20.25 -2.40
C GLN C 149 -24.39 20.68 -1.09
N ASP C 150 -25.65 21.07 -1.09
CA ASP C 150 -26.36 21.15 0.16
C ASP C 150 -27.45 20.12 0.17
N VAL C 151 -27.50 19.32 1.22
CA VAL C 151 -28.52 18.28 1.29
C VAL C 151 -29.82 18.86 1.76
N ARG C 152 -29.81 20.04 2.40
CA ARG C 152 -31.04 20.82 2.43
C ARG C 152 -31.28 21.21 0.99
N TYR C 153 -31.82 20.23 0.25
CA TYR C 153 -32.05 20.27 -1.20
C TYR C 153 -32.66 21.54 -1.70
N TYR C 154 -33.38 22.23 -0.81
CA TYR C 154 -34.00 23.51 -1.11
C TYR C 154 -32.99 24.67 -1.16
N LEU C 155 -31.73 24.43 -0.78
CA LEU C 155 -30.63 25.34 -1.00
C LEU C 155 -30.01 25.21 -2.43
N ASN C 156 -29.88 23.98 -2.93
CA ASN C 156 -29.21 23.74 -4.23
C ASN C 156 -30.04 23.97 -5.51
N GLY C 157 -30.19 25.25 -5.84
CA GLY C 157 -31.03 25.67 -6.94
C GLY C 157 -31.45 27.10 -6.74
N MET C 158 -32.27 27.63 -7.65
CA MET C 158 -32.71 29.03 -7.51
C MET C 158 -34.19 29.20 -7.28
N LEU C 159 -34.50 30.02 -6.29
CA LEU C 159 -35.88 30.29 -5.87
C LEU C 159 -36.48 31.32 -6.77
N PHE C 160 -37.63 30.97 -7.35
CA PHE C 160 -38.49 31.91 -8.05
C PHE C 160 -39.77 32.06 -7.29
N GLU C 161 -40.11 33.31 -6.97
CA GLU C 161 -41.26 33.64 -6.17
C GLU C 161 -42.09 34.64 -6.96
N THR C 162 -43.32 34.28 -7.28
CA THR C 162 -44.19 35.11 -8.12
C THR C 162 -45.36 35.56 -7.22
N GLU C 163 -45.50 36.87 -7.02
CA GLU C 163 -46.70 37.45 -6.41
C GLU C 163 -47.00 38.86 -6.95
N GLY C 164 -48.29 39.16 -7.10
CA GLY C 164 -48.75 40.37 -7.77
C GLY C 164 -48.30 40.35 -9.23
N GLU C 165 -47.56 41.39 -9.62
CA GLU C 165 -46.96 41.47 -10.96
C GLU C 165 -45.44 41.22 -10.97
N GLU C 166 -44.85 41.03 -9.79
CA GLU C 166 -43.39 40.94 -9.67
C GLU C 166 -42.95 39.48 -9.53
N LEU C 167 -41.82 39.15 -10.16
CA LEU C 167 -41.18 37.87 -9.94
C LEU C 167 -39.84 38.13 -9.27
N ARG C 168 -39.64 37.48 -8.14
CA ARG C 168 -38.49 37.71 -7.28
C ARG C 168 -37.79 36.39 -7.03
N THR C 169 -36.47 36.45 -7.05
CA THR C 169 -35.61 35.27 -6.95
C THR C 169 -34.56 35.49 -5.88
N VAL C 170 -33.91 34.41 -5.42
CA VAL C 170 -32.84 34.52 -4.42
C VAL C 170 -31.99 33.23 -4.31
N ALA C 171 -30.70 33.40 -3.97
CA ALA C 171 -29.79 32.28 -3.71
C ALA C 171 -28.87 32.57 -2.51
N THR C 172 -28.42 31.51 -1.84
CA THR C 172 -27.73 31.59 -0.53
C THR C 172 -27.20 30.21 -0.06
N ASP C 173 -26.26 30.21 0.90
CA ASP C 173 -25.84 28.96 1.59
C ASP C 173 -25.79 29.06 3.13
N GLY C 174 -26.39 30.11 3.69
CA GLY C 174 -26.21 30.42 5.10
C GLY C 174 -25.17 31.49 5.32
N HIS C 175 -24.24 31.63 4.38
CA HIS C 175 -23.08 32.49 4.51
C HIS C 175 -23.04 33.65 3.51
N ARG C 176 -23.68 33.49 2.35
CA ARG C 176 -23.97 34.62 1.47
C ARG C 176 -25.46 34.61 1.20
N LEU C 177 -26.02 35.77 0.84
CA LEU C 177 -27.34 35.79 0.21
C LEU C 177 -27.39 36.89 -0.83
N ALA C 178 -28.01 36.56 -1.96
CA ALA C 178 -28.21 37.49 -3.06
C ALA C 178 -29.59 37.28 -3.66
N VAL C 179 -30.24 38.39 -3.95
CA VAL C 179 -31.59 38.45 -4.47
C VAL C 179 -31.51 39.21 -5.78
N CYS C 180 -32.40 38.94 -6.73
CA CYS C 180 -32.53 39.78 -7.93
C CYS C 180 -33.96 39.73 -8.47
N SER C 181 -34.52 40.89 -8.84
CA SER C 181 -35.93 40.98 -9.26
C SER C 181 -36.16 42.04 -10.34
N MET C 182 -37.03 41.71 -11.28
CA MET C 182 -37.64 42.69 -12.22
C MET C 182 -39.13 42.31 -12.39
N PRO C 183 -40.01 43.31 -12.59
CA PRO C 183 -41.42 43.03 -12.84
C PRO C 183 -41.69 42.50 -14.27
N ILE C 184 -42.77 41.73 -14.38
CA ILE C 184 -43.13 41.02 -15.63
C ILE C 184 -44.25 41.72 -16.44
N GLY C 185 -44.92 42.71 -15.84
CA GLY C 185 -45.94 43.51 -16.53
C GLY C 185 -47.28 42.81 -16.75
N GLN C 186 -47.57 41.77 -15.96
CA GLN C 186 -48.82 41.01 -16.01
C GLN C 186 -49.19 40.60 -14.59
N SER C 187 -50.49 40.65 -14.25
CA SER C 187 -50.96 40.15 -12.97
C SER C 187 -51.02 38.63 -13.00
N LEU C 188 -50.25 37.98 -12.12
CA LEU C 188 -50.16 36.53 -12.08
C LEU C 188 -50.91 35.95 -10.88
N PRO C 189 -51.23 34.64 -10.92
CA PRO C 189 -51.49 33.89 -9.68
C PRO C 189 -50.24 33.83 -8.79
N SER C 190 -50.23 32.96 -7.79
CA SER C 190 -49.03 32.70 -7.03
C SER C 190 -48.49 31.34 -7.42
N HIS C 191 -47.28 31.32 -7.97
CA HIS C 191 -46.45 30.12 -7.95
C HIS C 191 -45.00 30.45 -7.63
N SER C 192 -44.47 29.76 -6.62
CA SER C 192 -43.11 29.95 -6.16
C SER C 192 -42.46 28.60 -6.15
N VAL C 193 -41.20 28.55 -6.57
CA VAL C 193 -40.56 27.29 -6.89
C VAL C 193 -39.06 27.51 -7.14
N ILE C 194 -38.26 26.51 -6.76
CA ILE C 194 -36.80 26.59 -6.79
C ILE C 194 -36.25 25.54 -7.73
N VAL C 195 -35.26 25.92 -8.54
CA VAL C 195 -34.80 25.08 -9.63
C VAL C 195 -33.53 24.39 -9.21
N PRO C 196 -33.28 23.15 -9.67
CA PRO C 196 -32.07 22.47 -9.25
C PRO C 196 -30.82 23.08 -9.85
N ARG C 197 -29.70 22.97 -9.13
CA ARG C 197 -28.40 23.50 -9.56
C ARG C 197 -28.16 23.24 -11.03
N LYS C 198 -28.25 21.98 -11.43
CA LYS C 198 -27.95 21.61 -12.81
C LYS C 198 -29.00 22.13 -13.77
N GLY C 199 -30.25 22.24 -13.31
CA GLY C 199 -31.30 22.89 -14.08
C GLY C 199 -30.97 24.33 -14.40
N VAL C 200 -30.46 25.04 -13.39
CA VAL C 200 -30.16 26.45 -13.57
C VAL C 200 -28.89 26.63 -14.42
N ILE C 201 -27.96 25.70 -14.35
CA ILE C 201 -26.79 25.76 -15.23
C ILE C 201 -27.24 25.79 -16.68
N GLU C 202 -28.18 24.91 -17.01
CA GLU C 202 -28.64 24.77 -18.37
C GLU C 202 -29.46 25.97 -18.78
N LEU C 203 -30.19 26.54 -17.85
CA LEU C 203 -30.95 27.72 -18.16
C LEU C 203 -30.00 28.83 -18.57
N MET C 204 -28.94 29.00 -17.80
CA MET C 204 -27.90 29.94 -18.17
C MET C 204 -27.41 29.65 -19.55
N ARG C 205 -27.14 28.38 -19.80
CA ARG C 205 -26.52 27.95 -21.02
C ARG C 205 -27.32 28.40 -22.23
N MET C 206 -28.64 28.30 -22.14
CA MET C 206 -29.53 28.65 -23.25
C MET C 206 -29.79 30.14 -23.42
N LEU C 207 -29.35 30.97 -22.49
CA LEU C 207 -29.33 32.42 -22.71
C LEU C 207 -28.24 32.82 -23.72
N ASP C 208 -28.55 32.60 -24.99
CA ASP C 208 -27.69 33.02 -26.08
C ASP C 208 -27.76 34.53 -26.21
N GLY C 209 -26.78 35.11 -26.90
CA GLY C 209 -26.77 36.54 -27.24
C GLY C 209 -27.82 36.97 -28.25
N GLY C 210 -29.04 37.17 -27.76
CA GLY C 210 -30.13 37.70 -28.57
C GLY C 210 -31.10 38.48 -27.69
N ASP C 211 -31.73 39.50 -28.26
CA ASP C 211 -32.82 40.24 -27.57
C ASP C 211 -34.19 39.56 -27.73
N ASN C 212 -34.20 38.40 -28.40
CA ASN C 212 -35.42 37.63 -28.63
C ASN C 212 -36.11 37.30 -27.31
N PRO C 213 -37.45 37.32 -27.33
CA PRO C 213 -38.26 37.09 -26.13
C PRO C 213 -38.07 35.71 -25.54
N LEU C 214 -38.03 35.65 -24.22
CA LEU C 214 -37.85 34.43 -23.48
C LEU C 214 -39.13 34.22 -22.70
N ARG C 215 -39.71 33.04 -22.86
CA ARG C 215 -41.01 32.71 -22.29
C ARG C 215 -40.87 31.48 -21.43
N VAL C 216 -41.49 31.49 -20.27
CA VAL C 216 -41.51 30.30 -19.43
C VAL C 216 -42.87 30.10 -18.84
N GLN C 217 -43.21 28.83 -18.76
CA GLN C 217 -44.47 28.40 -18.26
C GLN C 217 -44.18 27.43 -17.15
N ILE C 218 -44.86 27.63 -16.04
CA ILE C 218 -44.69 26.81 -14.86
C ILE C 218 -45.97 25.99 -14.69
N GLY C 219 -45.81 24.73 -14.27
CA GLY C 219 -46.92 23.87 -13.85
C GLY C 219 -47.05 23.90 -12.33
N SER C 220 -47.74 22.91 -11.77
CA SER C 220 -47.83 22.74 -10.30
C SER C 220 -46.53 22.20 -9.69
N ASN C 221 -45.89 21.26 -10.38
CA ASN C 221 -44.63 20.60 -9.94
C ASN C 221 -43.56 20.40 -11.06
N ASN C 222 -43.64 21.17 -12.14
CA ASN C 222 -42.65 21.11 -13.25
C ASN C 222 -42.60 22.48 -13.95
N ILE C 223 -41.57 22.75 -14.75
CA ILE C 223 -41.46 24.03 -15.47
C ILE C 223 -40.85 23.90 -16.86
N ARG C 224 -41.34 24.76 -17.76
CA ARG C 224 -40.92 24.78 -19.15
C ARG C 224 -40.61 26.21 -19.54
N ALA C 225 -39.57 26.37 -20.34
CA ALA C 225 -39.21 27.66 -20.87
C ALA C 225 -39.02 27.58 -22.38
N HIS C 226 -39.76 28.42 -23.10
CA HIS C 226 -39.53 28.67 -24.52
C HIS C 226 -38.76 29.97 -24.67
N VAL C 227 -37.62 29.93 -25.33
CA VAL C 227 -37.05 31.14 -25.89
C VAL C 227 -37.05 30.87 -27.37
N GLY C 228 -37.98 31.46 -28.13
CA GLY C 228 -38.17 31.13 -29.55
C GLY C 228 -38.16 29.63 -29.85
N ASP C 229 -37.17 29.19 -30.65
CA ASP C 229 -37.00 27.78 -31.04
C ASP C 229 -36.00 27.01 -30.13
N PHE C 230 -35.62 27.58 -28.98
CA PHE C 230 -34.72 26.93 -28.01
C PHE C 230 -35.61 26.57 -26.83
N ILE C 231 -35.61 25.31 -26.41
CA ILE C 231 -36.70 24.85 -25.56
C ILE C 231 -36.16 24.15 -24.31
N PHE C 232 -36.75 24.47 -23.16
CA PHE C 232 -36.30 23.96 -21.87
C PHE C 232 -37.41 23.23 -21.14
N THR C 233 -37.07 22.12 -20.48
CA THR C 233 -37.99 21.43 -19.59
C THR C 233 -37.27 20.91 -18.36
N SER C 234 -37.84 21.13 -17.17
CA SER C 234 -37.35 20.53 -15.93
C SER C 234 -38.49 20.34 -14.97
N LYS C 235 -38.49 19.20 -14.29
CA LYS C 235 -39.36 19.02 -13.15
C LYS C 235 -38.77 19.77 -12.00
N LEU C 236 -39.65 20.05 -11.06
CA LEU C 236 -39.33 20.80 -9.86
C LEU C 236 -39.52 19.85 -8.70
N VAL C 237 -39.28 20.37 -7.49
CA VAL C 237 -39.38 19.61 -6.24
C VAL C 237 -40.31 20.37 -5.26
N ASP C 238 -40.95 19.65 -4.33
CA ASP C 238 -41.84 20.25 -3.30
C ASP C 238 -41.25 21.55 -2.74
N GLY C 239 -39.99 21.47 -2.33
CA GLY C 239 -39.17 22.64 -2.06
C GLY C 239 -39.72 23.61 -1.04
N ARG C 240 -40.09 23.10 0.13
CA ARG C 240 -40.32 24.01 1.27
C ARG C 240 -38.98 24.75 1.46
N PHE C 241 -39.05 26.07 1.42
CA PHE C 241 -37.90 26.92 1.68
C PHE C 241 -38.34 27.99 2.69
N PRO C 242 -37.41 28.55 3.50
CA PRO C 242 -37.73 29.68 4.40
C PRO C 242 -38.24 30.97 3.74
N ASP C 243 -38.99 31.76 4.51
CA ASP C 243 -39.47 33.06 4.07
C ASP C 243 -38.27 34.03 4.09
N TYR C 244 -37.87 34.53 2.93
CA TYR C 244 -36.72 35.44 2.80
C TYR C 244 -36.90 36.77 3.54
N ARG C 245 -38.13 37.10 3.93
CA ARG C 245 -38.38 38.29 4.73
C ARG C 245 -38.04 38.10 6.22
N ARG C 246 -37.93 36.84 6.67
CA ARG C 246 -37.32 36.52 7.99
C ARG C 246 -35.78 36.50 7.93
N VAL C 247 -35.23 36.38 6.73
CA VAL C 247 -33.79 36.32 6.50
C VAL C 247 -33.20 37.73 6.30
N LEU C 248 -33.95 38.61 5.63
CA LEU C 248 -33.67 40.06 5.56
C LEU C 248 -33.44 40.71 6.94
N PRO C 249 -32.30 41.38 7.16
CA PRO C 249 -32.27 42.22 8.37
C PRO C 249 -33.18 43.45 8.19
N LYS C 250 -34.02 43.73 9.18
CA LYS C 250 -35.15 44.69 9.02
C LYS C 250 -34.67 46.13 8.74
N ASN C 251 -34.02 46.75 9.71
CA ASN C 251 -33.32 48.01 9.48
C ASN C 251 -32.05 48.04 10.33
N PRO C 252 -30.93 47.67 9.70
CA PRO C 252 -29.62 47.90 10.26
C PRO C 252 -29.35 49.41 10.25
N ASP C 253 -29.13 49.96 11.44
CA ASP C 253 -29.20 51.42 11.68
C ASP C 253 -28.10 52.31 11.05
N LYS C 254 -26.84 51.85 11.04
CA LYS C 254 -25.69 52.64 10.52
C LYS C 254 -25.48 52.40 9.00
N HIS C 255 -25.21 53.46 8.23
CA HIS C 255 -25.08 53.35 6.76
C HIS C 255 -23.69 53.67 6.24
N LEU C 256 -23.34 53.00 5.15
CA LEU C 256 -22.00 53.00 4.59
C LEU C 256 -22.08 52.89 3.09
N GLU C 257 -21.37 53.74 2.36
CA GLU C 257 -21.11 53.55 0.93
C GLU C 257 -19.61 53.50 0.66
N ALA C 258 -19.22 52.95 -0.49
CA ALA C 258 -17.84 53.04 -0.98
C ALA C 258 -17.75 52.76 -2.49
N GLY C 259 -16.72 53.31 -3.12
CA GLY C 259 -16.54 53.18 -4.56
C GLY C 259 -16.20 51.75 -4.93
N CYS C 260 -16.98 51.15 -5.83
CA CYS C 260 -16.91 49.72 -6.19
C CYS C 260 -15.53 49.22 -6.64
N ASP C 261 -14.95 49.91 -7.62
CA ASP C 261 -13.71 49.47 -8.28
C ASP C 261 -12.53 49.52 -7.32
N LEU C 262 -12.47 50.63 -6.59
CA LEU C 262 -11.46 50.89 -5.56
C LEU C 262 -11.60 49.83 -4.48
N LEU C 263 -12.85 49.61 -4.10
CA LEU C 263 -13.20 48.61 -3.14
C LEU C 263 -12.68 47.29 -3.61
N LYS C 264 -13.06 46.95 -4.83
CA LYS C 264 -12.79 45.66 -5.43
C LYS C 264 -11.32 45.36 -5.60
N GLN C 265 -10.57 46.34 -6.06
CA GLN C 265 -9.14 46.16 -6.24
C GLN C 265 -8.43 46.02 -4.93
N ALA C 266 -8.94 46.71 -3.93
CA ALA C 266 -8.36 46.68 -2.62
C ALA C 266 -8.65 45.36 -1.97
N PHE C 267 -9.87 44.87 -2.19
CA PHE C 267 -10.25 43.57 -1.71
C PHE C 267 -9.45 42.54 -2.34
N ALA C 268 -9.32 42.64 -3.66
CA ALA C 268 -8.53 41.69 -4.42
C ALA C 268 -7.21 41.54 -3.71
N ARG C 269 -6.57 42.67 -3.44
CA ARG C 269 -5.24 42.69 -2.86
C ARG C 269 -5.17 42.11 -1.46
N ALA C 270 -6.00 42.66 -0.58
CA ALA C 270 -5.98 42.27 0.82
C ALA C 270 -6.35 40.79 0.98
N ALA C 271 -7.27 40.35 0.14
CA ALA C 271 -7.81 38.99 0.17
C ALA C 271 -6.77 37.90 0.06
N ILE C 272 -5.67 38.19 -0.63
CA ILE C 272 -4.73 37.14 -0.99
C ILE C 272 -4.02 36.60 0.24
N LEU C 273 -3.84 37.45 1.24
CA LEU C 273 -3.18 37.08 2.48
C LEU C 273 -4.13 36.67 3.62
N SER C 274 -5.42 36.49 3.31
CA SER C 274 -6.31 35.73 4.21
C SER C 274 -6.14 34.24 3.92
N ASN C 275 -6.30 33.39 4.94
CA ASN C 275 -6.24 31.94 4.73
C ASN C 275 -7.29 31.59 3.70
N GLU C 276 -6.91 30.81 2.69
CA GLU C 276 -7.81 30.52 1.57
C GLU C 276 -9.05 29.69 1.92
N LYS C 277 -9.00 28.93 3.00
CA LYS C 277 -10.15 28.11 3.42
C LYS C 277 -11.14 28.93 4.23
N PHE C 278 -10.65 29.83 5.09
CA PHE C 278 -11.53 30.65 5.96
C PHE C 278 -11.84 32.01 5.37
N ARG C 279 -10.94 32.52 4.53
CA ARG C 279 -11.06 33.84 3.92
C ARG C 279 -11.20 34.93 4.98
N GLY C 280 -10.42 34.78 6.05
CA GLY C 280 -10.60 35.58 7.25
C GLY C 280 -9.91 36.93 7.26
N VAL C 281 -10.64 37.95 7.72
CA VAL C 281 -10.17 39.35 7.72
C VAL C 281 -10.93 40.10 8.82
N ARG C 282 -10.42 41.24 9.27
CA ARG C 282 -11.19 42.16 10.12
C ARG C 282 -11.32 43.50 9.40
N LEU C 283 -12.55 44.01 9.33
CA LEU C 283 -12.83 45.34 8.76
C LEU C 283 -13.10 46.32 9.89
N TYR C 284 -12.33 47.40 9.91
CA TYR C 284 -12.53 48.47 10.86
C TYR C 284 -12.91 49.68 10.09
N VAL C 285 -13.98 50.32 10.53
CA VAL C 285 -14.64 51.34 9.76
C VAL C 285 -14.65 52.61 10.62
N SER C 286 -14.47 53.76 9.98
CA SER C 286 -14.59 55.05 10.66
C SER C 286 -15.14 56.08 9.68
N GLU C 287 -15.43 57.27 10.19
CA GLU C 287 -16.04 58.31 9.37
C GLU C 287 -15.18 58.59 8.12
N ASN C 288 -15.82 58.52 6.96
CA ASN C 288 -15.17 58.75 5.67
C ASN C 288 -14.01 57.78 5.31
N GLN C 289 -13.90 56.65 6.02
CA GLN C 289 -12.72 55.79 5.87
C GLN C 289 -12.99 54.34 6.25
N LEU C 290 -12.26 53.41 5.64
CA LEU C 290 -12.27 52.00 6.07
C LEU C 290 -10.85 51.47 6.15
N LYS C 291 -10.57 50.72 7.21
CA LYS C 291 -9.28 50.07 7.42
C LYS C 291 -9.50 48.56 7.40
N ILE C 292 -8.74 47.88 6.55
CA ILE C 292 -8.88 46.47 6.32
C ILE C 292 -7.62 45.82 6.78
N THR C 293 -7.71 44.81 7.64
CA THR C 293 -6.55 44.01 8.00
C THR C 293 -6.92 42.57 8.20
N ALA C 294 -5.94 41.70 8.05
CA ALA C 294 -6.10 40.27 8.22
C ALA C 294 -4.84 39.68 8.81
N ASN C 295 -4.95 38.42 9.23
CA ASN C 295 -3.82 37.49 9.21
C ASN C 295 -4.32 36.05 9.22
N ASN C 296 -3.45 35.13 8.83
CA ASN C 296 -3.78 33.72 8.69
C ASN C 296 -2.87 32.88 9.60
N PRO C 297 -3.06 31.55 9.64
CA PRO C 297 -2.10 30.69 10.34
C PRO C 297 -0.68 30.83 9.83
N GLU C 298 -0.52 30.95 8.50
CA GLU C 298 0.79 31.21 7.88
C GLU C 298 1.49 32.50 8.41
N GLN C 299 0.75 33.33 9.16
CA GLN C 299 1.23 34.58 9.79
C GLN C 299 1.71 35.63 8.79
N GLU C 300 0.99 35.63 7.68
CA GLU C 300 1.01 36.72 6.75
C GLU C 300 0.02 37.71 7.34
N GLU C 301 0.28 39.02 7.21
CA GLU C 301 -0.64 40.04 7.74
C GLU C 301 -0.97 41.11 6.67
N ALA C 302 -2.20 41.62 6.72
CA ALA C 302 -2.75 42.48 5.67
C ALA C 302 -3.20 43.80 6.21
N GLU C 303 -3.17 44.82 5.36
CA GLU C 303 -3.83 46.08 5.64
C GLU C 303 -4.12 46.80 4.35
N GLU C 304 -5.36 47.23 4.19
CA GLU C 304 -5.74 48.17 3.16
C GLU C 304 -6.60 49.24 3.81
N ILE C 305 -6.35 50.50 3.47
CA ILE C 305 -7.11 51.64 3.98
C ILE C 305 -7.65 52.40 2.78
N LEU C 306 -8.84 53.01 2.87
CA LEU C 306 -9.47 53.62 1.68
C LEU C 306 -10.58 54.63 1.96
N ASP C 307 -11.09 55.21 0.88
CA ASP C 307 -12.23 56.14 0.87
C ASP C 307 -13.52 55.35 0.98
N VAL C 308 -14.26 55.52 2.07
CA VAL C 308 -15.64 55.03 2.17
C VAL C 308 -16.49 56.15 2.76
N THR C 309 -17.74 56.27 2.32
CA THR C 309 -18.67 57.18 2.96
C THR C 309 -19.32 56.40 4.08
N TYR C 310 -19.07 56.82 5.32
CA TYR C 310 -19.64 56.19 6.50
C TYR C 310 -19.87 57.23 7.58
N SER C 311 -21.04 57.17 8.25
CA SER C 311 -21.35 58.04 9.37
C SER C 311 -21.59 57.18 10.61
N GLY C 312 -20.76 57.35 11.65
CA GLY C 312 -20.88 56.60 12.90
C GLY C 312 -19.58 56.09 13.49
N ALA C 313 -19.71 55.28 14.54
CA ALA C 313 -18.57 54.74 15.28
C ALA C 313 -17.92 53.56 14.57
N GLU C 314 -16.85 53.03 15.18
CA GLU C 314 -16.11 51.88 14.67
C GLU C 314 -16.98 50.61 14.63
N MET C 315 -16.56 49.66 13.80
CA MET C 315 -17.15 48.32 13.77
C MET C 315 -16.10 47.28 13.42
N GLU C 316 -16.28 46.06 13.92
CA GLU C 316 -15.31 44.97 13.77
C GLU C 316 -16.03 43.77 13.19
N ILE C 317 -15.57 43.29 12.04
CA ILE C 317 -16.31 42.28 11.28
C ILE C 317 -15.46 41.66 10.16
N GLY C 318 -15.72 40.42 9.75
CA GLY C 318 -14.88 39.73 8.77
C GLY C 318 -15.63 38.74 7.93
N PHE C 319 -15.21 38.56 6.68
CA PHE C 319 -16.01 37.81 5.70
C PHE C 319 -15.20 36.94 4.80
N ASN C 320 -15.93 36.12 4.04
CA ASN C 320 -15.37 35.46 2.89
C ASN C 320 -15.34 36.45 1.75
N VAL C 321 -14.13 36.79 1.35
CA VAL C 321 -13.94 37.72 0.26
C VAL C 321 -14.36 37.18 -1.10
N SER C 322 -14.28 35.87 -1.34
CA SER C 322 -14.77 35.31 -2.58
C SER C 322 -16.21 35.73 -2.80
N TYR C 323 -16.99 35.58 -1.74
CA TYR C 323 -18.40 35.95 -1.77
C TYR C 323 -18.66 37.35 -2.23
N VAL C 324 -17.82 38.28 -1.79
CA VAL C 324 -18.05 39.69 -2.07
C VAL C 324 -17.45 40.03 -3.42
N LEU C 325 -16.36 39.36 -3.77
CA LEU C 325 -15.76 39.61 -5.08
C LEU C 325 -16.66 39.14 -6.18
N ASP C 326 -17.35 38.04 -5.92
CA ASP C 326 -18.36 37.59 -6.82
C ASP C 326 -19.47 38.62 -7.01
N VAL C 327 -19.87 39.34 -5.95
CA VAL C 327 -20.91 40.36 -6.13
C VAL C 327 -20.28 41.52 -6.85
N LEU C 328 -19.06 41.88 -6.50
CA LEU C 328 -18.38 42.98 -7.17
C LEU C 328 -18.15 42.81 -8.66
N ASN C 329 -18.00 41.56 -9.11
CA ASN C 329 -17.95 41.23 -10.54
C ASN C 329 -19.30 41.49 -11.19
N ALA C 330 -20.34 41.02 -10.51
CA ALA C 330 -21.71 41.20 -10.94
C ALA C 330 -22.14 42.65 -10.82
N LEU C 331 -21.64 43.31 -9.78
CA LEU C 331 -22.02 44.69 -9.46
C LEU C 331 -21.39 45.61 -10.50
N LYS C 332 -22.29 46.21 -11.27
CA LYS C 332 -21.99 46.96 -12.49
C LYS C 332 -22.05 48.45 -12.19
N CYS C 333 -21.31 48.89 -11.17
CA CYS C 333 -21.55 50.21 -10.61
C CYS C 333 -20.29 50.93 -10.16
N GLU C 334 -20.50 52.21 -9.86
CA GLU C 334 -19.50 53.06 -9.23
C GLU C 334 -19.70 52.99 -7.71
N ASN C 335 -20.93 53.22 -7.23
CA ASN C 335 -21.22 53.22 -5.80
C ASN C 335 -22.07 52.05 -5.36
N VAL C 336 -21.68 51.47 -4.24
CA VAL C 336 -22.46 50.47 -3.54
C VAL C 336 -22.67 51.05 -2.15
N ARG C 337 -23.68 50.57 -1.46
CA ARG C 337 -23.97 51.01 -0.10
C ARG C 337 -24.18 49.83 0.82
N MET C 338 -23.47 49.80 1.94
CA MET C 338 -23.75 48.89 3.04
C MET C 338 -24.53 49.58 4.14
N MET C 339 -25.52 48.86 4.66
CA MET C 339 -26.35 49.32 5.76
C MET C 339 -26.23 48.23 6.86
N LEU C 340 -25.54 48.56 7.96
CA LEU C 340 -24.97 47.56 8.90
C LEU C 340 -25.69 47.50 10.27
N THR C 341 -25.76 46.31 10.89
CA THR C 341 -26.30 46.16 12.26
C THR C 341 -25.12 45.92 13.24
N ASP C 342 -24.57 44.70 13.26
CA ASP C 342 -23.39 44.36 14.09
C ASP C 342 -22.72 43.02 13.67
N SER C 343 -21.62 42.66 14.34
CA SER C 343 -20.85 41.43 14.03
C SER C 343 -21.56 40.09 14.23
N VAL C 344 -22.70 40.06 14.93
CA VAL C 344 -23.46 38.80 15.18
C VAL C 344 -24.79 38.71 14.43
N SER C 345 -25.08 39.72 13.62
CA SER C 345 -26.31 39.80 12.84
C SER C 345 -25.93 40.03 11.39
N SER C 346 -26.92 40.07 10.52
CA SER C 346 -26.68 40.29 9.11
C SER C 346 -26.04 41.66 8.83
N VAL C 347 -25.34 41.76 7.70
CA VAL C 347 -25.01 43.04 7.09
C VAL C 347 -25.78 43.06 5.78
N GLN C 348 -26.55 44.12 5.54
CA GLN C 348 -27.27 44.31 4.29
C GLN C 348 -26.46 45.24 3.41
N ILE C 349 -26.49 44.96 2.12
CA ILE C 349 -25.76 45.73 1.15
C ILE C 349 -26.71 46.00 0.01
N GLU C 350 -26.58 47.17 -0.61
CA GLU C 350 -27.30 47.42 -1.85
C GLU C 350 -26.49 48.33 -2.78
N ASP C 351 -26.53 47.97 -4.05
CA ASP C 351 -25.85 48.64 -5.14
C ASP C 351 -26.43 50.05 -5.19
N ALA C 352 -25.60 51.08 -5.29
CA ALA C 352 -26.13 52.43 -5.34
C ALA C 352 -26.80 52.70 -6.70
N ALA C 353 -26.61 51.80 -7.66
CA ALA C 353 -27.39 51.79 -8.91
C ALA C 353 -28.38 50.61 -9.06
N SER C 354 -28.22 49.51 -8.31
CA SER C 354 -29.03 48.31 -8.60
C SER C 354 -30.45 48.45 -8.05
N GLN C 355 -30.56 48.66 -6.74
CA GLN C 355 -31.86 48.63 -6.05
C GLN C 355 -32.73 47.38 -6.29
N SER C 356 -32.07 46.30 -6.69
CA SER C 356 -32.77 45.07 -7.05
C SER C 356 -32.08 43.87 -6.41
N ALA C 357 -30.76 43.79 -6.56
CA ALA C 357 -29.95 42.88 -5.77
C ALA C 357 -29.39 43.56 -4.54
N ALA C 358 -29.98 43.25 -3.38
CA ALA C 358 -29.39 43.57 -2.09
C ALA C 358 -28.78 42.29 -1.53
N TYR C 359 -27.80 42.44 -0.65
CA TYR C 359 -27.02 41.31 -0.18
C TYR C 359 -26.89 41.32 1.31
N VAL C 360 -27.06 40.17 1.91
CA VAL C 360 -26.79 39.99 3.32
C VAL C 360 -25.90 38.75 3.45
N VAL C 361 -24.73 38.94 4.07
CA VAL C 361 -23.72 37.90 4.23
C VAL C 361 -23.30 37.85 5.70
N MET C 362 -23.12 36.64 6.25
CA MET C 362 -22.71 36.49 7.65
C MET C 362 -21.19 36.68 7.78
N PRO C 363 -20.73 37.31 8.88
CA PRO C 363 -19.30 37.48 9.16
C PRO C 363 -18.78 36.39 10.10
N MET C 364 -17.62 36.61 10.74
CA MET C 364 -17.06 35.69 11.75
C MET C 364 -17.27 36.17 13.20
N ARG C 365 -17.00 35.27 14.15
CA ARG C 365 -16.87 35.56 15.58
C ARG C 365 -15.37 35.58 15.90
N LEU C 366 -14.82 36.75 16.28
CA LEU C 366 -13.36 36.89 16.50
C LEU C 366 -13.12 37.05 17.98
N ARG D 7 0.44 -16.99 -41.19
CA ARG D 7 -0.93 -17.05 -40.60
C ARG D 7 -0.90 -17.64 -39.19
N GLN D 8 -1.59 -16.99 -38.25
CA GLN D 8 -1.39 -17.21 -36.81
C GLN D 8 -2.68 -17.67 -36.12
N ILE D 9 -2.65 -18.86 -35.50
CA ILE D 9 -3.87 -19.55 -35.02
C ILE D 9 -3.80 -20.04 -33.56
N VAL D 10 -4.88 -19.75 -32.84
CA VAL D 10 -4.93 -19.79 -31.39
C VAL D 10 -6.18 -20.57 -30.95
N LEU D 11 -6.26 -21.03 -29.69
CA LEU D 11 -7.55 -21.41 -29.05
C LEU D 11 -7.51 -21.48 -27.49
N ASP D 12 -8.65 -21.23 -26.82
CA ASP D 12 -8.87 -21.58 -25.40
C ASP D 12 -10.17 -22.40 -25.40
N THR D 13 -10.09 -23.62 -24.88
CA THR D 13 -11.07 -24.64 -25.25
C THR D 13 -11.90 -25.05 -24.06
N GLU D 14 -13.21 -25.20 -24.27
CA GLU D 14 -14.14 -25.61 -23.22
C GLU D 14 -14.51 -27.08 -23.48
N THR D 15 -14.53 -27.89 -22.42
CA THR D 15 -14.55 -29.36 -22.51
C THR D 15 -15.42 -30.03 -21.44
N THR D 16 -15.31 -31.33 -21.34
CA THR D 16 -15.93 -32.12 -20.29
C THR D 16 -15.30 -31.88 -18.92
N GLY D 17 -15.28 -30.65 -18.44
CA GLY D 17 -14.60 -30.30 -17.20
C GLY D 17 -13.16 -30.72 -17.06
N MET D 18 -12.65 -30.59 -15.83
CA MET D 18 -11.22 -30.71 -15.58
C MET D 18 -10.93 -31.62 -14.39
N ASN D 19 -9.70 -32.11 -14.35
CA ASN D 19 -9.10 -32.62 -13.13
C ASN D 19 -8.36 -31.44 -12.51
N GLN D 20 -8.69 -31.08 -11.28
CA GLN D 20 -7.97 -29.98 -10.60
C GLN D 20 -6.54 -30.35 -10.17
N ILE D 21 -6.26 -31.62 -9.86
CA ILE D 21 -4.95 -32.04 -9.32
C ILE D 21 -4.14 -32.84 -10.35
N GLY D 22 -2.83 -32.61 -10.37
CA GLY D 22 -1.87 -33.39 -11.17
C GLY D 22 -2.10 -33.26 -12.66
N ALA D 23 -2.41 -34.38 -13.32
CA ALA D 23 -2.87 -34.40 -14.71
C ALA D 23 -4.27 -33.81 -14.83
N HIS D 24 -4.33 -32.49 -14.98
CA HIS D 24 -5.57 -31.75 -15.31
C HIS D 24 -6.39 -32.25 -16.51
N TYR D 25 -5.78 -33.11 -17.32
CA TYR D 25 -6.37 -33.67 -18.55
C TYR D 25 -6.87 -35.11 -18.42
N GLU D 26 -6.50 -35.80 -17.34
CA GLU D 26 -6.73 -37.25 -17.22
C GLU D 26 -8.23 -37.60 -17.18
N GLY D 27 -8.65 -38.48 -18.10
CA GLY D 27 -10.04 -38.91 -18.19
C GLY D 27 -10.96 -37.95 -18.91
N HIS D 28 -10.39 -36.91 -19.53
CA HIS D 28 -11.18 -35.92 -20.27
C HIS D 28 -10.80 -35.93 -21.75
N LYS D 29 -11.74 -35.55 -22.59
CA LYS D 29 -11.55 -35.42 -24.04
C LYS D 29 -12.22 -34.11 -24.51
N ILE D 30 -11.80 -33.61 -25.67
CA ILE D 30 -12.21 -32.27 -26.17
C ILE D 30 -13.57 -32.32 -26.90
N ILE D 31 -14.42 -31.30 -26.69
CA ILE D 31 -15.77 -31.24 -27.28
C ILE D 31 -16.01 -30.13 -28.31
N GLU D 32 -15.32 -28.99 -28.16
CA GLU D 32 -15.75 -27.76 -28.82
C GLU D 32 -14.73 -27.20 -29.78
N ILE D 33 -15.23 -26.76 -30.93
CA ILE D 33 -14.42 -26.23 -31.99
C ILE D 33 -15.03 -24.92 -32.43
N GLY D 34 -14.36 -23.84 -32.06
CA GLY D 34 -14.48 -22.56 -32.76
C GLY D 34 -13.09 -22.36 -33.32
N ALA D 35 -12.94 -22.37 -34.64
CA ALA D 35 -11.64 -22.54 -35.27
C ALA D 35 -11.12 -21.23 -35.85
N VAL D 36 -10.27 -20.53 -35.11
CA VAL D 36 -9.95 -19.15 -35.44
C VAL D 36 -9.04 -19.07 -36.64
N GLU D 37 -9.45 -18.30 -37.62
CA GLU D 37 -8.57 -17.90 -38.69
C GLU D 37 -8.36 -16.43 -38.49
N VAL D 38 -7.10 -16.05 -38.24
CA VAL D 38 -6.69 -14.65 -38.14
C VAL D 38 -5.49 -14.48 -39.05
N VAL D 39 -5.65 -13.70 -40.12
CA VAL D 39 -4.61 -13.58 -41.14
C VAL D 39 -4.10 -12.17 -41.19
N ASN D 40 -2.78 -12.01 -41.06
CA ASN D 40 -2.13 -10.71 -40.96
C ASN D 40 -2.81 -9.86 -39.91
N ARG D 41 -3.09 -10.48 -38.78
CA ARG D 41 -3.66 -9.79 -37.62
C ARG D 41 -5.01 -9.14 -37.94
N ARG D 42 -5.79 -9.80 -38.81
CA ARG D 42 -7.11 -9.36 -39.19
C ARG D 42 -8.04 -10.52 -39.10
N LEU D 43 -9.27 -10.20 -38.76
CA LEU D 43 -10.22 -11.16 -38.27
C LEU D 43 -10.94 -11.70 -39.47
N THR D 44 -10.63 -12.92 -39.90
CA THR D 44 -11.36 -13.48 -41.03
C THR D 44 -12.69 -14.04 -40.55
N GLY D 45 -12.66 -14.65 -39.37
CA GLY D 45 -13.79 -15.44 -38.86
C GLY D 45 -14.07 -16.73 -39.63
N ASN D 46 -13.02 -17.33 -40.22
CA ASN D 46 -13.17 -18.47 -41.15
C ASN D 46 -13.22 -19.81 -40.40
N ASN D 47 -14.29 -19.99 -39.60
CA ASN D 47 -14.43 -21.14 -38.70
C ASN D 47 -15.07 -22.33 -39.43
N PHE D 48 -14.52 -23.52 -39.18
CA PHE D 48 -15.20 -24.79 -39.45
C PHE D 48 -15.97 -25.15 -38.18
N HIS D 49 -17.31 -25.07 -38.25
CA HIS D 49 -18.16 -25.19 -37.06
C HIS D 49 -19.06 -26.42 -36.99
N VAL D 50 -18.48 -27.51 -36.50
CA VAL D 50 -19.16 -28.76 -36.11
C VAL D 50 -18.44 -29.23 -34.82
N TYR D 51 -19.05 -30.13 -34.05
CA TYR D 51 -18.58 -30.47 -32.69
C TYR D 51 -18.22 -31.95 -32.52
N LEU D 52 -17.68 -32.28 -31.36
CA LEU D 52 -17.07 -33.58 -31.11
C LEU D 52 -17.67 -34.35 -29.97
N LYS D 53 -17.13 -35.55 -29.79
CA LYS D 53 -17.65 -36.53 -28.87
C LYS D 53 -17.13 -36.29 -27.48
N PRO D 54 -18.02 -36.21 -26.48
CA PRO D 54 -17.55 -36.03 -25.11
C PRO D 54 -16.96 -37.28 -24.48
N ASP D 55 -17.44 -38.46 -24.90
CA ASP D 55 -17.09 -39.75 -24.29
C ASP D 55 -17.37 -39.83 -22.77
N ARG D 56 -18.16 -38.89 -22.20
CA ARG D 56 -18.41 -38.83 -20.73
C ARG D 56 -19.48 -37.78 -20.30
N LEU D 57 -19.87 -37.82 -19.02
CA LEU D 57 -20.78 -36.83 -18.40
C LEU D 57 -20.06 -35.58 -17.85
N VAL D 58 -20.81 -34.48 -17.70
CA VAL D 58 -20.28 -33.13 -17.36
C VAL D 58 -19.68 -33.06 -15.92
N ASP D 59 -18.51 -32.44 -15.76
CA ASP D 59 -17.92 -32.26 -14.41
C ASP D 59 -18.61 -31.06 -13.71
N PRO D 60 -19.00 -31.21 -12.42
CA PRO D 60 -19.79 -30.17 -11.75
C PRO D 60 -19.20 -28.75 -11.80
N GLU D 61 -17.88 -28.67 -11.66
CA GLU D 61 -17.13 -27.41 -11.75
C GLU D 61 -17.36 -26.71 -13.10
N ALA D 62 -17.09 -27.47 -14.17
CA ALA D 62 -17.27 -27.03 -15.56
C ALA D 62 -18.67 -26.51 -15.83
N PHE D 63 -19.67 -27.21 -15.29
CA PHE D 63 -21.08 -26.80 -15.44
C PHE D 63 -21.34 -25.40 -14.90
N GLY D 64 -20.89 -25.15 -13.67
CA GLY D 64 -21.04 -23.85 -12.99
C GLY D 64 -20.31 -22.68 -13.65
N VAL D 65 -19.24 -23.00 -14.36
CA VAL D 65 -18.49 -22.00 -15.13
C VAL D 65 -19.25 -21.62 -16.41
N HIS D 66 -19.73 -22.64 -17.14
CA HIS D 66 -20.44 -22.45 -18.43
C HIS D 66 -21.87 -23.02 -18.49
N GLY D 67 -22.16 -24.05 -17.69
CA GLY D 67 -23.50 -24.64 -17.62
C GLY D 67 -23.91 -25.56 -18.75
N ILE D 68 -22.96 -26.09 -19.51
CA ILE D 68 -23.25 -26.89 -20.71
C ILE D 68 -23.66 -28.32 -20.27
N ALA D 69 -24.48 -29.05 -21.05
CA ALA D 69 -24.78 -30.46 -20.71
C ALA D 69 -24.63 -31.44 -21.85
N ASP D 70 -24.36 -32.68 -21.44
CA ASP D 70 -23.71 -33.63 -22.32
C ASP D 70 -24.39 -33.90 -23.62
N GLU D 71 -25.71 -33.95 -23.59
CA GLU D 71 -26.48 -34.70 -24.59
C GLU D 71 -26.59 -34.03 -25.95
N PHE D 72 -26.31 -32.73 -25.99
CA PHE D 72 -26.24 -31.99 -27.23
C PHE D 72 -25.04 -32.41 -28.08
N LEU D 73 -23.92 -32.68 -27.42
CA LEU D 73 -22.63 -32.90 -28.09
C LEU D 73 -22.28 -34.38 -28.32
N LEU D 74 -23.19 -35.29 -27.95
CA LEU D 74 -22.93 -36.73 -28.02
C LEU D 74 -22.97 -37.31 -29.44
N ASP D 75 -24.05 -37.04 -30.19
CA ASP D 75 -24.25 -37.65 -31.53
C ASP D 75 -23.33 -37.05 -32.62
N LYS D 76 -22.83 -35.85 -32.36
CA LYS D 76 -21.95 -35.12 -33.28
C LYS D 76 -20.63 -35.91 -33.35
N PRO D 77 -19.97 -35.96 -34.53
CA PRO D 77 -18.92 -36.97 -34.78
C PRO D 77 -17.72 -36.82 -33.84
N THR D 78 -16.92 -37.87 -33.72
CA THR D 78 -15.83 -37.92 -32.72
C THR D 78 -14.57 -37.20 -33.20
N PHE D 79 -13.61 -37.09 -32.30
CA PHE D 79 -12.28 -36.53 -32.58
C PHE D 79 -11.60 -37.16 -33.82
N ALA D 80 -11.76 -38.47 -33.97
CA ALA D 80 -11.14 -39.23 -35.06
C ALA D 80 -11.64 -38.87 -36.47
N GLU D 81 -12.92 -38.50 -36.58
CA GLU D 81 -13.54 -38.16 -37.88
C GLU D 81 -13.03 -36.84 -38.49
N VAL D 82 -12.69 -35.89 -37.63
CA VAL D 82 -12.22 -34.57 -38.07
C VAL D 82 -10.84 -34.23 -37.52
N ALA D 83 -10.13 -35.26 -37.07
CA ALA D 83 -8.75 -35.15 -36.63
C ALA D 83 -7.92 -34.63 -37.77
N ASP D 84 -8.03 -35.27 -38.92
CA ASP D 84 -7.24 -34.90 -40.09
C ASP D 84 -7.78 -33.61 -40.73
N GLU D 85 -9.12 -33.47 -40.81
CA GLU D 85 -9.80 -32.26 -41.32
C GLU D 85 -9.32 -31.03 -40.55
N PHE D 86 -9.26 -31.19 -39.24
CA PHE D 86 -8.89 -30.10 -38.40
C PHE D 86 -7.40 -29.90 -38.27
N MET D 87 -6.64 -30.97 -38.33
CA MET D 87 -5.19 -30.87 -38.34
C MET D 87 -4.69 -30.14 -39.58
N ASP D 88 -5.30 -30.37 -40.74
CA ASP D 88 -4.97 -29.62 -41.99
C ASP D 88 -5.34 -28.13 -41.87
N TYR D 89 -6.40 -27.85 -41.13
CA TYR D 89 -6.79 -26.48 -40.81
C TYR D 89 -5.74 -25.71 -39.96
N ILE D 90 -4.98 -26.43 -39.12
CA ILE D 90 -3.95 -25.84 -38.22
C ILE D 90 -2.49 -26.00 -38.68
N ARG D 91 -2.26 -26.88 -39.65
CA ARG D 91 -0.89 -27.20 -40.09
C ARG D 91 -0.09 -26.00 -40.62
N GLY D 92 1.17 -25.89 -40.17
CA GLY D 92 2.13 -24.91 -40.68
C GLY D 92 1.85 -23.52 -40.15
N ALA D 93 1.71 -23.40 -38.83
CA ALA D 93 1.24 -22.15 -38.22
C ALA D 93 1.90 -21.77 -36.88
N GLU D 94 1.69 -20.50 -36.53
CA GLU D 94 2.11 -19.92 -35.25
C GLU D 94 0.99 -20.16 -34.24
N LEU D 95 1.31 -20.86 -33.16
CA LEU D 95 0.33 -21.18 -32.13
C LEU D 95 0.64 -20.39 -30.89
N VAL D 96 0.05 -19.21 -30.80
CA VAL D 96 0.14 -18.39 -29.61
C VAL D 96 -1.16 -18.55 -28.85
N ILE D 97 -1.11 -19.14 -27.66
CA ILE D 97 -2.30 -19.69 -26.99
C ILE D 97 -2.30 -19.41 -25.46
N HIS D 98 -3.48 -19.21 -24.88
CA HIS D 98 -3.62 -18.96 -23.45
C HIS D 98 -3.98 -20.20 -22.70
N ASN D 99 -3.25 -20.43 -21.61
CA ASN D 99 -3.39 -21.61 -20.77
C ASN D 99 -2.75 -22.81 -21.49
N ALA D 100 -1.50 -22.58 -21.94
CA ALA D 100 -0.74 -23.49 -22.83
C ALA D 100 -0.62 -24.93 -22.32
N ALA D 101 -0.45 -25.06 -21.01
CA ALA D 101 -0.34 -26.35 -20.35
C ALA D 101 -1.55 -27.24 -20.62
N PHE D 102 -2.73 -26.63 -20.69
CA PHE D 102 -3.97 -27.35 -20.96
C PHE D 102 -4.01 -27.85 -22.40
N ASP D 103 -4.00 -26.90 -23.33
CA ASP D 103 -4.15 -27.19 -24.73
C ASP D 103 -3.07 -28.08 -25.27
N ILE D 104 -1.81 -27.69 -25.09
CA ILE D 104 -0.69 -28.44 -25.69
C ILE D 104 -0.77 -29.88 -25.22
N GLY D 105 -1.00 -30.03 -23.91
CA GLY D 105 -1.28 -31.31 -23.29
C GLY D 105 -2.28 -32.11 -24.09
N PHE D 106 -3.46 -31.52 -24.32
CA PHE D 106 -4.51 -32.15 -25.12
C PHE D 106 -4.15 -32.38 -26.56
N MET D 107 -3.62 -31.36 -27.21
CA MET D 107 -3.35 -31.40 -28.66
C MET D 107 -2.50 -32.59 -29.04
N ASP D 108 -1.28 -32.59 -28.50
CA ASP D 108 -0.28 -33.59 -28.73
C ASP D 108 -0.81 -34.99 -28.37
N TYR D 109 -1.46 -35.01 -27.20
CA TYR D 109 -2.03 -36.23 -26.63
C TYR D 109 -3.10 -36.81 -27.51
N GLU D 110 -4.07 -35.99 -27.93
CA GLU D 110 -5.14 -36.41 -28.85
C GLU D 110 -4.55 -36.88 -30.21
N PHE D 111 -3.49 -36.23 -30.68
CA PHE D 111 -2.86 -36.62 -31.96
C PHE D 111 -2.36 -38.08 -31.89
N SER D 112 -1.63 -38.41 -30.83
CA SER D 112 -1.23 -39.80 -30.57
C SER D 112 -2.42 -40.77 -30.30
N LEU D 113 -3.49 -40.30 -29.63
CA LEU D 113 -4.72 -41.11 -29.34
C LEU D 113 -5.51 -41.59 -30.54
N LEU D 114 -5.32 -40.93 -31.68
CA LEU D 114 -5.91 -41.40 -32.94
C LEU D 114 -5.39 -42.77 -33.35
N LYS D 115 -4.16 -43.06 -32.95
CA LYS D 115 -3.49 -44.34 -33.23
C LYS D 115 -3.29 -44.54 -34.74
N ARG D 116 -3.09 -43.42 -35.44
CA ARG D 116 -2.58 -43.37 -36.81
C ARG D 116 -1.15 -42.80 -36.74
N ASP D 117 -0.53 -42.92 -35.55
CA ASP D 117 0.79 -42.38 -35.20
C ASP D 117 0.99 -40.89 -35.55
N ILE D 118 -0.09 -40.11 -35.49
CA ILE D 118 -0.01 -38.71 -35.86
C ILE D 118 0.68 -37.96 -34.71
N PRO D 119 1.79 -37.25 -35.01
CA PRO D 119 2.64 -36.71 -33.94
C PRO D 119 2.03 -35.55 -33.14
N LYS D 120 2.71 -35.21 -32.05
CA LYS D 120 2.41 -34.07 -31.19
C LYS D 120 2.55 -32.72 -31.92
N THR D 121 1.61 -31.80 -31.67
CA THR D 121 1.53 -30.51 -32.40
C THR D 121 2.79 -29.64 -32.40
N ASN D 122 3.54 -29.67 -31.30
CA ASN D 122 4.78 -28.89 -31.16
C ASN D 122 5.93 -29.26 -32.13
N THR D 123 5.81 -30.39 -32.85
CA THR D 123 6.77 -30.79 -33.90
C THR D 123 6.58 -30.13 -35.28
N PHE D 124 5.34 -29.75 -35.60
CA PHE D 124 4.99 -29.09 -36.87
C PHE D 124 4.35 -27.69 -36.70
N CYS D 125 4.18 -27.23 -35.46
CA CYS D 125 3.63 -25.90 -35.16
C CYS D 125 4.45 -25.20 -34.07
N LYS D 126 4.50 -23.88 -34.16
CA LYS D 126 5.27 -23.08 -33.21
C LYS D 126 4.45 -22.85 -31.95
N VAL D 127 4.88 -23.47 -30.87
CA VAL D 127 4.22 -23.41 -29.58
C VAL D 127 4.62 -22.13 -28.85
N THR D 128 3.65 -21.25 -28.61
CA THR D 128 3.85 -20.00 -27.83
C THR D 128 2.70 -19.84 -26.82
N ASP D 129 3.05 -19.61 -25.54
CA ASP D 129 2.04 -19.26 -24.52
C ASP D 129 1.79 -17.76 -24.56
N SER D 130 0.53 -17.38 -24.55
CA SER D 130 0.13 -15.98 -24.58
C SER D 130 0.29 -15.35 -23.21
N LEU D 131 0.05 -16.14 -22.17
CA LEU D 131 0.25 -15.65 -20.83
C LEU D 131 1.70 -15.33 -20.50
N ALA D 132 2.66 -16.02 -21.13
CA ALA D 132 4.07 -15.76 -20.94
C ALA D 132 4.39 -14.35 -21.39
N VAL D 133 3.83 -14.00 -22.53
CA VAL D 133 4.00 -12.69 -23.09
C VAL D 133 3.24 -11.65 -22.24
N ALA D 134 2.02 -12.00 -21.81
CA ALA D 134 1.25 -11.13 -20.92
C ALA D 134 1.95 -10.87 -19.59
N ARG D 135 2.53 -11.92 -19.02
CA ARG D 135 3.37 -11.83 -17.83
C ARG D 135 4.56 -10.96 -18.04
N LYS D 136 5.14 -11.03 -19.23
CA LYS D 136 6.26 -10.17 -19.61
C LYS D 136 5.86 -8.71 -19.66
N MET D 137 4.69 -8.44 -20.25
CA MET D 137 4.20 -7.08 -20.41
C MET D 137 3.68 -6.51 -19.10
N PHE D 138 2.90 -7.32 -18.39
CA PHE D 138 2.29 -6.94 -17.14
C PHE D 138 2.69 -7.91 -16.05
N PRO D 139 3.91 -7.74 -15.49
CA PRO D 139 4.35 -8.58 -14.40
C PRO D 139 3.66 -8.17 -13.09
N GLY D 140 3.03 -9.12 -12.42
CA GLY D 140 2.29 -8.84 -11.18
C GLY D 140 0.96 -8.14 -11.35
N LYS D 141 0.44 -8.09 -12.58
CA LYS D 141 -0.91 -7.64 -12.83
C LYS D 141 -1.65 -8.88 -13.21
N ARG D 142 -2.96 -8.82 -13.08
CA ARG D 142 -3.78 -9.93 -13.54
C ARG D 142 -3.69 -9.97 -15.07
N ASN D 143 -3.32 -11.13 -15.61
CA ASN D 143 -3.12 -11.33 -17.04
C ASN D 143 -4.21 -12.24 -17.64
N SER D 144 -5.40 -12.14 -17.06
CA SER D 144 -6.51 -12.97 -17.46
C SER D 144 -7.23 -12.34 -18.58
N LEU D 145 -8.07 -13.16 -19.21
CA LEU D 145 -8.93 -12.76 -20.28
C LEU D 145 -9.83 -11.60 -19.91
N ASP D 146 -10.40 -11.64 -18.72
CA ASP D 146 -11.37 -10.64 -18.36
C ASP D 146 -10.65 -9.41 -17.89
N ALA D 147 -9.47 -9.63 -17.31
CA ALA D 147 -8.65 -8.57 -16.77
C ALA D 147 -8.19 -7.65 -17.88
N LEU D 148 -7.61 -8.28 -18.87
CA LEU D 148 -7.05 -7.53 -19.96
C LEU D 148 -8.15 -7.07 -20.91
N CYS D 149 -9.26 -7.82 -20.93
CA CYS D 149 -10.48 -7.39 -21.60
C CYS D 149 -10.86 -6.01 -21.14
N ALA D 150 -10.99 -5.85 -19.82
CA ALA D 150 -11.35 -4.57 -19.24
C ALA D 150 -10.25 -3.54 -19.46
N ARG D 151 -8.98 -3.96 -19.43
CA ARG D 151 -7.86 -3.05 -19.70
C ARG D 151 -7.93 -2.45 -21.10
N TYR D 152 -8.19 -3.29 -22.10
CA TYR D 152 -8.25 -2.84 -23.49
C TYR D 152 -9.65 -2.51 -23.96
N GLU D 153 -10.58 -2.42 -23.01
CA GLU D 153 -11.93 -1.90 -23.24
C GLU D 153 -12.68 -2.66 -24.34
N ILE D 154 -12.81 -3.96 -24.17
CA ILE D 154 -13.54 -4.81 -25.12
C ILE D 154 -14.81 -5.30 -24.39
N ASP D 155 -15.95 -5.46 -25.08
CA ASP D 155 -17.22 -5.91 -24.41
C ASP D 155 -17.31 -7.42 -24.17
N ASN D 156 -17.10 -7.82 -22.91
CA ASN D 156 -17.44 -9.14 -22.38
C ASN D 156 -18.39 -8.98 -21.20
N SER D 157 -19.10 -7.85 -21.16
CA SER D 157 -20.19 -7.62 -20.19
C SER D 157 -21.58 -8.00 -20.75
N LYS D 158 -21.82 -7.72 -22.03
CA LYS D 158 -22.97 -8.23 -22.79
C LYS D 158 -22.75 -9.65 -23.39
N ARG D 159 -21.67 -10.36 -22.98
CA ARG D 159 -21.37 -11.73 -23.45
C ARG D 159 -21.09 -12.63 -22.20
N THR D 160 -22.05 -13.45 -21.77
CA THR D 160 -21.93 -14.18 -20.49
C THR D 160 -20.92 -15.39 -20.56
N LEU D 161 -20.88 -16.15 -21.67
CA LEU D 161 -19.92 -17.30 -21.89
C LEU D 161 -18.51 -16.94 -21.47
N HIS D 162 -17.94 -17.81 -20.65
CA HIS D 162 -16.52 -17.75 -20.44
C HIS D 162 -15.82 -18.75 -21.33
N GLY D 163 -14.76 -18.25 -21.95
CA GLY D 163 -14.07 -19.01 -22.96
C GLY D 163 -14.31 -18.76 -24.45
N ALA D 164 -14.68 -19.83 -25.16
CA ALA D 164 -14.21 -20.11 -26.57
C ALA D 164 -15.01 -19.73 -27.85
N LEU D 165 -16.33 -19.78 -27.76
CA LEU D 165 -17.20 -19.46 -28.89
C LEU D 165 -17.36 -17.95 -29.03
N LEU D 166 -16.90 -17.26 -27.98
CA LEU D 166 -16.81 -15.82 -27.88
C LEU D 166 -15.35 -15.35 -27.86
N ASP D 167 -14.56 -16.02 -27.02
CA ASP D 167 -13.20 -15.58 -26.79
C ASP D 167 -12.34 -15.67 -27.99
N ALA D 168 -12.57 -16.64 -28.89
CA ALA D 168 -11.90 -16.65 -30.19
C ALA D 168 -11.77 -15.23 -30.75
N GLN D 169 -12.93 -14.65 -31.04
CA GLN D 169 -13.06 -13.29 -31.53
C GLN D 169 -12.33 -12.31 -30.61
N ILE D 170 -12.65 -12.39 -29.33
CA ILE D 170 -12.15 -11.42 -28.38
C ILE D 170 -10.65 -11.53 -28.18
N LEU D 171 -10.20 -12.76 -28.11
CA LEU D 171 -8.83 -12.99 -27.82
C LEU D 171 -7.98 -12.54 -28.95
N ALA D 172 -8.55 -12.61 -30.15
CA ALA D 172 -7.88 -12.03 -31.29
C ALA D 172 -7.63 -10.55 -31.06
N GLU D 173 -8.67 -9.85 -30.59
CA GLU D 173 -8.58 -8.42 -30.35
C GLU D 173 -7.59 -8.14 -29.22
N VAL D 174 -7.58 -9.02 -28.24
CA VAL D 174 -6.63 -8.92 -27.16
C VAL D 174 -5.21 -9.14 -27.65
N TYR D 175 -5.04 -10.19 -28.43
CA TYR D 175 -3.75 -10.51 -28.97
C TYR D 175 -3.19 -9.36 -29.74
N LEU D 176 -4.02 -8.85 -30.63
CA LEU D 176 -3.69 -7.68 -31.40
C LEU D 176 -3.26 -6.53 -30.55
N ALA D 177 -3.98 -6.30 -29.46
CA ALA D 177 -3.67 -5.19 -28.56
C ALA D 177 -2.29 -5.30 -27.96
N MET D 178 -1.99 -6.50 -27.50
CA MET D 178 -0.73 -6.80 -26.86
C MET D 178 0.45 -6.69 -27.81
N THR D 179 0.28 -7.24 -29.00
CA THR D 179 1.25 -7.09 -30.08
C THR D 179 1.02 -5.80 -30.83
N GLY D 180 -0.22 -5.33 -30.83
CA GLY D 180 -0.57 -4.04 -31.39
C GLY D 180 -0.65 -2.96 -30.33
N GLY D 181 -0.18 -3.24 -29.10
CA GLY D 181 -0.05 -2.16 -28.10
C GLY D 181 0.54 -0.84 -28.62
N GLN D 182 1.81 -0.92 -29.07
CA GLN D 182 2.64 0.11 -29.81
C GLN D 182 4.12 -0.34 -29.86
N LEU D 183 4.72 -0.38 -31.05
CA LEU D 183 6.13 -0.76 -31.20
C LEU D 183 7.02 0.44 -30.79
N SER D 184 8.35 0.23 -30.65
CA SER D 184 9.24 1.18 -29.93
C SER D 184 10.33 1.86 -30.77
N LEU D 185 10.71 3.07 -30.34
CA LEU D 185 11.66 3.93 -31.03
C LEU D 185 13.09 3.39 -30.87
N PRO D 186 13.70 2.84 -31.93
CA PRO D 186 15.00 2.16 -31.80
C PRO D 186 16.10 3.00 -31.13
N LEU D 187 16.07 3.09 -29.81
CA LEU D 187 17.13 3.78 -29.07
C LEU D 187 18.30 2.78 -28.91
N ALA D 188 19.43 3.27 -28.41
CA ALA D 188 20.61 2.44 -28.08
C ALA D 188 20.57 2.01 -26.61
N MET D 189 20.11 0.78 -26.35
CA MET D 189 19.91 0.25 -24.97
C MET D 189 20.48 -1.18 -24.74
N GLU D 190 21.08 -1.41 -23.55
CA GLU D 190 22.01 -2.54 -23.26
C GLU D 190 21.51 -3.39 -22.05
N GLY D 191 20.89 -4.54 -22.34
CA GLY D 191 19.93 -5.21 -21.41
C GLY D 191 20.40 -6.14 -20.30
N GLU D 192 21.60 -5.90 -19.76
CA GLU D 192 22.14 -6.65 -18.61
C GLU D 192 22.10 -8.21 -18.84
N THR D 193 21.71 -9.02 -17.85
CA THR D 193 21.73 -10.50 -18.03
C THR D 193 20.58 -10.91 -18.93
N ILE D 202 29.72 -8.94 -19.70
CA ILE D 202 29.20 -10.21 -20.25
C ILE D 202 30.23 -11.39 -20.10
N GLN D 203 30.26 -12.01 -18.90
CA GLN D 203 31.02 -13.26 -18.61
C GLN D 203 32.60 -13.21 -18.80
N ARG D 204 33.28 -12.11 -18.43
CA ARG D 204 34.75 -11.96 -18.67
C ARG D 204 35.70 -11.77 -17.45
N ILE D 205 36.98 -12.04 -17.71
CA ILE D 205 38.05 -12.20 -16.71
C ILE D 205 39.35 -11.48 -17.21
N VAL D 206 40.01 -10.73 -16.32
CA VAL D 206 41.08 -9.77 -16.72
C VAL D 206 42.47 -10.34 -17.08
N ARG D 207 42.97 -11.30 -16.29
CA ARG D 207 44.29 -11.97 -16.52
C ARG D 207 45.54 -11.07 -16.62
N GLN D 208 45.86 -10.34 -15.54
CA GLN D 208 46.93 -9.31 -15.55
C GLN D 208 47.97 -9.43 -14.42
N ALA D 209 49.15 -8.81 -14.57
CA ALA D 209 50.18 -8.80 -13.50
C ALA D 209 51.04 -7.53 -13.48
N SER D 210 51.22 -6.94 -12.29
CA SER D 210 51.94 -5.66 -12.10
C SER D 210 52.06 -5.17 -10.62
N LYS D 211 53.26 -4.69 -10.28
CA LYS D 211 53.59 -4.27 -8.91
C LYS D 211 52.39 -3.75 -8.13
N LEU D 212 52.06 -4.44 -7.03
CA LEU D 212 51.03 -4.05 -6.05
C LEU D 212 51.58 -4.36 -4.63
N ARG D 213 51.06 -3.72 -3.57
CA ARG D 213 51.60 -3.90 -2.17
C ARG D 213 50.85 -4.95 -1.34
N VAL D 214 51.60 -5.81 -0.65
CA VAL D 214 51.05 -6.77 0.32
C VAL D 214 51.26 -6.24 1.75
N VAL D 215 50.16 -6.05 2.49
CA VAL D 215 50.19 -5.50 3.85
C VAL D 215 50.06 -6.66 4.86
N PHE D 216 51.16 -7.01 5.53
CA PHE D 216 51.20 -8.22 6.38
C PHE D 216 50.83 -7.94 7.85
N ALA D 217 50.35 -8.96 8.56
CA ALA D 217 50.05 -8.87 10.00
C ALA D 217 51.32 -8.93 10.84
N THR D 218 51.31 -8.26 12.00
CA THR D 218 52.49 -8.16 12.88
C THR D 218 52.72 -9.40 13.75
N ASP D 219 53.95 -9.54 14.25
CA ASP D 219 54.31 -10.68 15.12
C ASP D 219 53.29 -10.80 16.25
N GLU D 220 52.93 -9.66 16.85
CA GLU D 220 51.85 -9.61 17.86
C GLU D 220 50.49 -10.05 17.31
N GLU D 221 50.13 -9.62 16.10
CA GLU D 221 48.88 -10.06 15.47
C GLU D 221 48.85 -11.56 15.25
N ILE D 222 49.97 -12.10 14.80
CA ILE D 222 50.14 -13.54 14.66
C ILE D 222 49.95 -14.22 16.00
N ALA D 223 50.55 -13.65 17.04
CA ALA D 223 50.40 -14.19 18.39
C ALA D 223 48.94 -14.18 18.85
N ALA D 224 48.19 -13.11 18.53
CA ALA D 224 46.74 -13.02 18.85
C ALA D 224 45.95 -14.11 18.15
N HIS D 225 46.29 -14.34 16.88
CA HIS D 225 45.72 -15.44 16.14
C HIS D 225 46.07 -16.82 16.70
N GLU D 226 47.35 -17.07 16.97
CA GLU D 226 47.80 -18.35 17.55
C GLU D 226 47.08 -18.59 18.90
N ALA D 227 46.94 -17.55 19.71
CA ALA D 227 46.17 -17.61 20.96
C ALA D 227 44.68 -17.85 20.72
N ARG D 228 44.12 -17.23 19.68
CA ARG D 228 42.73 -17.47 19.35
C ARG D 228 42.53 -18.93 18.95
N LEU D 229 43.41 -19.46 18.12
CA LEU D 229 43.30 -20.87 17.75
C LEU D 229 43.47 -21.80 18.95
N ASP D 230 44.32 -21.44 19.93
CA ASP D 230 44.35 -22.15 21.22
C ASP D 230 42.93 -22.30 21.75
N LEU D 231 42.20 -21.17 21.78
CA LEU D 231 40.83 -21.13 22.30
C LEU D 231 39.89 -22.05 21.49
N VAL D 232 39.98 -21.99 20.16
CA VAL D 232 39.19 -22.90 19.30
C VAL D 232 39.44 -24.35 19.68
N GLN D 233 40.73 -24.72 19.65
CA GLN D 233 41.18 -26.11 19.86
C GLN D 233 40.84 -26.60 21.26
N LYS D 234 41.12 -25.76 22.27
CA LYS D 234 40.99 -26.23 23.64
C LYS D 234 39.52 -26.28 24.08
N LYS D 235 38.70 -25.32 23.62
CA LYS D 235 37.26 -25.32 23.89
C LYS D 235 36.49 -26.35 23.03
N GLY D 236 36.93 -26.55 21.78
CA GLY D 236 36.27 -27.46 20.84
C GLY D 236 36.71 -28.93 20.83
N GLY D 237 37.95 -29.20 21.20
CA GLY D 237 38.50 -30.56 21.10
C GLY D 237 39.26 -30.83 19.80
N SER D 238 39.21 -29.90 18.84
CA SER D 238 40.15 -29.84 17.71
C SER D 238 40.15 -28.44 17.06
N CYS D 239 41.17 -28.17 16.25
CA CYS D 239 41.24 -26.96 15.43
C CYS D 239 41.93 -27.35 14.12
N LEU D 240 41.27 -27.19 12.98
CA LEU D 240 41.85 -27.70 11.74
C LEU D 240 43.06 -26.89 11.24
N TRP D 241 43.22 -25.62 11.62
CA TRP D 241 44.50 -24.92 11.35
C TRP D 241 45.68 -25.64 12.06
N ARG D 242 45.44 -26.14 13.27
CA ARG D 242 46.48 -26.77 14.10
C ARG D 242 46.60 -28.30 13.92
N ALA D 243 45.89 -28.85 12.93
CA ALA D 243 45.85 -30.29 12.66
C ALA D 243 47.16 -30.80 12.03
N GLN G 1 -25.86 -20.34 -42.33
CA GLN G 1 -25.58 -19.57 -41.07
C GLN G 1 -26.75 -19.48 -40.06
N THR G 2 -27.99 -19.44 -40.53
CA THR G 2 -29.11 -19.16 -39.60
C THR G 2 -29.44 -20.38 -38.72
N GLU G 3 -29.19 -21.61 -39.17
CA GLU G 3 -29.28 -22.80 -38.26
C GLU G 3 -28.18 -22.82 -37.18
N MET G 4 -27.14 -22.01 -37.36
CA MET G 4 -26.07 -21.86 -36.37
C MET G 4 -26.54 -21.05 -35.13
N ASP G 5 -27.47 -20.09 -35.26
CA ASP G 5 -28.26 -19.52 -34.12
C ASP G 5 -29.17 -20.61 -33.51
N LYS G 6 -29.88 -21.36 -34.37
CA LYS G 6 -30.92 -22.33 -33.96
C LYS G 6 -30.32 -23.50 -33.18
N VAL G 7 -29.18 -23.99 -33.66
CA VAL G 7 -28.52 -25.09 -33.00
C VAL G 7 -27.75 -24.62 -31.73
N ASN G 8 -27.44 -23.32 -31.59
CA ASN G 8 -26.99 -22.78 -30.27
C ASN G 8 -28.11 -22.78 -29.23
N VAL G 9 -29.36 -22.83 -29.66
CA VAL G 9 -30.48 -23.00 -28.73
C VAL G 9 -30.55 -24.43 -28.17
N ASP G 10 -30.22 -25.43 -28.98
CA ASP G 10 -29.98 -26.84 -28.55
C ASP G 10 -28.88 -26.91 -27.44
N LEU G 11 -27.84 -26.09 -27.62
CA LEU G 11 -26.77 -25.88 -26.62
C LEU G 11 -27.27 -25.23 -25.27
N ALA G 12 -28.00 -24.09 -25.33
CA ALA G 12 -28.63 -23.42 -24.14
C ALA G 12 -29.70 -24.26 -23.39
N ALA G 13 -30.55 -24.95 -24.15
CA ALA G 13 -31.58 -25.83 -23.57
C ALA G 13 -30.98 -27.04 -22.83
N ALA G 14 -29.71 -27.35 -23.11
CA ALA G 14 -28.95 -28.34 -22.35
C ALA G 14 -28.68 -27.94 -20.89
N GLY G 15 -28.76 -26.67 -20.54
CA GLY G 15 -28.66 -26.22 -19.14
C GLY G 15 -29.61 -26.97 -18.21
N VAL G 16 -30.85 -27.14 -18.69
CA VAL G 16 -31.91 -27.79 -17.92
C VAL G 16 -31.69 -29.30 -17.74
N ALA G 17 -30.87 -29.91 -18.63
CA ALA G 17 -30.46 -31.33 -18.53
C ALA G 17 -29.76 -31.69 -17.23
N PHE G 18 -28.85 -30.82 -16.79
CA PHE G 18 -28.03 -31.16 -15.63
C PHE G 18 -28.75 -31.02 -14.27
N LYS G 19 -30.00 -30.54 -14.27
CA LYS G 19 -30.99 -30.80 -13.17
C LYS G 19 -30.99 -32.26 -12.68
N GLU G 20 -30.81 -33.19 -13.62
CA GLU G 20 -30.82 -34.62 -13.31
C GLU G 20 -29.45 -35.14 -12.77
N ARG G 21 -28.47 -34.24 -12.55
CA ARG G 21 -27.40 -34.47 -11.55
C ARG G 21 -27.11 -33.20 -10.72
N TYR G 22 -28.05 -32.87 -9.84
CA TYR G 22 -27.99 -31.67 -8.98
C TYR G 22 -26.97 -31.85 -7.82
N ASN G 23 -25.71 -32.18 -8.16
CA ASN G 23 -24.63 -32.24 -7.14
C ASN G 23 -24.04 -30.84 -6.93
N MET G 24 -24.03 -30.00 -8.00
CA MET G 24 -23.77 -28.54 -7.94
C MET G 24 -24.75 -27.70 -8.88
N PRO G 25 -24.92 -26.37 -8.62
CA PRO G 25 -26.15 -25.61 -9.01
C PRO G 25 -26.61 -25.55 -10.51
N VAL G 26 -27.89 -25.89 -10.76
CA VAL G 26 -28.56 -25.83 -12.10
C VAL G 26 -30.03 -25.30 -12.03
N ILE G 27 -30.32 -24.17 -12.68
CA ILE G 27 -31.57 -23.40 -12.45
C ILE G 27 -32.65 -23.61 -13.57
N ALA G 28 -33.62 -24.53 -13.34
CA ALA G 28 -34.75 -24.86 -14.32
C ALA G 28 -35.67 -23.72 -14.87
N GLU G 29 -35.98 -22.76 -13.99
CA GLU G 29 -36.94 -21.65 -14.21
C GLU G 29 -36.34 -20.42 -15.02
N ALA G 30 -34.99 -20.30 -14.99
CA ALA G 30 -34.23 -19.21 -15.68
C ALA G 30 -34.37 -19.23 -17.23
N VAL G 31 -34.28 -20.43 -17.80
CA VAL G 31 -34.31 -20.65 -19.26
C VAL G 31 -35.71 -20.29 -19.89
N GLU G 32 -36.84 -20.47 -19.13
CA GLU G 32 -38.26 -20.01 -19.49
C GLU G 32 -38.27 -18.55 -20.05
N ARG G 33 -37.48 -17.71 -19.39
CA ARG G 33 -37.40 -16.25 -19.65
C ARG G 33 -36.30 -15.82 -20.66
N GLU G 34 -35.08 -16.38 -20.52
CA GLU G 34 -33.88 -16.00 -21.33
C GLU G 34 -34.06 -16.30 -22.86
N GLN G 35 -34.81 -17.36 -23.16
CA GLN G 35 -35.02 -17.88 -24.52
C GLN G 35 -36.25 -17.22 -25.19
N PRO G 36 -36.02 -16.32 -26.19
CA PRO G 36 -37.15 -15.67 -26.90
C PRO G 36 -37.95 -16.62 -27.84
N GLU G 37 -38.95 -16.09 -28.57
CA GLU G 37 -39.95 -16.90 -29.31
C GLU G 37 -39.48 -17.76 -30.49
N HIS G 38 -38.52 -17.26 -31.30
CA HIS G 38 -38.12 -17.95 -32.59
C HIS G 38 -37.52 -19.35 -32.39
N LEU G 39 -37.31 -19.69 -31.11
CA LEU G 39 -36.70 -20.92 -30.68
C LEU G 39 -37.43 -21.66 -29.53
N ARG G 40 -38.57 -21.15 -29.06
CA ARG G 40 -39.39 -21.77 -28.00
C ARG G 40 -39.78 -23.19 -28.37
N SER G 41 -40.18 -23.36 -29.62
CA SER G 41 -40.60 -24.66 -30.17
C SER G 41 -39.49 -25.70 -30.05
N TRP G 42 -38.29 -25.34 -30.53
CA TRP G 42 -37.12 -26.25 -30.52
C TRP G 42 -36.61 -26.43 -29.07
N PHE G 43 -36.57 -25.33 -28.31
CA PHE G 43 -36.22 -25.35 -26.87
C PHE G 43 -37.11 -26.28 -26.01
N ARG G 44 -38.43 -26.28 -26.22
CA ARG G 44 -39.37 -27.00 -25.32
C ARG G 44 -39.17 -28.53 -25.48
N GLU G 45 -39.04 -28.98 -26.72
CA GLU G 45 -38.68 -30.39 -27.00
C GLU G 45 -37.25 -30.73 -26.51
N ARG G 46 -36.30 -29.83 -26.76
CA ARG G 46 -34.90 -29.92 -26.27
C ARG G 46 -34.80 -30.23 -24.75
N LEU G 47 -35.57 -29.51 -23.90
CA LEU G 47 -35.72 -29.80 -22.43
C LEU G 47 -35.88 -31.31 -22.14
N ILE G 48 -36.83 -31.93 -22.83
CA ILE G 48 -37.27 -33.30 -22.52
C ILE G 48 -36.26 -34.38 -23.07
N ALA G 49 -35.78 -34.21 -24.31
CA ALA G 49 -34.72 -35.09 -24.92
C ALA G 49 -33.38 -34.99 -24.17
N HIS G 50 -33.08 -33.79 -23.66
CA HIS G 50 -31.95 -33.55 -22.74
C HIS G 50 -32.10 -34.20 -21.35
N ARG G 51 -33.17 -33.88 -20.62
CA ARG G 51 -33.25 -34.14 -19.16
C ARG G 51 -33.14 -35.61 -18.73
N LEU G 52 -33.74 -36.48 -19.54
CA LEU G 52 -33.67 -37.93 -19.32
C LEU G 52 -32.31 -38.50 -19.70
N ALA G 53 -31.67 -37.95 -20.73
CA ALA G 53 -30.36 -38.47 -21.19
C ALA G 53 -29.12 -37.99 -20.36
N SER G 54 -29.14 -36.80 -19.72
CA SER G 54 -28.05 -36.37 -18.80
C SER G 54 -27.97 -37.22 -17.52
N VAL G 55 -29.07 -37.90 -17.17
CA VAL G 55 -29.07 -38.92 -16.06
C VAL G 55 -28.09 -40.08 -16.39
N ASN G 56 -28.27 -40.67 -17.59
CA ASN G 56 -27.52 -41.89 -18.04
C ASN G 56 -26.19 -41.56 -18.76
#